data_4AH0
# 
_entry.id   4AH0 
# 
_audit_conform.dict_name       mmcif_pdbx.dic 
_audit_conform.dict_version    5.383 
_audit_conform.dict_location   http://mmcif.pdb.org/dictionaries/ascii/mmcif_pdbx.dic 
# 
loop_
_database_2.database_id 
_database_2.database_code 
_database_2.pdbx_database_accession 
_database_2.pdbx_DOI 
PDB   4AH0         pdb_00004ah0 10.2210/pdb4ah0/pdb 
PDBE  EBI-48672    ?            ?                   
WWPDB D_1290048672 ?            ?                   
# 
loop_
_pdbx_database_related.db_name 
_pdbx_database_related.db_id 
_pdbx_database_related.content_type 
_pdbx_database_related.details 
PDB 4AH1 unspecified 'CRYSTAL STRUCTURE OF THE DB 921-D(CGCAAATTTGCG)2 COMPLEX AT 1.42 A RESOLUTION'  
PDB 4AGZ unspecified 'CRYSTAL STRUCTURE OF THE DB 985-D(CGCGAATTCGCG)2 COMPLEX AT 1.25 A RESOLUTION.' 
# 
_pdbx_database_status.status_code                     REL 
_pdbx_database_status.entry_id                        4AH0 
_pdbx_database_status.deposit_site                    PDBE 
_pdbx_database_status.process_site                    PDBE 
_pdbx_database_status.SG_entry                        . 
_pdbx_database_status.recvd_initial_deposition_date   2012-02-02 
_pdbx_database_status.pdb_format_compatible           Y 
_pdbx_database_status.status_code_sf                  REL 
_pdbx_database_status.status_code_mr                  ? 
_pdbx_database_status.status_code_cs                  ? 
_pdbx_database_status.methods_development_category    ? 
_pdbx_database_status.status_code_nmr_data            ? 
# 
loop_
_audit_author.name 
_audit_author.pdbx_ordinal 
'Munnur, D.G.'     1 
'Mitchell, E.P.'   2 
'Forsyth, V.T.'    3 
'Teixeira, S.C.M.' 4 
'Neidle, S.'       5 
# 
_citation.id                        primary 
_citation.title                     
'A Detailed Study of Water Network in the Minor Groove of D(Cgcgaattcgcg)2 and D(Cgcaaatttgcg)2 in Presence of Linear Groove Binders' 
_citation.journal_abbrev            'To be Published' 
_citation.journal_volume            ? 
_citation.page_first                ? 
_citation.page_last                 ? 
_citation.year                      ? 
_citation.journal_id_ASTM           ? 
_citation.country                   ? 
_citation.journal_id_ISSN           ? 
_citation.journal_id_CSD            0353 
_citation.book_publisher            ? 
_citation.pdbx_database_id_PubMed   ? 
_citation.pdbx_database_id_DOI      ? 
# 
loop_
_citation_author.citation_id 
_citation_author.name 
_citation_author.ordinal 
_citation_author.identifier_ORCID 
primary 'Munnur, D.G.'     1 ? 
primary 'Mitchell, E.P.'   2 ? 
primary 'Forsyth, V.T.'    3 ? 
primary 'Teixeira, S.C.M.' 4 ? 
primary 'Neidle, S.'       5 ? 
# 
_cell.entry_id           4AH0 
_cell.length_a           24.285 
_cell.length_b           40.287 
_cell.length_c           64.678 
_cell.angle_alpha        90.00 
_cell.angle_beta         90.00 
_cell.angle_gamma        90.00 
_cell.Z_PDB              8 
_cell.pdbx_unique_axis   ? 
# 
_symmetry.entry_id                         4AH0 
_symmetry.space_group_name_H-M             'P 21 21 21' 
_symmetry.pdbx_full_space_group_name_H-M   ? 
_symmetry.cell_setting                     ? 
_symmetry.Int_Tables_number                19 
# 
loop_
_entity.id 
_entity.type 
_entity.src_method 
_entity.pdbx_description 
_entity.formula_weight 
_entity.pdbx_number_of_molecules 
_entity.pdbx_ec 
_entity.pdbx_mutation 
_entity.pdbx_fragment 
_entity.details 
1 polymer     syn "5'-D(*CP*GP*CP*AP*AP*AP*TP*TP*TP*GP*CP*GP)-3'"                                   3662.404 2   ? ? ? ? 
2 non-polymer syn 'MAGNESIUM ION'                                                                   24.305   3   ? ? ? ? 
3 non-polymer syn "2-(4'-CARBAMIMIDOYL-2'-HYDROXYBIPHENYL-4-YL)-1H-BENZIMIDAZOLE-5-CARBOXIMIDAMIDE" 370.407  1   ? ? ? ? 
4 water       nat water                                                                             18.015   180 ? ? ? ? 
# 
_entity_poly.entity_id                      1 
_entity_poly.type                           polydeoxyribonucleotide 
_entity_poly.nstd_linkage                   no 
_entity_poly.nstd_monomer                   no 
_entity_poly.pdbx_seq_one_letter_code       '(DC)(DG)(DC)(DA)(DA)(DA)(DT)(DT)(DT)(DG)(DC)(DG)' 
_entity_poly.pdbx_seq_one_letter_code_can   CGCAAATTTGCG 
_entity_poly.pdbx_strand_id                 A,B 
_entity_poly.pdbx_target_identifier         ? 
# 
loop_
_entity_poly_seq.entity_id 
_entity_poly_seq.num 
_entity_poly_seq.mon_id 
_entity_poly_seq.hetero 
1 1  DC n 
1 2  DG n 
1 3  DC n 
1 4  DA n 
1 5  DA n 
1 6  DA n 
1 7  DT n 
1 8  DT n 
1 9  DT n 
1 10 DG n 
1 11 DC n 
1 12 DG n 
# 
_pdbx_entity_src_syn.entity_id              1 
_pdbx_entity_src_syn.pdbx_src_id            1 
_pdbx_entity_src_syn.pdbx_alt_source_flag   sample 
_pdbx_entity_src_syn.pdbx_beg_seq_num       ? 
_pdbx_entity_src_syn.pdbx_end_seq_num       ? 
_pdbx_entity_src_syn.organism_scientific    'SYNTHETIC CONSTRUCT' 
_pdbx_entity_src_syn.organism_common_name   ? 
_pdbx_entity_src_syn.ncbi_taxonomy_id       32630 
_pdbx_entity_src_syn.details                ? 
# 
_struct_ref.id                         1 
_struct_ref.db_name                    PDB 
_struct_ref.db_code                    4AH0 
_struct_ref.entity_id                  1 
_struct_ref.pdbx_seq_one_letter_code   ? 
_struct_ref.pdbx_align_begin           ? 
_struct_ref.pdbx_db_accession          4AH0 
_struct_ref.pdbx_db_isoform            ? 
# 
loop_
_struct_ref_seq.align_id 
_struct_ref_seq.ref_id 
_struct_ref_seq.pdbx_PDB_id_code 
_struct_ref_seq.pdbx_strand_id 
_struct_ref_seq.seq_align_beg 
_struct_ref_seq.pdbx_seq_align_beg_ins_code 
_struct_ref_seq.seq_align_end 
_struct_ref_seq.pdbx_seq_align_end_ins_code 
_struct_ref_seq.pdbx_db_accession 
_struct_ref_seq.db_align_beg 
_struct_ref_seq.pdbx_db_align_beg_ins_code 
_struct_ref_seq.db_align_end 
_struct_ref_seq.pdbx_db_align_end_ins_code 
_struct_ref_seq.pdbx_auth_seq_align_beg 
_struct_ref_seq.pdbx_auth_seq_align_end 
1 1 4AH0 A 1 ? 12 ? 4AH0 1  ? 12 ? 1  12 
2 1 4AH0 B 1 ? 12 ? 4AH0 13 ? 24 ? 13 24 
# 
loop_
_chem_comp.id 
_chem_comp.type 
_chem_comp.mon_nstd_flag 
_chem_comp.name 
_chem_comp.pdbx_synonyms 
_chem_comp.formula 
_chem_comp.formula_weight 
D98 non-polymer   . "2-(4'-CARBAMIMIDOYL-2'-HYDROXYBIPHENYL-4-YL)-1H-BENZIMIDAZOLE-5-CARBOXIMIDAMIDE" ? 'C21 H18 N6 O'    370.407 
DA  'DNA linking' y "2'-DEOXYADENOSINE-5'-MONOPHOSPHATE"                                              ? 'C10 H14 N5 O6 P' 331.222 
DC  'DNA linking' y "2'-DEOXYCYTIDINE-5'-MONOPHOSPHATE"                                               ? 'C9 H14 N3 O7 P'  307.197 
DG  'DNA linking' y "2'-DEOXYGUANOSINE-5'-MONOPHOSPHATE"                                              ? 'C10 H14 N5 O7 P' 347.221 
DT  'DNA linking' y "THYMIDINE-5'-MONOPHOSPHATE"                                                      ? 'C10 H15 N2 O8 P' 322.208 
HOH non-polymer   . WATER                                                                             ? 'H2 O'            18.015  
MG  non-polymer   . 'MAGNESIUM ION'                                                                   ? 'Mg 2'            24.305  
# 
_exptl.entry_id          4AH0 
_exptl.method            'X-RAY DIFFRACTION' 
_exptl.crystals_number   1 
# 
_exptl_crystal.id                    1 
_exptl_crystal.density_meas          ? 
_exptl_crystal.density_Matthews      2.17 
_exptl_crystal.density_percent_sol   61.72 
_exptl_crystal.description           NONE 
_exptl_crystal.preparation           ? 
# 
_exptl_crystal_grow.crystal_id      1 
_exptl_crystal_grow.method          'VAPOR DIFFUSION, SITTING DROP' 
_exptl_crystal_grow.temp            285 
_exptl_crystal_grow.temp_details    ? 
_exptl_crystal_grow.pH              6.5 
_exptl_crystal_grow.pdbx_pH_range   ? 
_exptl_crystal_grow.pdbx_details    
'MAGNESIUM CHLORIDE, DNA, DB985, MPD, SPERMINE TETRAHYDROCHLORIDE, VAPOUR DIFFUSION, SITTING DROP, TEMPERATURE 285 K, PH 6.50' 
# 
_diffrn.id                               1 
_diffrn.ambient_temp                     100 
_diffrn.ambient_temp_details             ? 
_diffrn.crystal_id                       1 
_diffrn.pdbx_serial_crystal_experiment   ? 
# 
_diffrn_detector.diffrn_id              1 
_diffrn_detector.detector               CCD 
_diffrn_detector.type                   'MARMOSAIC 225 mm CCD' 
_diffrn_detector.pdbx_collection_date   2009-10-22 
_diffrn_detector.details                'TOROIDAL MIRROR' 
# 
_diffrn_radiation.diffrn_id                        1 
_diffrn_radiation.wavelength_id                    1 
_diffrn_radiation.pdbx_monochromatic_or_laue_m_l   M 
_diffrn_radiation.monochromator                    'SI (111)' 
_diffrn_radiation.pdbx_diffrn_protocol             'SINGLE WAVELENGTH' 
_diffrn_radiation.pdbx_scattering_type             x-ray 
# 
_diffrn_radiation_wavelength.id           1 
_diffrn_radiation_wavelength.wavelength   0.873 
_diffrn_radiation_wavelength.wt           1.0 
# 
_diffrn_source.diffrn_id                   1 
_diffrn_source.source                      SYNCHROTRON 
_diffrn_source.type                        'ESRF BEAMLINE ID23-2' 
_diffrn_source.pdbx_synchrotron_site       ESRF 
_diffrn_source.pdbx_synchrotron_beamline   ID23-2 
_diffrn_source.pdbx_wavelength             0.873 
_diffrn_source.pdbx_wavelength_list        ? 
# 
_reflns.pdbx_diffrn_id               1 
_reflns.pdbx_ordinal                 1 
_reflns.entry_id                     4AH0 
_reflns.observed_criterion_sigma_I   0.0 
_reflns.observed_criterion_sigma_F   ? 
_reflns.d_resolution_low             40.29 
_reflns.d_resolution_high            1.20 
_reflns.number_obs                   20606 
_reflns.number_all                   ? 
_reflns.percent_possible_obs         100.0 
_reflns.pdbx_Rmerge_I_obs            0.07 
_reflns.pdbx_Rsym_value              ? 
_reflns.pdbx_netI_over_sigmaI        16.70 
_reflns.B_iso_Wilson_estimate        ? 
_reflns.pdbx_redundancy              9.7 
# 
_reflns_shell.pdbx_diffrn_id         1 
_reflns_shell.pdbx_ordinal           1 
_reflns_shell.d_res_high             1.20 
_reflns_shell.d_res_low              1.26 
_reflns_shell.percent_possible_all   100.0 
_reflns_shell.Rmerge_I_obs           0.42 
_reflns_shell.pdbx_Rsym_value        ? 
_reflns_shell.meanI_over_sigI_obs    3.70 
_reflns_shell.pdbx_redundancy        6.9 
# 
_refine.pdbx_refine_id                           'X-RAY DIFFRACTION' 
_refine.entry_id                                 4AH0 
_refine.pdbx_diffrn_id                           1 
_refine.pdbx_TLS_residual_ADP_flag               ? 
_refine.ls_number_reflns_obs                     19484 
_refine.ls_number_reflns_all                     ? 
_refine.pdbx_ls_sigma_I                          ? 
_refine.pdbx_ls_sigma_F                          . 
_refine.pdbx_data_cutoff_high_absF               ? 
_refine.pdbx_data_cutoff_low_absF                ? 
_refine.pdbx_data_cutoff_high_rms_absF           ? 
_refine.ls_d_res_low                             14.40 
_refine.ls_d_res_high                            1.20 
_refine.ls_percent_reflns_obs                    99.99 
_refine.ls_R_factor_obs                          0.15536 
_refine.ls_R_factor_all                          ? 
_refine.ls_R_factor_R_work                       0.15286 
_refine.ls_R_factor_R_free                       0.20308 
_refine.ls_R_factor_R_free_error                 ? 
_refine.ls_R_factor_R_free_error_details         ? 
_refine.ls_percent_reflns_R_free                 5.1 
_refine.ls_number_reflns_R_free                  1053 
_refine.ls_number_parameters                     ? 
_refine.ls_number_restraints                     ? 
_refine.occupancy_min                            ? 
_refine.occupancy_max                            ? 
_refine.correlation_coeff_Fo_to_Fc               0.979 
_refine.correlation_coeff_Fo_to_Fc_free          0.963 
_refine.B_iso_mean                               14.068 
_refine.aniso_B[1][1]                            0.28 
_refine.aniso_B[2][2]                            -0.28 
_refine.aniso_B[3][3]                            0.00 
_refine.aniso_B[1][2]                            0.00 
_refine.aniso_B[1][3]                            0.00 
_refine.aniso_B[2][3]                            0.00 
_refine.solvent_model_details                    'BABINET MODEL WITH MASK' 
_refine.solvent_model_param_ksol                 ? 
_refine.solvent_model_param_bsol                 ? 
_refine.pdbx_solvent_vdw_probe_radii             1.40 
_refine.pdbx_solvent_ion_probe_radii             0.80 
_refine.pdbx_solvent_shrinkage_radii             0.80 
_refine.pdbx_ls_cross_valid_method               THROUGHOUT 
_refine.details                                  
'HYDROGENS HAVE BEEN ADDED IN THE RIDING POSITIONS. U VALUES - REFINED INDIVIDUALLY' 
_refine.pdbx_starting_model                      'PDB ENTRY 1S2R' 
_refine.pdbx_method_to_determine_struct          'MOLECULAR REPLACEMENT' 
_refine.pdbx_isotropic_thermal_model             ? 
_refine.pdbx_stereochemistry_target_values       'MAXIMUM LIKELIHOOD' 
_refine.pdbx_stereochem_target_val_spec_case     ? 
_refine.pdbx_R_Free_selection_details            RANDOM 
_refine.pdbx_overall_ESU_R                       0.042 
_refine.pdbx_overall_ESU_R_Free                  0.047 
_refine.overall_SU_ML                            0.032 
_refine.pdbx_overall_phase_error                 ? 
_refine.overall_SU_B                             1.282 
_refine.overall_SU_R_Cruickshank_DPI             ? 
_refine.pdbx_overall_SU_R_free_Cruickshank_DPI   ? 
_refine.pdbx_overall_SU_R_Blow_DPI               ? 
_refine.pdbx_overall_SU_R_free_Blow_DPI          ? 
# 
_refine_hist.pdbx_refine_id                   'X-RAY DIFFRACTION' 
_refine_hist.cycle_id                         LAST 
_refine_hist.pdbx_number_atoms_protein        0 
_refine_hist.pdbx_number_atoms_nucleic_acid   486 
_refine_hist.pdbx_number_atoms_ligand         31 
_refine_hist.number_atoms_solvent             180 
_refine_hist.number_atoms_total               697 
_refine_hist.d_res_high                       1.20 
_refine_hist.d_res_low                        14.40 
# 
loop_
_refine_ls_restr.type 
_refine_ls_restr.dev_ideal 
_refine_ls_restr.dev_ideal_target 
_refine_ls_restr.weight 
_refine_ls_restr.number 
_refine_ls_restr.pdbx_refine_id 
_refine_ls_restr.pdbx_restraint_function 
r_bond_refined_d             0.025 0.021 ? 575 'X-RAY DIFFRACTION' ? 
r_bond_other_d               0.002 0.020 ? 238 'X-RAY DIFFRACTION' ? 
r_angle_refined_deg          2.724 2.980 ? 881 'X-RAY DIFFRACTION' ? 
r_angle_other_deg            1.374 3.030 ? 579 'X-RAY DIFFRACTION' ? 
r_dihedral_angle_1_deg       ?     ?     ? ?   'X-RAY DIFFRACTION' ? 
r_dihedral_angle_2_deg       ?     ?     ? ?   'X-RAY DIFFRACTION' ? 
r_dihedral_angle_3_deg       ?     ?     ? ?   'X-RAY DIFFRACTION' ? 
r_dihedral_angle_4_deg       ?     ?     ? ?   'X-RAY DIFFRACTION' ? 
r_chiral_restr               0.147 0.200 ? 94  'X-RAY DIFFRACTION' ? 
r_gen_planes_refined         0.038 0.020 ? 288 'X-RAY DIFFRACTION' ? 
r_gen_planes_other           0.001 0.021 ? 57  'X-RAY DIFFRACTION' ? 
r_nbd_refined                ?     ?     ? ?   'X-RAY DIFFRACTION' ? 
r_nbd_other                  ?     ?     ? ?   'X-RAY DIFFRACTION' ? 
r_nbtor_refined              ?     ?     ? ?   'X-RAY DIFFRACTION' ? 
r_nbtor_other                ?     ?     ? ?   'X-RAY DIFFRACTION' ? 
r_xyhbond_nbd_refined        ?     ?     ? ?   'X-RAY DIFFRACTION' ? 
r_xyhbond_nbd_other          ?     ?     ? ?   'X-RAY DIFFRACTION' ? 
r_metal_ion_refined          ?     ?     ? ?   'X-RAY DIFFRACTION' ? 
r_metal_ion_other            ?     ?     ? ?   'X-RAY DIFFRACTION' ? 
r_symmetry_vdw_refined       ?     ?     ? ?   'X-RAY DIFFRACTION' ? 
r_symmetry_vdw_other         ?     ?     ? ?   'X-RAY DIFFRACTION' ? 
r_symmetry_hbond_refined     ?     ?     ? ?   'X-RAY DIFFRACTION' ? 
r_symmetry_hbond_other       ?     ?     ? ?   'X-RAY DIFFRACTION' ? 
r_symmetry_metal_ion_refined ?     ?     ? ?   'X-RAY DIFFRACTION' ? 
r_symmetry_metal_ion_other   ?     ?     ? ?   'X-RAY DIFFRACTION' ? 
r_mcbond_it                  ?     ?     ? ?   'X-RAY DIFFRACTION' ? 
r_mcbond_other               ?     ?     ? ?   'X-RAY DIFFRACTION' ? 
r_mcangle_it                 ?     ?     ? ?   'X-RAY DIFFRACTION' ? 
r_mcangle_other              ?     ?     ? ?   'X-RAY DIFFRACTION' ? 
r_scbond_it                  3.760 3.000 ? 575 'X-RAY DIFFRACTION' ? 
r_scbond_other               ?     ?     ? ?   'X-RAY DIFFRACTION' ? 
r_scangle_it                 4.922 4.500 ? 881 'X-RAY DIFFRACTION' ? 
r_scangle_other              ?     ?     ? ?   'X-RAY DIFFRACTION' ? 
r_long_range_B_refined       ?     ?     ? ?   'X-RAY DIFFRACTION' ? 
r_long_range_B_other         ?     ?     ? ?   'X-RAY DIFFRACTION' ? 
r_rigid_bond_restr           3.062 3.000 ? 544 'X-RAY DIFFRACTION' ? 
r_sphericity_free            ?     ?     ? ?   'X-RAY DIFFRACTION' ? 
r_sphericity_bonded          8.529 3.000 ? 486 'X-RAY DIFFRACTION' ? 
# 
_refine_ls_shell.pdbx_refine_id                   'X-RAY DIFFRACTION' 
_refine_ls_shell.pdbx_total_number_of_bins_used   20 
_refine_ls_shell.d_res_high                       1.200 
_refine_ls_shell.d_res_low                        1.231 
_refine_ls_shell.number_reflns_R_work             1413 
_refine_ls_shell.R_factor_R_work                  0.208 
_refine_ls_shell.percent_reflns_obs               100.00 
_refine_ls_shell.R_factor_R_free                  0.258 
_refine_ls_shell.R_factor_R_free_error            ? 
_refine_ls_shell.percent_reflns_R_free            ? 
_refine_ls_shell.number_reflns_R_free             76 
_refine_ls_shell.number_reflns_all                ? 
_refine_ls_shell.R_factor_all                     ? 
# 
_struct.entry_id                  4AH0 
_struct.title                     'CRYSTAL STRUCTURE OF THE DB 985-D(CGCAAATTTGCG)2 COMPLEX AT 1.20 A RESOLUTION' 
_struct.pdbx_model_details        ? 
_struct.pdbx_CASP_flag            ? 
_struct.pdbx_model_type_details   ? 
# 
_struct_keywords.entry_id        4AH0 
_struct_keywords.pdbx_keywords   DNA 
_struct_keywords.text            'DNA, MINOR GROOVE, DODECAMER, A3T3, DNA-DRUG COMPLEX, DNA HYDRATION, HYDRATED MAGNESIUM' 
# 
loop_
_struct_asym.id 
_struct_asym.pdbx_blank_PDB_chainid_flag 
_struct_asym.pdbx_modified 
_struct_asym.entity_id 
_struct_asym.details 
A N N 1 ? 
B N N 1 ? 
C N N 2 ? 
D N N 2 ? 
E N N 2 ? 
F N N 3 ? 
G N N 4 ? 
H N N 4 ? 
# 
loop_
_struct_conn.id 
_struct_conn.conn_type_id 
_struct_conn.pdbx_leaving_atom_flag 
_struct_conn.pdbx_PDB_id 
_struct_conn.ptnr1_label_asym_id 
_struct_conn.ptnr1_label_comp_id 
_struct_conn.ptnr1_label_seq_id 
_struct_conn.ptnr1_label_atom_id 
_struct_conn.pdbx_ptnr1_label_alt_id 
_struct_conn.pdbx_ptnr1_PDB_ins_code 
_struct_conn.pdbx_ptnr1_standard_comp_id 
_struct_conn.ptnr1_symmetry 
_struct_conn.ptnr2_label_asym_id 
_struct_conn.ptnr2_label_comp_id 
_struct_conn.ptnr2_label_seq_id 
_struct_conn.ptnr2_label_atom_id 
_struct_conn.pdbx_ptnr2_label_alt_id 
_struct_conn.pdbx_ptnr2_PDB_ins_code 
_struct_conn.ptnr1_auth_asym_id 
_struct_conn.ptnr1_auth_comp_id 
_struct_conn.ptnr1_auth_seq_id 
_struct_conn.ptnr2_auth_asym_id 
_struct_conn.ptnr2_auth_comp_id 
_struct_conn.ptnr2_auth_seq_id 
_struct_conn.ptnr2_symmetry 
_struct_conn.pdbx_ptnr3_label_atom_id 
_struct_conn.pdbx_ptnr3_label_seq_id 
_struct_conn.pdbx_ptnr3_label_comp_id 
_struct_conn.pdbx_ptnr3_label_asym_id 
_struct_conn.pdbx_ptnr3_label_alt_id 
_struct_conn.pdbx_ptnr3_PDB_ins_code 
_struct_conn.details 
_struct_conn.pdbx_dist_value 
_struct_conn.pdbx_value_order 
_struct_conn.pdbx_role 
metalc1  metalc ? ? G HOH .  O   ? ? ? 1_555 C MG .  MG ? ? A HOH 2004 A MG 3001 1_555 ? ? ? ? ? ? ?            2.112 ? ? 
metalc2  metalc ? ? G HOH .  O   ? ? ? 1_555 C MG .  MG ? ? A HOH 2028 A MG 3001 1_555 ? ? ? ? ? ? ?            2.062 ? ? 
metalc3  metalc ? ? G HOH .  O   ? ? ? 1_555 C MG .  MG ? ? A HOH 2045 A MG 3001 1_555 ? ? ? ? ? ? ?            2.049 ? ? 
metalc4  metalc ? ? G HOH .  O   ? ? ? 3_555 C MG .  MG ? ? A HOH 2063 A MG 3001 1_555 ? ? ? ? ? ? ?            2.074 ? ? 
metalc5  metalc ? ? G HOH .  O   ? ? ? 3_555 C MG .  MG ? ? A HOH 2064 A MG 3001 1_555 ? ? ? ? ? ? ?            2.089 ? ? 
metalc6  metalc ? ? G HOH .  O   ? ? ? 3_555 C MG .  MG ? ? A HOH 2073 A MG 3001 1_555 ? ? ? ? ? ? ?            2.056 ? ? 
metalc7  metalc ? ? G HOH .  O   ? ? ? 1_555 E MG .  MG ? ? A HOH 2098 B MG 3003 1_555 ? ? ? ? ? ? ?            2.134 ? ? 
metalc8  metalc ? ? B DG  10 OP1 ? ? ? 2_454 E MG .  MG ? ? B DG  22   B MG 3003 1_555 ? ? ? ? ? ? ?            1.891 ? ? 
metalc9  metalc ? ? H HOH .  O   ? ? ? 1_555 E MG .  MG ? ? B HOH 2017 B MG 3003 1_555 ? ? ? ? ? ? ?            2.146 ? ? 
metalc10 metalc ? ? H HOH .  O   ? ? ? 2_454 E MG .  MG ? ? B HOH 2055 B MG 3003 1_555 ? ? ? ? ? ? ?            2.301 ? ? 
metalc11 metalc ? ? H HOH .  O   ? ? ? 2_454 E MG .  MG ? ? B HOH 2061 B MG 3003 1_555 ? ? ? ? ? ? ?            2.047 ? ? 
metalc12 metalc ? ? H HOH .  O   ? ? ? 1_555 D MG .  MG ? ? B HOH 2067 B MG 3002 1_555 ? ? ? ? ? ? ?            2.204 ? ? 
metalc13 metalc ? ? H HOH .  O   ? ? ? 1_555 D MG .  MG ? ? B HOH 2077 B MG 3002 1_555 ? ? ? ? ? ? ?            1.940 ? ? 
metalc14 metalc ? ? H HOH .  O   ? ? ? 1_555 D MG .  MG ? ? B HOH 2078 B MG 3002 1_555 ? ? ? ? ? ? ?            2.409 ? ? 
metalc15 metalc ? ? H HOH .  O   ? ? ? 1_555 D MG .  MG ? ? B HOH 2079 B MG 3002 1_555 ? ? ? ? ? ? ?            2.005 ? ? 
metalc16 metalc ? ? H HOH .  O   ? ? ? 1_555 D MG .  MG ? ? B HOH 2080 B MG 3002 1_555 ? ? ? ? ? ? ?            2.141 ? ? 
metalc17 metalc ? ? H HOH .  O   ? ? ? 1_555 D MG .  MG ? ? B HOH 2081 B MG 3002 1_555 ? ? ? ? ? ? ?            2.001 ? ? 
metalc18 metalc ? ? H HOH .  O   ? ? ? 1_555 E MG .  MG ? ? B HOH 2082 B MG 3003 1_555 ? ? ? ? ? ? ?            2.245 ? ? 
metalc19 metalc ? ? H HOH .  O   ? ? ? 1_555 E MG .  MG ? ? B HOH 2083 B MG 3003 1_555 ? ? ? ? ? ? ?            2.592 ? ? 
hydrog1  hydrog ? ? A DC  1  N3  ? ? ? 1_555 B DG 12 N1 ? ? A DC  1    B DG 24   1_555 ? ? ? ? ? ? WATSON-CRICK ?     ? ? 
hydrog2  hydrog ? ? A DC  1  N4  ? ? ? 1_555 B DG 12 O6 ? ? A DC  1    B DG 24   1_555 ? ? ? ? ? ? WATSON-CRICK ?     ? ? 
hydrog3  hydrog ? ? A DC  1  O2  ? ? ? 1_555 B DG 12 N2 ? ? A DC  1    B DG 24   1_555 ? ? ? ? ? ? WATSON-CRICK ?     ? ? 
hydrog4  hydrog ? ? A DG  2  N1  ? ? ? 1_555 B DC 11 N3 ? ? A DG  2    B DC 23   1_555 ? ? ? ? ? ? WATSON-CRICK ?     ? ? 
hydrog5  hydrog ? ? A DG  2  N2  ? ? ? 1_555 B DC 11 O2 ? ? A DG  2    B DC 23   1_555 ? ? ? ? ? ? WATSON-CRICK ?     ? ? 
hydrog6  hydrog ? ? A DG  2  O6  ? ? ? 1_555 B DC 11 N4 ? ? A DG  2    B DC 23   1_555 ? ? ? ? ? ? WATSON-CRICK ?     ? ? 
hydrog7  hydrog ? ? A DC  3  N3  ? ? ? 1_555 B DG 10 N1 ? ? A DC  3    B DG 22   1_555 ? ? ? ? ? ? WATSON-CRICK ?     ? ? 
hydrog8  hydrog ? ? A DC  3  N4  ? ? ? 1_555 B DG 10 O6 ? ? A DC  3    B DG 22   1_555 ? ? ? ? ? ? WATSON-CRICK ?     ? ? 
hydrog9  hydrog ? ? A DC  3  O2  ? ? ? 1_555 B DG 10 N2 ? ? A DC  3    B DG 22   1_555 ? ? ? ? ? ? WATSON-CRICK ?     ? ? 
hydrog10 hydrog ? ? A DA  4  N1  ? ? ? 1_555 B DT 9  N3 ? ? A DA  4    B DT 21   1_555 ? ? ? ? ? ? WATSON-CRICK ?     ? ? 
hydrog11 hydrog ? ? A DA  4  N6  ? ? ? 1_555 B DT 9  O4 ? ? A DA  4    B DT 21   1_555 ? ? ? ? ? ? WATSON-CRICK ?     ? ? 
hydrog12 hydrog ? ? A DA  5  N1  ? ? ? 1_555 B DT 8  N3 ? ? A DA  5    B DT 20   1_555 ? ? ? ? ? ? WATSON-CRICK ?     ? ? 
hydrog13 hydrog ? ? A DA  5  N6  ? ? ? 1_555 B DT 8  O4 ? ? A DA  5    B DT 20   1_555 ? ? ? ? ? ? WATSON-CRICK ?     ? ? 
hydrog14 hydrog ? ? A DA  6  N1  ? ? ? 1_555 B DT 7  N3 ? ? A DA  6    B DT 19   1_555 ? ? ? ? ? ? WATSON-CRICK ?     ? ? 
hydrog15 hydrog ? ? A DA  6  N6  ? ? ? 1_555 B DT 7  O4 ? ? A DA  6    B DT 19   1_555 ? ? ? ? ? ? WATSON-CRICK ?     ? ? 
hydrog16 hydrog ? ? A DT  7  N3  ? ? ? 1_555 B DA 6  N1 ? ? A DT  7    B DA 18   1_555 ? ? ? ? ? ? WATSON-CRICK ?     ? ? 
hydrog17 hydrog ? ? A DT  7  O4  ? ? ? 1_555 B DA 6  N6 ? ? A DT  7    B DA 18   1_555 ? ? ? ? ? ? WATSON-CRICK ?     ? ? 
hydrog18 hydrog ? ? A DT  8  N3  ? ? ? 1_555 B DA 5  N1 ? ? A DT  8    B DA 17   1_555 ? ? ? ? ? ? WATSON-CRICK ?     ? ? 
hydrog19 hydrog ? ? A DT  8  O4  ? ? ? 1_555 B DA 5  N6 ? ? A DT  8    B DA 17   1_555 ? ? ? ? ? ? WATSON-CRICK ?     ? ? 
hydrog20 hydrog ? ? A DT  9  N3  ? ? ? 1_555 B DA 4  N1 ? ? A DT  9    B DA 16   1_555 ? ? ? ? ? ? WATSON-CRICK ?     ? ? 
hydrog21 hydrog ? ? A DT  9  O4  ? ? ? 1_555 B DA 4  N6 ? ? A DT  9    B DA 16   1_555 ? ? ? ? ? ? WATSON-CRICK ?     ? ? 
hydrog22 hydrog ? ? A DG  10 N1  ? ? ? 1_555 B DC 3  N3 ? ? A DG  10   B DC 15   1_555 ? ? ? ? ? ? WATSON-CRICK ?     ? ? 
hydrog23 hydrog ? ? A DG  10 N2  ? ? ? 1_555 B DC 3  O2 ? ? A DG  10   B DC 15   1_555 ? ? ? ? ? ? WATSON-CRICK ?     ? ? 
hydrog24 hydrog ? ? A DG  10 O6  ? ? ? 1_555 B DC 3  N4 ? ? A DG  10   B DC 15   1_555 ? ? ? ? ? ? WATSON-CRICK ?     ? ? 
hydrog25 hydrog ? ? A DC  11 N3  ? ? ? 1_555 B DG 2  N1 ? ? A DC  11   B DG 14   1_555 ? ? ? ? ? ? WATSON-CRICK ?     ? ? 
hydrog26 hydrog ? ? A DC  11 N4  ? ? ? 1_555 B DG 2  O6 ? ? A DC  11   B DG 14   1_555 ? ? ? ? ? ? WATSON-CRICK ?     ? ? 
hydrog27 hydrog ? ? A DC  11 O2  ? ? ? 1_555 B DG 2  N2 ? ? A DC  11   B DG 14   1_555 ? ? ? ? ? ? WATSON-CRICK ?     ? ? 
hydrog28 hydrog ? ? A DG  12 N1  ? ? ? 1_555 B DC 1  N3 ? ? A DG  12   B DC 13   1_555 ? ? ? ? ? ? WATSON-CRICK ?     ? ? 
hydrog29 hydrog ? ? A DG  12 N2  ? ? ? 1_555 B DC 1  O2 ? ? A DG  12   B DC 13   1_555 ? ? ? ? ? ? WATSON-CRICK ?     ? ? 
hydrog30 hydrog ? ? A DG  12 O6  ? ? ? 1_555 B DC 1  N4 ? ? A DG  12   B DC 13   1_555 ? ? ? ? ? ? WATSON-CRICK ?     ? ? 
# 
loop_
_struct_conn_type.id 
_struct_conn_type.criteria 
_struct_conn_type.reference 
metalc ? ? 
hydrog ? ? 
# 
loop_
_struct_site.id 
_struct_site.pdbx_evidence_code 
_struct_site.pdbx_auth_asym_id 
_struct_site.pdbx_auth_comp_id 
_struct_site.pdbx_auth_seq_id 
_struct_site.pdbx_auth_ins_code 
_struct_site.pdbx_num_residues 
_struct_site.details 
AC1 Software A MG  3001 ? 6  'BINDING SITE FOR RESIDUE MG A 3001'  
AC2 Software B D98 1025 ? 13 'BINDING SITE FOR RESIDUE D98 B 1025' 
AC3 Software B MG  3002 ? 6  'BINDING SITE FOR RESIDUE MG B 3002'  
AC4 Software B MG  3003 ? 7  'BINDING SITE FOR RESIDUE MG B 3003'  
# 
loop_
_struct_site_gen.id 
_struct_site_gen.site_id 
_struct_site_gen.pdbx_num_res 
_struct_site_gen.label_comp_id 
_struct_site_gen.label_asym_id 
_struct_site_gen.label_seq_id 
_struct_site_gen.pdbx_auth_ins_code 
_struct_site_gen.auth_comp_id 
_struct_site_gen.auth_asym_id 
_struct_site_gen.auth_seq_id 
_struct_site_gen.label_atom_id 
_struct_site_gen.label_alt_id 
_struct_site_gen.symmetry 
_struct_site_gen.details 
1  AC1 6  HOH G .  ? HOH A 2004 . ? 1_555 ? 
2  AC1 6  HOH G .  ? HOH A 2028 . ? 1_555 ? 
3  AC1 6  HOH G .  ? HOH A 2045 . ? 1_555 ? 
4  AC1 6  HOH G .  ? HOH A 2063 . ? 3_555 ? 
5  AC1 6  HOH G .  ? HOH A 2064 . ? 3_555 ? 
6  AC1 6  HOH G .  ? HOH A 2073 . ? 3_555 ? 
7  AC2 13 DA  A 6  ? DA  A 6    . ? 1_555 ? 
8  AC2 13 DT  A 7  ? DT  A 7    . ? 1_555 ? 
9  AC2 13 DT  A 8  ? DT  A 8    . ? 1_555 ? 
10 AC2 13 DT  A 9  ? DT  A 9    . ? 1_555 ? 
11 AC2 13 HOH G .  ? HOH A 2062 . ? 1_555 ? 
12 AC2 13 DA  B 6  ? DA  B 18   . ? 1_555 ? 
13 AC2 13 DT  B 7  ? DT  B 19   . ? 1_555 ? 
14 AC2 13 DT  B 8  ? DT  B 20   . ? 1_555 ? 
15 AC2 13 DT  B 9  ? DT  B 21   . ? 1_555 ? 
16 AC2 13 DG  B 10 ? DG  B 22   . ? 1_555 ? 
17 AC2 13 HOH H .  ? HOH B 2055 . ? 1_555 ? 
18 AC2 13 HOH H .  ? HOH B 2075 . ? 1_555 ? 
19 AC2 13 HOH H .  ? HOH B 2076 . ? 1_555 ? 
20 AC3 6  HOH H .  ? HOH B 2067 . ? 1_555 ? 
21 AC3 6  HOH H .  ? HOH B 2077 . ? 1_555 ? 
22 AC3 6  HOH H .  ? HOH B 2078 . ? 1_555 ? 
23 AC3 6  HOH H .  ? HOH B 2079 . ? 1_555 ? 
24 AC3 6  HOH H .  ? HOH B 2080 . ? 1_555 ? 
25 AC3 6  HOH H .  ? HOH B 2081 . ? 1_555 ? 
26 AC4 7  HOH G .  ? HOH A 2098 . ? 1_555 ? 
27 AC4 7  DG  B 10 ? DG  B 22   . ? 2_454 ? 
28 AC4 7  HOH H .  ? HOH B 2017 . ? 1_555 ? 
29 AC4 7  HOH H .  ? HOH B 2055 . ? 2_454 ? 
30 AC4 7  HOH H .  ? HOH B 2061 . ? 2_454 ? 
31 AC4 7  HOH H .  ? HOH B 2082 . ? 1_555 ? 
32 AC4 7  HOH H .  ? HOH B 2083 . ? 1_555 ? 
# 
_atom_sites.entry_id                    4AH0 
_atom_sites.fract_transf_matrix[1][1]   -0.02854632 
_atom_sites.fract_transf_matrix[1][2]   -0.02444356 
_atom_sites.fract_transf_matrix[1][3]   0.01682996 
_atom_sites.fract_transf_matrix[2][1]   0.00691958 
_atom_sites.fract_transf_matrix[2][2]   -0.01846304 
_atom_sites.fract_transf_matrix[2][3]   -0.01507870 
_atom_sites.fract_transf_matrix[3][1]   0.01027550 
_atom_sites.fract_transf_matrix[3][2]   -0.00474947 
_atom_sites.fract_transf_matrix[3][3]   0.01053087 
_atom_sites.fract_transf_vector[1]      0.064485 
_atom_sites.fract_transf_vector[2]      0.020029 
_atom_sites.fract_transf_vector[3]      0.133974 
# 
loop_
_atom_type.symbol 
C  
MG 
N  
O  
P  
# 
loop_
_atom_site.group_PDB 
_atom_site.id 
_atom_site.type_symbol 
_atom_site.label_atom_id 
_atom_site.label_alt_id 
_atom_site.label_comp_id 
_atom_site.label_asym_id 
_atom_site.label_entity_id 
_atom_site.label_seq_id 
_atom_site.pdbx_PDB_ins_code 
_atom_site.Cartn_x 
_atom_site.Cartn_y 
_atom_site.Cartn_z 
_atom_site.occupancy 
_atom_site.B_iso_or_equiv 
_atom_site.pdbx_formal_charge 
_atom_site.auth_seq_id 
_atom_site.auth_comp_id 
_atom_site.auth_asym_id 
_atom_site.auth_atom_id 
_atom_site.pdbx_PDB_model_num 
ATOM   1   O  "O5'" . DC  A 1 1  ? 9.667   -18.735 4.106   1.00 25.84 ? 1    DC  A "O5'" 1 
ATOM   2   C  "C5'" . DC  A 1 1  ? 10.129  -17.515 4.571   1.00 18.93 ? 1    DC  A "C5'" 1 
ATOM   3   C  "C4'" . DC  A 1 1  ? 9.271   -17.072 5.710   1.00 17.50 ? 1    DC  A "C4'" 1 
ATOM   4   O  "O4'" . DC  A 1 1  ? 9.801   -15.963 6.413   1.00 18.26 ? 1    DC  A "O4'" 1 
ATOM   5   C  "C3'" . DC  A 1 1  ? 7.924   -16.635 5.245   1.00 16.76 ? 1    DC  A "C3'" 1 
ATOM   6   O  "O3'" . DC  A 1 1  ? 6.999   -17.210 6.156   1.00 18.79 ? 1    DC  A "O3'" 1 
ATOM   7   C  "C2'" . DC  A 1 1  ? 7.978   -15.127 5.241   1.00 16.89 ? 1    DC  A "C2'" 1 
ATOM   8   C  "C1'" . DC  A 1 1  ? 8.832   -14.897 6.414   1.00 15.31 ? 1    DC  A "C1'" 1 
ATOM   9   N  N1    . DC  A 1 1  ? 9.670   -13.676 6.504   1.00 15.35 ? 1    DC  A N1    1 
ATOM   10  C  C2    . DC  A 1 1  ? 9.704   -12.958 7.720   1.00 16.43 ? 1    DC  A C2    1 
ATOM   11  O  O2    . DC  A 1 1  ? 8.967   -13.380 8.636   1.00 19.61 ? 1    DC  A O2    1 
ATOM   12  N  N3    . DC  A 1 1  ? 10.469  -11.845 7.826   1.00 15.16 ? 1    DC  A N3    1 
ATOM   13  C  C4    . DC  A 1 1  ? 11.222  -11.470 6.786   1.00 14.67 ? 1    DC  A C4    1 
ATOM   14  N  N4    . DC  A 1 1  ? 11.982  -10.383 6.890   1.00 16.43 ? 1    DC  A N4    1 
ATOM   15  C  C5    . DC  A 1 1  ? 11.161  -12.172 5.534   1.00 15.83 ? 1    DC  A C5    1 
ATOM   16  C  C6    . DC  A 1 1  ? 10.402  -13.236 5.450   1.00 14.48 ? 1    DC  A C6    1 
ATOM   17  P  P     . DG  A 1 2  ? 5.402   -17.192 5.891   1.00 21.16 ? 2    DG  A P     1 
ATOM   18  O  OP1   . DG  A 1 2  ? 4.754   -18.372 6.487   1.00 25.25 ? 2    DG  A OP1   1 
ATOM   19  O  OP2   . DG  A 1 2  ? 5.234   -16.824 4.467   1.00 22.79 ? 2    DG  A OP2   1 
ATOM   20  O  "O5'" . DG  A 1 2  ? 4.883   -15.854 6.673   1.00 21.01 ? 2    DG  A "O5'" 1 
ATOM   21  C  "C5'" . DG  A 1 2  ? 4.792   -15.909 8.061   1.00 18.99 ? 2    DG  A "C5'" 1 
ATOM   22  C  "C4'" . DG  A 1 2  ? 4.070   -14.690 8.600   1.00 15.17 ? 2    DG  A "C4'" 1 
ATOM   23  O  "O4'" . DG  A 1 2  ? 4.893   -13.540 8.569   1.00 15.12 ? 2    DG  A "O4'" 1 
ATOM   24  C  "C3'" . DG  A 1 2  ? 2.819   -14.296 7.788   1.00 14.32 ? 2    DG  A "C3'" 1 
ATOM   25  O  "O3'" . DG  A 1 2  ? 1.794   -13.992 8.747   1.00 16.43 ? 2    DG  A "O3'" 1 
ATOM   26  C  "C2'" . DG  A 1 2  ? 3.253   -13.071 6.951   1.00 13.63 ? 2    DG  A "C2'" 1 
ATOM   27  C  "C1'" . DG  A 1 2  ? 4.259   -12.473 7.883   1.00 12.57 ? 2    DG  A "C1'" 1 
ATOM   28  N  N9    . DG  A 1 2  ? 5.339   -11.746 7.188   1.00 11.89 ? 2    DG  A N9    1 
ATOM   29  C  C8    . DG  A 1 2  ? 5.947   -12.024 5.988   1.00 11.51 ? 2    DG  A C8    1 
ATOM   30  N  N7    . DG  A 1 2  ? 6.971   -11.251 5.743   1.00 10.37 ? 2    DG  A N7    1 
ATOM   31  C  C5    . DG  A 1 2  ? 7.060   -10.402 6.860   1.00 9.52  ? 2    DG  A C5    1 
ATOM   32  C  C6    . DG  A 1 2  ? 7.984   -9.391  7.134   1.00 10.49 ? 2    DG  A C6    1 
ATOM   33  O  O6    . DG  A 1 2  ? 8.923   -8.941  6.483   1.00 10.99 ? 2    DG  A O6    1 
ATOM   34  N  N1    . DG  A 1 2  ? 7.732   -8.780  8.402   1.00 10.42 ? 2    DG  A N1    1 
ATOM   35  C  C2    . DG  A 1 2  ? 6.731   -9.167  9.247   1.00 10.54 ? 2    DG  A C2    1 
ATOM   36  N  N2    . DG  A 1 2  ? 6.613   -8.511  10.414  1.00 11.55 ? 2    DG  A N2    1 
ATOM   37  N  N3    . DG  A 1 2  ? 5.870   -10.140 8.980   1.00 11.27 ? 2    DG  A N3    1 
ATOM   38  C  C4    . DG  A 1 2  ? 6.088   -10.734 7.762   1.00 10.62 ? 2    DG  A C4    1 
ATOM   39  P  P     . DC  A 1 3  ? 0.280   -13.727 8.353   1.00 17.11 ? 3    DC  A P     1 
ATOM   40  O  OP1   . DC  A 1 3  ? -0.507  -14.499 9.299   1.00 17.87 ? 3    DC  A OP1   1 
ATOM   41  O  OP2   . DC  A 1 3  ? 0.098   -13.958 6.901   1.00 19.80 ? 3    DC  A OP2   1 
ATOM   42  O  "O5'" . DC  A 1 3  ? 0.109   -12.155 8.584   1.00 15.82 ? 3    DC  A "O5'" 1 
ATOM   43  C  "C5'" . DC  A 1 3  ? 0.203   -11.656 9.934   1.00 14.19 ? 3    DC  A "C5'" 1 
ATOM   44  C  "C4'" . DC  A 1 3  ? 0.636   -10.229 9.944   1.00 14.86 ? 3    DC  A "C4'" 1 
ATOM   45  O  "O4'" . DC  A 1 3  ? 1.924   -10.093 9.279   1.00 15.42 ? 3    DC  A "O4'" 1 
ATOM   46  C  "C3'" . DC  A 1 3  ? -0.241  -9.212  9.189   1.00 15.60 ? 3    DC  A "C3'" 1 
ATOM   47  O  "O3'" . DC  A 1 3  ? -1.243  -8.796  10.152  1.00 17.86 ? 3    DC  A "O3'" 1 
ATOM   48  C  "C2'" . DC  A 1 3  ? 0.728   -8.123  8.800   1.00 16.80 ? 3    DC  A "C2'" 1 
ATOM   49  C  "C1'" . DC  A 1 3  ? 2.075   -8.751  8.961   1.00 15.58 ? 3    DC  A "C1'" 1 
ATOM   50  N  N1    . DC  A 1 3  ? 2.861   -8.725  7.710   1.00 13.01 ? 3    DC  A N1    1 
ATOM   51  C  C2    . DC  A 1 3  ? 3.924   -7.808  7.593   1.00 11.55 ? 3    DC  A C2    1 
ATOM   52  O  O2    . DC  A 1 3  ? 4.125   -7.022  8.501   1.00 12.57 ? 3    DC  A O2    1 
ATOM   53  N  N3    . DC  A 1 3  ? 4.672   -7.823  6.443   1.00 11.93 ? 3    DC  A N3    1 
ATOM   54  C  C4    . DC  A 1 3  ? 4.351   -8.684  5.455   1.00 11.95 ? 3    DC  A C4    1 
ATOM   55  N  N4    . DC  A 1 3  ? 5.139   -8.679  4.362   1.00 12.75 ? 3    DC  A N4    1 
ATOM   56  C  C5    . DC  A 1 3  ? 3.193   -9.525  5.530   1.00 13.83 ? 3    DC  A C5    1 
ATOM   57  C  C6    . DC  A 1 3  ? 2.518   -9.480  6.638   1.00 14.13 ? 3    DC  A C6    1 
ATOM   58  P  P     . DA  A 1 4  ? -2.337  -7.716  9.754   1.00 21.28 ? 4    DA  A P     1 
ATOM   59  O  OP1   . DA  A 1 4  ? -3.411  -7.888  10.704  1.00 24.96 ? 4    DA  A OP1   1 
ATOM   60  O  OP2   . DA  A 1 4  ? -2.627  -7.720  8.303   1.00 24.38 ? 4    DA  A OP2   1 
ATOM   61  O  "O5'" . DA  A 1 4  ? -1.617  -6.290  9.994   1.00 17.41 ? 4    DA  A "O5'" 1 
ATOM   62  C  "C5'" . DA  A 1 4  ? -1.084  -5.948  11.278  1.00 18.27 ? 4    DA  A "C5'" 1 
ATOM   63  C  "C4'" . DA  A 1 4  ? -0.383  -4.630  11.238  1.00 19.50 ? 4    DA  A "C4'" 1 
ATOM   64  O  "O4'" . DA  A 1 4  ? 0.702   -4.727  10.271  1.00 19.41 ? 4    DA  A "O4'" 1 
ATOM   65  C  "C3'" . DA  A 1 4  ? -1.256  -3.435  10.888  1.00 20.42 ? 4    DA  A "C3'" 1 
ATOM   66  O  "O3'" . DA  A 1 4  ? -0.860  -2.361  11.764  1.00 22.86 ? 4    DA  A "O3'" 1 
ATOM   67  C  "C2'" . DA  A 1 4  ? -0.939  -3.248  9.414   1.00 18.74 ? 4    DA  A "C2'" 1 
ATOM   68  C  "C1'" . DA  A 1 4  ? 0.509   -3.691  9.302   1.00 17.84 ? 4    DA  A "C1'" 1 
ATOM   69  N  N9    . DA  A 1 4  ? 0.858   -4.276  8.021   1.00 18.32 ? 4    DA  A N9    1 
ATOM   70  C  C8    . DA  A 1 4  ? 0.187   -5.142  7.269   1.00 18.58 ? 4    DA  A C8    1 
ATOM   71  N  N7    . DA  A 1 4  ? 0.720   -5.607  6.201   1.00 17.96 ? 4    DA  A N7    1 
ATOM   72  C  C5    . DA  A 1 4  ? 1.942   -4.980  6.214   1.00 15.28 ? 4    DA  A C5    1 
ATOM   73  C  C6    . DA  A 1 4  ? 3.061   -5.010  5.325   1.00 16.39 ? 4    DA  A C6    1 
ATOM   74  N  N6    . DA  A 1 4  ? 3.111   -5.706  4.229   1.00 14.95 ? 4    DA  A N6    1 
ATOM   75  N  N1    . DA  A 1 4  ? 4.092   -4.196  5.576   1.00 15.33 ? 4    DA  A N1    1 
ATOM   76  C  C2    . DA  A 1 4  ? 4.076   -3.446  6.672   1.00 17.27 ? 4    DA  A C2    1 
ATOM   77  N  N3    . DA  A 1 4  ? 3.118   -3.353  7.604   1.00 17.48 ? 4    DA  A N3    1 
ATOM   78  C  C4    . DA  A 1 4  ? 2.064   -4.144  7.315   1.00 16.40 ? 4    DA  A C4    1 
ATOM   79  P  P     . DA  A 1 5  ? -1.474  -0.892  11.526  1.00 29.84 ? 5    DA  A P     1 
ATOM   80  O  OP1   . DA  A 1 5  ? -1.467  -0.347  12.902  1.00 33.53 ? 5    DA  A OP1   1 
ATOM   81  O  OP2   . DA  A 1 5  ? -2.696  -1.076  10.766  1.00 33.96 ? 5    DA  A OP2   1 
ATOM   82  O  "O5'" . DA  A 1 5  ? -0.491  0.046   10.768  1.00 20.83 ? 5    DA  A "O5'" 1 
ATOM   83  C  "C5'" . DA  A 1 5  ? 0.767   0.189   11.289  1.00 18.80 ? 5    DA  A "C5'" 1 
ATOM   84  C  "C4'" . DA  A 1 5  ? 1.533   0.909   10.235  1.00 17.23 ? 5    DA  A "C4'" 1 
ATOM   85  O  "O4'" . DA  A 1 5  ? 1.637   0.049   9.080   1.00 17.99 ? 5    DA  A "O4'" 1 
ATOM   86  C  "C3'" . DA  A 1 5  ? 1.058   2.366   9.753   1.00 16.71 ? 5    DA  A "C3'" 1 
ATOM   87  O  "O3'" . DA  A 1 5  ? 2.204   3.227   9.881   1.00 17.99 ? 5    DA  A "O3'" 1 
ATOM   88  C  "C2'" . DA  A 1 5  ? 0.672   2.038   8.344   1.00 17.77 ? 5    DA  A "C2'" 1 
ATOM   89  C  "C1'" . DA  A 1 5  ? 1.530   0.862   7.912   1.00 16.16 ? 5    DA  A "C1'" 1 
ATOM   90  N  N9    . DA  A 1 5  ? 1.085   -0.105  6.914   1.00 15.26 ? 5    DA  A N9    1 
ATOM   91  C  C8    . DA  A 1 5  ? -0.090  -0.750  6.890   1.00 14.89 ? 5    DA  A C8    1 
ATOM   92  N  N7    . DA  A 1 5  ? -0.298  -1.656  5.961   1.00 16.38 ? 5    DA  A N7    1 
ATOM   93  C  C5    . DA  A 1 5  ? 0.911   -1.554  5.236   1.00 13.95 ? 5    DA  A C5    1 
ATOM   94  C  C6    . DA  A 1 5  ? 1.411   -2.225  4.082   1.00 13.25 ? 5    DA  A C6    1 
ATOM   95  N  N6    . DA  A 1 5  ? 0.753   -3.181  3.436   1.00 14.48 ? 5    DA  A N6    1 
ATOM   96  N  N1    . DA  A 1 5  ? 2.619   -1.878  3.606   1.00 12.99 ? 5    DA  A N1    1 
ATOM   97  C  C2    . DA  A 1 5  ? 3.265   -0.959  4.308   1.00 13.71 ? 5    DA  A C2    1 
ATOM   98  N  N3    . DA  A 1 5  ? 2.936   -0.287  5.373   1.00 13.91 ? 5    DA  A N3    1 
ATOM   99  C  C4    . DA  A 1 5  ? 1.754   -0.650  5.801   1.00 13.63 ? 5    DA  A C4    1 
ATOM   100 P  P     . DA  A 1 6  ? 2.152   4.741   9.347   1.00 16.83 ? 6    DA  A P     1 
ATOM   101 O  OP1   . DA  A 1 6  ? 3.269   5.542   10.096  1.00 18.43 ? 6    DA  A OP1   1 
ATOM   102 O  OP2   . DA  A 1 6  ? 0.772   5.138   9.384   1.00 19.45 ? 6    DA  A OP2   1 
ATOM   103 O  "O5'" . DA  A 1 6  ? 2.497   4.588   7.769   1.00 15.69 ? 6    DA  A "O5'" 1 
ATOM   104 C  "C5'" . DA  A 1 6  ? 3.823   4.312   7.395   1.00 15.72 ? 6    DA  A "C5'" 1 
ATOM   105 C  "C4'" . DA  A 1 6  ? 3.819   4.359   5.933   1.00 13.46 ? 6    DA  A "C4'" 1 
ATOM   106 O  "O4'" . DA  A 1 6  ? 3.141   3.229   5.371   1.00 13.11 ? 6    DA  A "O4'" 1 
ATOM   107 C  "C3'" . DA  A 1 6  ? 3.242   5.615   5.273   1.00 12.18 ? 6    DA  A "C3'" 1 
ATOM   108 O  "O3'" . DA  A 1 6  ? 4.331   6.265   4.635   1.00 12.81 ? 6    DA  A "O3'" 1 
ATOM   109 C  "C2'" . DA  A 1 6  ? 2.145   5.061   4.358   1.00 12.17 ? 6    DA  A "C2'" 1 
ATOM   110 C  "C1'" . DA  A 1 6  ? 2.533   3.629   4.149   1.00 11.58 ? 6    DA  A "C1'" 1 
ATOM   111 N  N9    . DA  A 1 6  ? 1.398   2.716   3.935   1.00 11.39 ? 6    DA  A N9    1 
ATOM   112 C  C8    . DA  A 1 6  ? 0.260   2.581   4.680   1.00 12.39 ? 6    DA  A C8    1 
ATOM   113 N  N7    . DA  A 1 6  ? -0.524  1.629   4.252   1.00 12.66 ? 6    DA  A N7    1 
ATOM   114 C  C5    . DA  A 1 6  ? 0.098   1.050   3.132   1.00 12.31 ? 6    DA  A C5    1 
ATOM   115 C  C6    . DA  A 1 6  ? -0.228  0.008   2.280   1.00 12.01 ? 6    DA  A C6    1 
ATOM   116 N  N6    . DA  A 1 6  ? -1.297  -0.762  2.365   1.00 13.15 ? 6    DA  A N6    1 
ATOM   117 N  N1    . DA  A 1 6  ? 0.657   -0.261  1.304   1.00 12.71 ? 6    DA  A N1    1 
ATOM   118 C  C2    . DA  A 1 6  ? 1.778   0.482   1.163   1.00 12.60 ? 6    DA  A C2    1 
ATOM   119 N  N3    . DA  A 1 6  ? 2.214   1.453   1.983   1.00 12.37 ? 6    DA  A N3    1 
ATOM   120 C  C4    . DA  A 1 6  ? 1.326   1.744   2.944   1.00 12.00 ? 6    DA  A C4    1 
ATOM   121 P  P     . DT  A 1 7  ? 4.140   7.594   3.750   1.00 12.34 ? 7    DT  A P     1 
ATOM   122 O  OP1   . DT  A 1 7  ? 5.476   8.306   3.807   1.00 13.81 ? 7    DT  A OP1   1 
ATOM   123 O  OP2   . DT  A 1 7  ? 2.927   8.372   4.117   1.00 12.83 ? 7    DT  A OP2   1 
ATOM   124 O  "O5'" . DT  A 1 7  ? 3.884   7.060   2.297   1.00 12.07 ? 7    DT  A "O5'" 1 
ATOM   125 C  "C5'" . DT  A 1 7  ? 4.838   6.171   1.703   1.00 14.01 ? 7    DT  A "C5'" 1 
ATOM   126 C  "C4'" . DT  A 1 7  ? 4.281   5.629   0.411   1.00 13.34 ? 7    DT  A "C4'" 1 
ATOM   127 O  "O4'" . DT  A 1 7  ? 3.156   4.768   0.747   1.00 13.26 ? 7    DT  A "O4'" 1 
ATOM   128 C  "C3'" . DT  A 1 7  ? 3.717   6.605   -0.607  1.00 15.59 ? 7    DT  A "C3'" 1 
ATOM   129 O  "O3'" . DT  A 1 7  ? 4.662   6.700   -1.668  1.00 16.69 ? 7    DT  A "O3'" 1 
ATOM   130 C  "C2'" . DT  A 1 7  ? 2.392   6.103   -1.020  1.00 15.09 ? 7    DT  A "C2'" 1 
ATOM   131 C  "C1'" . DT  A 1 7  ? 2.399   4.700   -0.468  1.00 13.48 ? 7    DT  A "C1'" 1 
ATOM   132 N  N1    . DT  A 1 7  ? 1.063   4.176   -0.037  1.00 12.67 ? 7    DT  A N1    1 
ATOM   133 C  C2    . DT  A 1 7  ? 0.566   3.102   -0.735  1.00 13.72 ? 7    DT  A C2    1 
ATOM   134 O  O2    . DT  A 1 7  ? 1.136   2.584   -1.707  1.00 14.33 ? 7    DT  A O2    1 
ATOM   135 N  N3    . DT  A 1 7  ? -0.628  2.598   -0.266  1.00 12.60 ? 7    DT  A N3    1 
ATOM   136 C  C4    . DT  A 1 7  ? -1.356  3.128   0.761   1.00 12.29 ? 7    DT  A C4    1 
ATOM   137 O  O4    . DT  A 1 7  ? -2.369  2.517   1.084   1.00 13.66 ? 7    DT  A O4    1 
ATOM   138 C  C5    . DT  A 1 7  ? -0.815  4.275   1.440   1.00 12.36 ? 7    DT  A C5    1 
ATOM   139 C  C7    . DT  A 1 7  ? -1.571  4.921   2.557   1.00 15.24 ? 7    DT  A C7    1 
ATOM   140 C  C6    . DT  A 1 7  ? 0.371   4.762   0.988   1.00 12.25 ? 7    DT  A C6    1 
ATOM   141 P  P     . DT  A 1 8  ? 4.545   7.669   -2.900  1.00 18.25 ? 8    DT  A P     1 
ATOM   142 O  OP1   . DT  A 1 8  ? 5.902   7.928   -3.412  1.00 21.38 ? 8    DT  A OP1   1 
ATOM   143 O  OP2   . DT  A 1 8  ? 3.737   8.783   -2.551  1.00 18.99 ? 8    DT  A OP2   1 
ATOM   144 O  "O5'" . DT  A 1 8  ? 3.713   6.832   -3.934  1.00 17.05 ? 8    DT  A "O5'" 1 
ATOM   145 C  "C5'" . DT  A 1 8  ? 4.331   5.610   -4.483  1.00 18.77 ? 8    DT  A "C5'" 1 
ATOM   146 C  "C4'" . DT  A 1 8  ? 3.327   4.932   -5.348  1.00 17.39 ? 8    DT  A "C4'" 1 
ATOM   147 O  "O4'" . DT  A 1 8  ? 2.139   4.549   -4.558  1.00 16.98 ? 8    DT  A "O4'" 1 
ATOM   148 C  "C3'" . DT  A 1 8  ? 2.836   5.823   -6.443  1.00 20.93 ? 8    DT  A "C3'" 1 
ATOM   149 O  "O3'" . DT  A 1 8  ? 3.259   5.203   -7.689  1.00 22.95 ? 8    DT  A "O3'" 1 
ATOM   150 C  "C2'" . DT  A 1 8  ? 1.347   5.814   -6.304  1.00 18.12 ? 8    DT  A "C2'" 1 
ATOM   151 C  "C1'" . DT  A 1 8  ? 0.991   4.630   -5.429  1.00 17.04 ? 8    DT  A "C1'" 1 
ATOM   152 N  N1    . DT  A 1 8  ? -0.137  4.730   -4.480  1.00 15.42 ? 8    DT  A N1    1 
ATOM   153 C  C2    . DT  A 1 8  ? -1.117  3.787   -4.495  1.00 14.83 ? 8    DT  A C2    1 
ATOM   154 O  O2    . DT  A 1 8  ? -1.211  2.910   -5.349  1.00 16.84 ? 8    DT  A O2    1 
ATOM   155 N  N3    . DT  A 1 8  ? -2.081  3.880   -3.530  1.00 15.60 ? 8    DT  A N3    1 
ATOM   156 C  C4    . DT  A 1 8  ? -2.149  4.830   -2.529  1.00 14.36 ? 8    DT  A C4    1 
ATOM   157 O  O4    . DT  A 1 8  ? -3.079  4.740   -1.717  1.00 15.35 ? 8    DT  A O4    1 
ATOM   158 C  C5    . DT  A 1 8  ? -1.096  5.830   -2.567  1.00 14.69 ? 8    DT  A C5    1 
ATOM   159 C  C7    . DT  A 1 8  ? -1.166  6.981   -1.584  1.00 16.00 ? 8    DT  A C7    1 
ATOM   160 C  C6    . DT  A 1 8  ? -0.150  5.779   -3.543  1.00 14.70 ? 8    DT  A C6    1 
ATOM   161 P  P     . DT  A 1 9  ? 2.929   5.756   -9.171  1.00 25.71 ? 9    DT  A P     1 
ATOM   162 O  OP1   . DT  A 1 9  ? 4.002   5.217   -10.031 1.00 29.42 ? 9    DT  A OP1   1 
ATOM   163 O  OP2   . DT  A 1 9  ? 2.352   7.110   -8.988  1.00 25.61 ? 9    DT  A OP2   1 
ATOM   164 O  "O5'" . DT  A 1 9  ? 1.582   5.062   -9.576  1.00 23.32 ? 9    DT  A "O5'" 1 
ATOM   165 C  "C5'" . DT  A 1 9  ? 1.547   3.647   -9.690  1.00 21.08 ? 9    DT  A "C5'" 1 
ATOM   166 C  "C4'" . DT  A 1 9  ? 0.114   3.229   -9.953  1.00 20.56 ? 9    DT  A "C4'" 1 
ATOM   167 O  "O4'" . DT  A 1 9  ? -0.701  3.572   -8.796  1.00 19.73 ? 9    DT  A "O4'" 1 
ATOM   168 C  "C3'" . DT  A 1 9  ? -0.576  3.933   -11.123 1.00 20.90 ? 9    DT  A "C3'" 1 
ATOM   169 O  "O3'" . DT  A 1 9  ? -0.651  2.996   -12.241 1.00 22.00 ? 9    DT  A "O3'" 1 
ATOM   170 C  "C2'" . DT  A 1 9  ? -1.920  4.413   -10.619 1.00 20.82 ? 9    DT  A "C2'" 1 
ATOM   171 C  "C1'" . DT  A 1 9  ? -2.062  3.784   -9.251  1.00 19.44 ? 9    DT  A "C1'" 1 
ATOM   172 N  N1    . DT  A 1 9  ? -2.696  4.535   -8.162  1.00 17.23 ? 9    DT  A N1    1 
ATOM   173 C  C2    . DT  A 1 9  ? -3.729  4.001   -7.468  1.00 16.03 ? 9    DT  A C2    1 
ATOM   174 O  O2    . DT  A 1 9  ? -4.295  2.969   -7.747  1.00 17.90 ? 9    DT  A O2    1 
ATOM   175 N  N3    . DT  A 1 9  ? -4.170  4.764   -6.393  1.00 15.54 ? 9    DT  A N3    1 
ATOM   176 C  C4    . DT  A 1 9  ? -3.617  5.949   -5.989  1.00 15.09 ? 9    DT  A C4    1 
ATOM   177 O  O4    . DT  A 1 9  ? -4.058  6.449   -4.959  1.00 15.40 ? 9    DT  A O4    1 
ATOM   178 C  C5    . DT  A 1 9  ? -2.504  6.479   -6.741  1.00 15.11 ? 9    DT  A C5    1 
ATOM   179 C  C7    . DT  A 1 9  ? -1.895  7.821   -6.396  1.00 18.44 ? 9    DT  A C7    1 
ATOM   180 C  C6    . DT  A 1 9  ? -2.156  5.728   -7.783  1.00 16.04 ? 9    DT  A C6    1 
ATOM   181 P  P     . DG  A 1 10 ? -1.091  3.342   -13.710 1.00 23.56 ? 10   DG  A P     1 
ATOM   182 O  OP1   . DG  A 1 10 ? -0.571  2.254   -14.621 1.00 26.58 ? 10   DG  A OP1   1 
ATOM   183 O  OP2   . DG  A 1 10 ? -0.749  4.777   -14.012 1.00 25.20 ? 10   DG  A OP2   1 
ATOM   184 O  "O5'" . DG  A 1 10 ? -2.705  3.390   -13.655 1.00 21.27 ? 10   DG  A "O5'" 1 
ATOM   185 C  "C5'" . DG  A 1 10 ? -3.371  2.178   -13.291 1.00 22.50 ? 10   DG  A "C5'" 1 
ATOM   186 C  "C4'" . DG  A 1 10 ? -4.833  2.499   -13.065 1.00 21.73 ? 10   DG  A "C4'" 1 
ATOM   187 O  "O4'" . DG  A 1 10 ? -4.920  3.312   -11.864 1.00 20.95 ? 10   DG  A "O4'" 1 
ATOM   188 C  "C3'" . DG  A 1 10 ? -5.512  3.303   -14.157 1.00 23.84 ? 10   DG  A "C3'" 1 
ATOM   189 O  "O3'" . DG  A 1 10 ? -6.832  2.823   -14.260 1.00 23.90 ? 10   DG  A "O3'" 1 
ATOM   190 C  "C2'" . DG  A 1 10 ? -5.483  4.723   -13.592 1.00 22.33 ? 10   DG  A "C2'" 1 
ATOM   191 C  "C1'" . DG  A 1 10 ? -5.755  4.405   -12.123 1.00 18.88 ? 10   DG  A "C1'" 1 
ATOM   192 N  N9    . DG  A 1 10 ? -5.502  5.436   -11.122 1.00 17.71 ? 10   DG  A N9    1 
ATOM   193 C  C8    . DG  A 1 10 ? -4.626  6.458   -11.178 1.00 19.71 ? 10   DG  A C8    1 
ATOM   194 N  N7    . DG  A 1 10 ? -4.585  7.219   -10.113 1.00 17.45 ? 10   DG  A N7    1 
ATOM   195 C  C5    . DG  A 1 10 ? -5.575  6.623   -9.326  1.00 15.77 ? 10   DG  A C5    1 
ATOM   196 C  C6    . DG  A 1 10 ? -6.047  6.999   -8.068  1.00 14.33 ? 10   DG  A C6    1 
ATOM   197 O  O6    . DG  A 1 10 ? -5.676  7.921   -7.326  1.00 15.22 ? 10   DG  A O6    1 
ATOM   198 N  N1    . DG  A 1 10 ? -7.067  6.156   -7.631  1.00 14.77 ? 10   DG  A N1    1 
ATOM   199 C  C2    . DG  A 1 10 ? -7.548  5.089   -8.343  1.00 14.75 ? 10   DG  A C2    1 
ATOM   200 N  N2    . DG  A 1 10 ? -8.550  4.397   -7.767  1.00 15.97 ? 10   DG  A N2    1 
ATOM   201 N  N3    . DG  A 1 10 ? -7.081  4.694   -9.512  1.00 16.45 ? 10   DG  A N3    1 
ATOM   202 C  C4    . DG  A 1 10 ? -6.146  5.535   -9.944  1.00 16.83 ? 10   DG  A C4    1 
ATOM   203 P  P     . DC  A 1 11 ? -7.354  1.811   -15.329 1.00 27.01 ? 11   DC  A P     1 
ATOM   204 O  OP1   . DC  A 1 11 ? -6.312  0.784   -15.571 1.00 29.87 ? 11   DC  A OP1   1 
ATOM   205 O  OP2   . DC  A 1 11 ? -7.777  2.584   -16.508 1.00 30.71 ? 11   DC  A OP2   1 
ATOM   206 O  "O5'" . DC  A 1 11 ? -8.656  1.189   -14.611 1.00 28.88 ? 11   DC  A "O5'" 1 
ATOM   207 C  "C5'" . DC  A 1 11 ? -8.540  0.274   -13.580 1.00 24.78 ? 11   DC  A "C5'" 1 
ATOM   208 C  "C4'" . DC  A 1 11 ? -9.537  0.500   -12.461 1.00 24.03 ? 11   DC  A "C4'" 1 
ATOM   209 O  "O4'" . DC  A 1 11 ? -9.425  1.752   -11.754 1.00 22.99 ? 11   DC  A "O4'" 1 
ATOM   210 C  "C3'" . DC  A 1 11 ? -10.970 0.461   -12.952 1.00 22.47 ? 11   DC  A "C3'" 1 
ATOM   211 O  "O3'" . DC  A 1 11 ? -11.706 -0.343  -11.958 1.00 24.28 ? 11   DC  A "O3'" 1 
ATOM   212 C  "C2'" . DC  A 1 11 ? -11.425 1.942   -13.003 1.00 20.64 ? 11   DC  A "C2'" 1 
ATOM   213 C  "C1'" . DC  A 1 11 ? -10.666 2.527   -11.838 1.00 19.38 ? 11   DC  A "C1'" 1 
ATOM   214 N  N1    . DC  A 1 11 ? -10.251 3.910   -11.866 1.00 19.71 ? 11   DC  A N1    1 
ATOM   215 C  C2    . DC  A 1 11 ? -10.438 4.652   -10.675 1.00 16.18 ? 11   DC  A C2    1 
ATOM   216 O  O2    . DC  A 1 11 ? -11.005 4.159   -9.731  1.00 17.96 ? 11   DC  A O2    1 
ATOM   217 N  N3    . DC  A 1 11 ? -9.889  5.863   -10.631 1.00 17.26 ? 11   DC  A N3    1 
ATOM   218 C  C4    . DC  A 1 11 ? -9.239  6.386   -11.678 1.00 17.13 ? 11   DC  A C4    1 
ATOM   219 N  N4    . DC  A 1 11 ? -8.647  7.587   -11.630 1.00 18.76 ? 11   DC  A N4    1 
ATOM   220 C  C5    . DC  A 1 11 ? -9.148  5.670   -12.922 1.00 20.68 ? 11   DC  A C5    1 
ATOM   221 C  C6    . DC  A 1 11 ? -9.595  4.449   -12.916 1.00 19.79 ? 11   DC  A C6    1 
ATOM   222 P  P     . DG  A 1 12 ? -13.154 -0.941  -12.223 1.00 26.28 ? 12   DG  A P     1 
ATOM   223 O  OP1   . DG  A 1 12 ? -13.348 -2.004  -11.160 1.00 32.77 ? 12   DG  A OP1   1 
ATOM   224 O  OP2   . DG  A 1 12 ? -13.252 -1.344  -13.571 1.00 26.05 ? 12   DG  A OP2   1 
ATOM   225 O  "O5'" . DG  A 1 12 ? -14.214 0.248   -12.093 1.00 20.88 ? 12   DG  A "O5'" 1 
ATOM   226 C  "C5'" . DG  A 1 12 ? -14.580 0.673   -10.842 1.00 19.75 ? 12   DG  A "C5'" 1 
ATOM   227 C  "C4'" . DG  A 1 12 ? -15.399 1.954   -10.877 1.00 14.99 ? 12   DG  A "C4'" 1 
ATOM   228 O  "O4'" . DG  A 1 12 ? -14.494 2.993   -11.186 1.00 16.56 ? 12   DG  A "O4'" 1 
ATOM   229 C  "C3'" . DG  A 1 12 ? -16.462 1.985   -11.977 1.00 16.22 ? 12   DG  A "C3'" 1 
ATOM   230 O  "O3'" . DG  A 1 12 ? -17.747 1.755   -11.397 1.00 19.31 ? 12   DG  A "O3'" 1 
ATOM   231 C  "C2'" . DG  A 1 12 ? -16.346 3.387   -12.579 1.00 16.73 ? 12   DG  A "C2'" 1 
ATOM   232 C  "C1'" . DG  A 1 12 ? -15.294 4.061   -11.728 1.00 14.23 ? 12   DG  A "C1'" 1 
ATOM   233 N  N9    . DG  A 1 12 ? -14.349 4.952   -12.393 1.00 13.90 ? 12   DG  A N9    1 
ATOM   234 C  C8    . DG  A 1 12 ? -13.708 4.671   -13.602 1.00 14.85 ? 12   DG  A C8    1 
ATOM   235 N  N7    . DG  A 1 12 ? -12.846 5.566   -13.928 1.00 14.66 ? 12   DG  A N7    1 
ATOM   236 C  C5    . DG  A 1 12 ? -12.870 6.493   -12.859 1.00 13.85 ? 12   DG  A C5    1 
ATOM   237 C  C6    . DG  A 1 12 ? -12.170 7.689   -12.633 1.00 13.13 ? 12   DG  A C6    1 
ATOM   238 O  O6    . DG  A 1 12 ? -11.324 8.278   -13.371 1.00 14.85 ? 12   DG  A O6    1 
ATOM   239 N  N1    . DG  A 1 12 ? -12.507 8.298   -11.412 1.00 11.85 ? 12   DG  A N1    1 
ATOM   240 C  C2    . DG  A 1 12 ? -13.465 7.822   -10.560 1.00 10.84 ? 12   DG  A C2    1 
ATOM   241 N  N2    . DG  A 1 12 ? -13.709 8.594   -9.485  1.00 12.02 ? 12   DG  A N2    1 
ATOM   242 N  N3    . DG  A 1 12 ? -14.106 6.686   -10.752 1.00 11.68 ? 12   DG  A N3    1 
ATOM   243 C  C4    . DG  A 1 12 ? -13.818 6.082   -11.901 1.00 12.53 ? 12   DG  A C4    1 
ATOM   244 O  "O5'" . DC  B 1 1  ? -12.459 17.298  -8.992  1.00 29.07 ? 13   DC  B "O5'" 1 
ATOM   245 C  "C5'" . DC  B 1 1  ? -11.388 16.918  -8.170  1.00 23.35 ? 13   DC  B "C5'" 1 
ATOM   246 C  "C4'" . DC  B 1 1  ? -11.707 15.608  -7.449  1.00 18.96 ? 13   DC  B "C4'" 1 
ATOM   247 O  "O4'" . DC  B 1 1  ? -12.123 14.601  -8.474  1.00 16.83 ? 13   DC  B "O4'" 1 
ATOM   248 C  "C3'" . DC  B 1 1  ? -10.532 15.018  -6.716  1.00 18.40 ? 13   DC  B "C3'" 1 
ATOM   249 O  "O3'" . DC  B 1 1  ? -11.038 14.319  -5.638  1.00 18.97 ? 13   DC  B "O3'" 1 
ATOM   250 C  "C2'" . DC  B 1 1  ? -9.988  14.121  -7.756  1.00 16.65 ? 13   DC  B "C2'" 1 
ATOM   251 C  "C1'" . DC  B 1 1  ? -11.242 13.494  -8.374  1.00 13.86 ? 13   DC  B "C1'" 1 
ATOM   252 N  N1    . DC  B 1 1  ? -11.119 12.879  -9.680  1.00 13.93 ? 13   DC  B N1    1 
ATOM   253 C  C2    . DC  B 1 1  ? -11.511 11.553  -9.895  1.00 13.28 ? 13   DC  B C2    1 
ATOM   254 O  O2    . DC  B 1 1  ? -12.057 10.931  -8.971  1.00 12.93 ? 13   DC  B O2    1 
ATOM   255 N  N3    . DC  B 1 1  ? -11.384 10.981  -11.129 1.00 12.11 ? 13   DC  B N3    1 
ATOM   256 C  C4    . DC  B 1 1  ? -10.871 11.725  -12.089 1.00 13.42 ? 13   DC  B C4    1 
ATOM   257 N  N4    . DC  B 1 1  ? -10.748 11.118  -13.291 1.00 14.38 ? 13   DC  B N4    1 
ATOM   258 C  C5    . DC  B 1 1  ? -10.404 13.065  -11.937 1.00 15.40 ? 13   DC  B C5    1 
ATOM   259 C  C6    . DC  B 1 1  ? -10.552 13.625  -10.719 1.00 14.77 ? 13   DC  B C6    1 
ATOM   260 P  P     . DG  B 1 2  ? -10.662 14.733  -4.138  1.00 21.06 ? 14   DG  B P     1 
ATOM   261 O  OP1   . DG  B 1 2  ? -11.230 16.079  -3.861  1.00 25.29 ? 14   DG  B OP1   1 
ATOM   262 O  OP2   . DG  B 1 2  ? -9.176  14.646  -3.920  1.00 25.81 ? 14   DG  B OP2   1 
ATOM   263 O  "O5'" . DG  B 1 2  ? -11.391 13.578  -3.362  1.00 19.84 ? 14   DG  B "O5'" 1 
ATOM   264 C  "C5'" . DG  B 1 2  ? -12.799 13.503  -3.409  1.00 19.61 ? 14   DG  B "C5'" 1 
ATOM   265 C  "C4'" . DG  B 1 2  ? -13.280 12.086  -3.481  1.00 17.94 ? 14   DG  B "C4'" 1 
ATOM   266 O  "O4'" . DG  B 1 2  ? -12.925 11.592  -4.768  1.00 19.46 ? 14   DG  B "O4'" 1 
ATOM   267 C  "C3'" . DG  B 1 2  ? -12.608 11.347  -2.375  1.00 22.11 ? 14   DG  B "C3'" 1 
ATOM   268 O  "O3'" . DG  B 1 2  ? -13.478 10.668  -1.586  1.00 18.60 ? 14   DG  B "O3'" 1 
ATOM   269 C  "C2'" . DG  B 1 2  ? -11.609 10.443  -2.979  1.00 22.03 ? 14   DG  B "C2'" 1 
ATOM   270 C  "C1'" . DG  B 1 2  ? -12.207 10.311  -4.430  1.00 21.79 ? 14   DG  B "C1'" 1 
ATOM   271 N  N9    . DG  B 1 2  ? -11.256 10.115  -5.537  1.00 19.44 ? 14   DG  B N9    1 
ATOM   272 C  C8    . DG  B 1 2  ? -10.245 11.016  -5.766  1.00 18.92 ? 14   DG  B C8    1 
ATOM   273 N  N7    . DG  B 1 2  ? -9.413  10.674  -6.701  1.00 15.53 ? 14   DG  B N7    1 
ATOM   274 C  C5    . DG  B 1 2  ? -9.941  9.467   -7.137  1.00 13.97 ? 14   DG  B C5    1 
ATOM   275 C  C6    . DG  B 1 2  ? -9.474  8.644   -8.189  1.00 14.17 ? 14   DG  B C6    1 
ATOM   276 O  O6    . DG  B 1 2  ? -8.583  8.826   -8.988  1.00 16.17 ? 14   DG  B O6    1 
ATOM   277 N  N1    . DG  B 1 2  ? -10.288 7.556   -8.378  1.00 14.30 ? 14   DG  B N1    1 
ATOM   278 C  C2    . DG  B 1 2  ? -11.406 7.234   -7.619  1.00 13.73 ? 14   DG  B C2    1 
ATOM   279 N  N2    . DG  B 1 2  ? -12.063 6.116   -7.865  1.00 14.50 ? 14   DG  B N2    1 
ATOM   280 N  N3    . DG  B 1 2  ? -11.882 8.024   -6.663  1.00 15.27 ? 14   DG  B N3    1 
ATOM   281 C  C4    . DG  B 1 2  ? -11.086 9.127   -6.472  1.00 14.98 ? 14   DG  B C4    1 
ATOM   282 P  P     . DC  B 1 3  ? -12.911 9.859   -0.386  1.00 20.99 ? 15   DC  B P     1 
ATOM   283 O  OP1   . DC  B 1 3  ? -14.026 9.828   0.525   1.00 20.52 ? 15   DC  B OP1   1 
ATOM   284 O  OP2   . DC  B 1 3  ? -11.539 10.349  0.029   1.00 27.14 ? 15   DC  B OP2   1 
ATOM   285 O  "O5'" . DC  B 1 3  ? -12.738 8.353   -0.867  1.00 18.37 ? 15   DC  B "O5'" 1 
ATOM   286 C  "C5'" . DC  B 1 3  ? -13.853 7.654   -1.375  1.00 16.21 ? 15   DC  B "C5'" 1 
ATOM   287 C  "C4'" . DC  B 1 3  ? -13.311 6.411   -2.038  1.00 15.46 ? 15   DC  B "C4'" 1 
ATOM   288 O  "O4'" . DC  B 1 3  ? -12.564 6.868   -3.154  1.00 18.57 ? 15   DC  B "O4'" 1 
ATOM   289 C  "C3'" . DC  B 1 3  ? -12.424 5.471   -1.350  1.00 16.68 ? 15   DC  B "C3'" 1 
ATOM   290 O  "O3'" . DC  B 1 3  ? -13.244 4.510   -0.635  1.00 20.09 ? 15   DC  B "O3'" 1 
ATOM   291 C  "C2'" . DC  B 1 3  ? -11.661 4.831   -2.477  1.00 18.67 ? 15   DC  B "C2'" 1 
ATOM   292 C  "C1'" . DC  B 1 3  ? -11.613 5.869   -3.561  1.00 15.85 ? 15   DC  B "C1'" 1 
ATOM   293 N  N1    . DC  B 1 3  ? -10.330 6.558   -3.789  1.00 14.92 ? 15   DC  B N1    1 
ATOM   294 C  C2    . DC  B 1 3  ? -9.561  6.136   -4.858  1.00 14.41 ? 15   DC  B C2    1 
ATOM   295 O  O2    . DC  B 1 3  ? -9.925  5.162   -5.491  1.00 14.74 ? 15   DC  B O2    1 
ATOM   296 N  N3    . DC  B 1 3  ? -8.469  6.882   -5.175  1.00 14.27 ? 15   DC  B N3    1 
ATOM   297 C  C4    . DC  B 1 3  ? -8.099  7.921   -4.425  1.00 15.15 ? 15   DC  B C4    1 
ATOM   298 N  N4    . DC  B 1 3  ? -7.027  8.602   -4.784  1.00 16.95 ? 15   DC  B N4    1 
ATOM   299 C  C5    . DC  B 1 3  ? -8.783  8.248   -3.242  1.00 18.14 ? 15   DC  B C5    1 
ATOM   300 C  C6    . DC  B 1 3  ? -9.907  7.544   -2.993  1.00 18.32 ? 15   DC  B C6    1 
ATOM   301 P  P     . DA  B 1 4  ? -12.587 3.458   0.354   1.00 21.97 ? 16   DA  B P     1 
ATOM   302 O  OP1   . DA  B 1 4  ? -13.772 2.965   1.112   1.00 26.00 ? 16   DA  B OP1   1 
ATOM   303 O  OP2   . DA  B 1 4  ? -11.365 3.956   0.960   1.00 23.93 ? 16   DA  B OP2   1 
ATOM   304 O  "O5'" . DA  B 1 4  ? -12.200 2.247   -0.531  1.00 20.58 ? 16   DA  B "O5'" 1 
ATOM   305 C  "C5'" . DA  B 1 4  ? -13.154 1.616   -1.335  1.00 20.34 ? 16   DA  B "C5'" 1 
ATOM   306 C  "C4'" . DA  B 1 4  ? -12.427 0.615   -2.199  1.00 21.20 ? 16   DA  B "C4'" 1 
ATOM   307 O  "O4'" . DA  B 1 4  ? -11.419 1.267   -3.058  1.00 20.25 ? 16   DA  B "O4'" 1 
ATOM   308 C  "C3'" . DA  B 1 4  ? -11.693 -0.493  -1.445  1.00 20.73 ? 16   DA  B "C3'" 1 
ATOM   309 O  "O3'" . DA  B 1 4  ? -11.790 -1.685  -2.251  1.00 23.54 ? 16   DA  B "O3'" 1 
ATOM   310 C  "C2'" . DA  B 1 4  ? -10.257 0.013   -1.432  1.00 19.03 ? 16   DA  B "C2'" 1 
ATOM   311 C  "C1'" . DA  B 1 4  ? -10.110 0.806   -2.716  1.00 19.21 ? 16   DA  B "C1'" 1 
ATOM   312 N  N9    . DA  B 1 4  ? -9.215  1.967   -2.606  1.00 18.18 ? 16   DA  B N9    1 
ATOM   313 C  C8    . DA  B 1 4  ? -9.068  2.795   -1.522  1.00 17.80 ? 16   DA  B C8    1 
ATOM   314 N  N7    . DA  B 1 4  ? -8.208  3.743   -1.654  1.00 17.58 ? 16   DA  B N7    1 
ATOM   315 C  C5    . DA  B 1 4  ? -7.768  3.556   -2.959  1.00 15.44 ? 16   DA  B C5    1 
ATOM   316 C  C6    . DA  B 1 4  ? -6.800  4.259   -3.711  1.00 15.64 ? 16   DA  B C6    1 
ATOM   317 N  N6    . DA  B 1 4  ? -6.092  5.312   -3.231  1.00 14.41 ? 16   DA  B N6    1 
ATOM   318 N  N1    . DA  B 1 4  ? -6.524  3.801   -4.944  1.00 16.08 ? 16   DA  B N1    1 
ATOM   319 C  C2    . DA  B 1 4  ? -7.223  2.738   -5.361  1.00 15.28 ? 16   DA  B C2    1 
ATOM   320 N  N3    . DA  B 1 4  ? -8.170  2.018   -4.784  1.00 15.45 ? 16   DA  B N3    1 
ATOM   321 C  C4    . DA  B 1 4  ? -8.376  2.493   -3.555  1.00 16.50 ? 16   DA  B C4    1 
ATOM   322 P  P     . DA  B 1 5  ? -10.893 -3.018  -2.136  1.00 26.08 ? 17   DA  B P     1 
ATOM   323 O  OP1   . DA  B 1 5  ? -11.846 -4.074  -2.440  1.00 28.65 ? 17   DA  B OP1   1 
ATOM   324 O  OP2   . DA  B 1 5  ? -10.151 -3.011  -0.842  1.00 27.56 ? 17   DA  B OP2   1 
ATOM   325 O  "O5'" . DA  B 1 5  ? -9.880  -2.910  -3.347  1.00 23.73 ? 17   DA  B "O5'" 1 
ATOM   326 C  "C5'" . DA  B 1 5  ? -10.286 -2.818  -4.661  1.00 21.66 ? 17   DA  B "C5'" 1 
ATOM   327 C  "C4'" . DA  B 1 5  ? -9.105  -2.849  -5.609  1.00 20.18 ? 17   DA  B "C4'" 1 
ATOM   328 O  "O4'" . DA  B 1 5  ? -8.300  -1.679  -5.373  1.00 19.94 ? 17   DA  B "O4'" 1 
ATOM   329 C  "C3'" . DA  B 1 5  ? -8.238  -4.071  -5.457  1.00 21.51 ? 17   DA  B "C3'" 1 
ATOM   330 O  "O3'" . DA  B 1 5  ? -7.803  -4.446  -6.738  1.00 24.26 ? 17   DA  B "O3'" 1 
ATOM   331 C  "C2'" . DA  B 1 5  ? -7.126  -3.594  -4.545  1.00 20.16 ? 17   DA  B "C2'" 1 
ATOM   332 C  "C1'" . DA  B 1 5  ? -6.997  -2.130  -4.944  1.00 18.26 ? 17   DA  B "C1'" 1 
ATOM   333 N  N9    . DA  B 1 5  ? -6.557  -1.235  -3.892  1.00 17.85 ? 17   DA  B N9    1 
ATOM   334 C  C8    . DA  B 1 5  ? -7.080  -1.162  -2.644  1.00 19.07 ? 17   DA  B C8    1 
ATOM   335 N  N7    . DA  B 1 5  ? -6.581  -0.157  -1.924  1.00 16.71 ? 17   DA  B N7    1 
ATOM   336 C  C5    . DA  B 1 5  ? -5.696  0.471   -2.765  1.00 15.95 ? 17   DA  B C5    1 
ATOM   337 C  C6    . DA  B 1 5  ? -4.873  1.597   -2.600  1.00 15.19 ? 17   DA  B C6    1 
ATOM   338 N  N6    . DA  B 1 5  ? -4.811  2.371   -1.507  1.00 15.04 ? 17   DA  B N6    1 
ATOM   339 N  N1    . DA  B 1 5  ? -4.096  1.949   -3.644  1.00 14.97 ? 17   DA  B N1    1 
ATOM   340 C  C2    . DA  B 1 5  ? -4.153  1.279   -4.788  1.00 16.50 ? 17   DA  B C2    1 
ATOM   341 N  N3    . DA  B 1 5  ? -4.888  0.205   -5.070  1.00 17.06 ? 17   DA  B N3    1 
ATOM   342 C  C4    . DA  B 1 5  ? -5.641  -0.164  -4.025  1.00 16.05 ? 17   DA  B C4    1 
ATOM   343 P  P     . DA  B 1 6  ? -6.802  -5.656  -6.974  1.00 27.71 ? 18   DA  B P     1 
ATOM   344 O  OP1   . DA  B 1 6  ? -7.009  -6.071  -8.391  1.00 28.71 ? 18   DA  B OP1   1 
ATOM   345 O  OP2   . DA  B 1 6  ? -7.090  -6.614  -5.823  1.00 28.26 ? 18   DA  B OP2   1 
ATOM   346 O  "O5'" . DA  B 1 6  ? -5.381  -4.972  -6.894  1.00 24.41 ? 18   DA  B "O5'" 1 
ATOM   347 C  "C5'" . DA  B 1 6  ? -4.982  -4.041  -7.880  1.00 21.89 ? 18   DA  B "C5'" 1 
ATOM   348 C  "C4'" . DA  B 1 6  ? -3.605  -3.504  -7.490  1.00 20.52 ? 18   DA  B "C4'" 1 
ATOM   349 O  "O4'" . DA  B 1 6  ? -3.707  -2.701  -6.291  1.00 19.59 ? 18   DA  B "O4'" 1 
ATOM   350 C  "C3'" . DA  B 1 6  ? -2.523  -4.585  -7.266  1.00 20.07 ? 18   DA  B "C3'" 1 
ATOM   351 O  "O3'" . DA  B 1 6  ? -1.523  -4.355  -8.301  1.00 22.19 ? 18   DA  B "O3'" 1 
ATOM   352 C  "C2'" . DA  B 1 6  ? -2.106  -4.319  -5.804  1.00 19.45 ? 18   DA  B "C2'" 1 
ATOM   353 C  "C1'" . DA  B 1 6  ? -2.519  -2.871  -5.565  1.00 18.18 ? 18   DA  B "C1'" 1 
ATOM   354 N  N9    . DA  B 1 6  ? -2.784  -2.504  -4.173  1.00 16.60 ? 18   DA  B N9    1 
ATOM   355 C  C8    . DA  B 1 6  ? -3.633  -3.127  -3.336  1.00 16.14 ? 18   DA  B C8    1 
ATOM   356 N  N7    . DA  B 1 6  ? -3.803  -2.525  -2.165  1.00 16.94 ? 18   DA  B N7    1 
ATOM   357 C  C5    . DA  B 1 6  ? -2.923  -1.455  -2.234  1.00 14.72 ? 18   DA  B C5    1 
ATOM   358 C  C6    . DA  B 1 6  ? -2.599  -0.388  -1.338  1.00 13.91 ? 18   DA  B C6    1 
ATOM   359 N  N6    . DA  B 1 6  ? -3.181  -0.248  -0.159  1.00 14.88 ? 18   DA  B N6    1 
ATOM   360 N  N1    . DA  B 1 6  ? -1.669  0.512   -1.801  1.00 14.03 ? 18   DA  B N1    1 
ATOM   361 C  C2    . DA  B 1 6  ? -1.187  0.392   -2.993  1.00 14.51 ? 18   DA  B C2    1 
ATOM   362 N  N3    . DA  B 1 6  ? -1.410  -0.539  -3.927  1.00 15.28 ? 18   DA  B N3    1 
ATOM   363 C  C4    . DA  B 1 6  ? -2.325  -1.387  -3.466  1.00 15.01 ? 18   DA  B C4    1 
ATOM   364 P  P     . DT  B 1 7  ? -0.231  -5.241  -8.403  1.00 23.94 ? 19   DT  B P     1 
ATOM   365 O  OP1   . DT  B 1 7  ? 0.363   -5.303  -9.754  1.00 28.11 ? 19   DT  B OP1   1 
ATOM   366 O  OP2   . DT  B 1 7  ? -0.639  -6.487  -7.704  1.00 22.87 ? 19   DT  B OP2   1 
ATOM   367 O  "O5'" . DT  B 1 7  ? 0.751   -4.600  -7.320  1.00 20.28 ? 19   DT  B "O5'" 1 
ATOM   368 C  "C5'" . DT  B 1 7  ? 1.206   -3.262  -7.615  1.00 18.42 ? 19   DT  B "C5'" 1 
ATOM   369 C  "C4'" . DT  B 1 7  ? 1.965   -2.831  -6.375  1.00 18.38 ? 19   DT  B "C4'" 1 
ATOM   370 O  "O4'" . DT  B 1 7  ? 1.067   -2.686  -5.260  1.00 17.00 ? 19   DT  B "O4'" 1 
ATOM   371 C  "C3'" . DT  B 1 7  ? 3.099   -3.732  -5.854  1.00 17.23 ? 19   DT  B "C3'" 1 
ATOM   372 O  "O3'" . DT  B 1 7  ? 4.282   -3.234  -6.441  1.00 18.72 ? 19   DT  B "O3'" 1 
ATOM   373 C  "C2'" . DT  B 1 7  ? 3.006   -3.643  -4.349  1.00 17.04 ? 19   DT  B "C2'" 1 
ATOM   374 C  "C1'" . DT  B 1 7  ? 1.913   -2.551  -4.118  1.00 15.32 ? 19   DT  B "C1'" 1 
ATOM   375 N  N1    . DT  B 1 7  ? 1.158   -2.723  -2.952  1.00 14.70 ? 19   DT  B N1    1 
ATOM   376 C  C2    . DT  B 1 7  ? 1.222   -1.796  -1.879  1.00 13.26 ? 19   DT  B C2    1 
ATOM   377 O  O2    . DT  B 1 7  ? 1.993   -0.874  -1.955  1.00 14.78 ? 19   DT  B O2    1 
ATOM   378 N  N3    . DT  B 1 7  ? 0.437   -2.083  -0.841  1.00 12.84 ? 19   DT  B N3    1 
ATOM   379 C  C4    . DT  B 1 7  ? -0.431  -3.117  -0.654  1.00 13.63 ? 19   DT  B C4    1 
ATOM   380 O  O4    . DT  B 1 7  ? -1.168  -3.201  0.323   1.00 15.10 ? 19   DT  B O4    1 
ATOM   381 C  C5    . DT  B 1 7  ? -0.470  -4.089  -1.746  1.00 15.22 ? 19   DT  B C5    1 
ATOM   382 C  C7    . DT  B 1 7  ? -1.383  -5.296  -1.697  1.00 17.62 ? 19   DT  B C7    1 
ATOM   383 C  C6    . DT  B 1 7  ? 0.332   -3.836  -2.817  1.00 15.23 ? 19   DT  B C6    1 
ATOM   384 P  P     . DT  B 1 8  ? 5.687   -3.820  -6.020  1.00 19.24 ? 20   DT  B P     1 
ATOM   385 O  OP1   . DT  B 1 8  ? 6.559   -3.530  -7.145  1.00 23.13 ? 20   DT  B OP1   1 
ATOM   386 O  OP2   . DT  B 1 8  ? 5.572   -5.255  -5.460  1.00 18.45 ? 20   DT  B OP2   1 
ATOM   387 O  "O5'" . DT  B 1 8  ? 6.102   -2.927  -4.775  1.00 17.18 ? 20   DT  B "O5'" 1 
ATOM   388 C  "C5'" . DT  B 1 8  ? 6.193   -1.506  -4.908  1.00 18.35 ? 20   DT  B "C5'" 1 
ATOM   389 C  "C4'" . DT  B 1 8  ? 6.537   -0.857  -3.552  1.00 15.86 ? 20   DT  B "C4'" 1 
ATOM   390 O  "O4'" . DT  B 1 8  ? 5.508   -1.173  -2.613  1.00 15.20 ? 20   DT  B "O4'" 1 
ATOM   391 C  "C3'" . DT  B 1 8  ? 7.847   -1.387  -2.950  1.00 16.96 ? 20   DT  B "C3'" 1 
ATOM   392 O  "O3'" . DT  B 1 8  ? 8.689   -0.265  -2.744  1.00 18.89 ? 20   DT  B "O3'" 1 
ATOM   393 C  "C2'" . DT  B 1 8  ? 7.432   -2.133  -1.679  1.00 16.06 ? 20   DT  B "C2'" 1 
ATOM   394 C  "C1'" . DT  B 1 8  ? 6.113   -1.520  -1.336  1.00 13.89 ? 20   DT  B "C1'" 1 
ATOM   395 N  N1    . DT  B 1 8  ? 5.156   -2.360  -0.643  1.00 12.76 ? 20   DT  B N1    1 
ATOM   396 C  C2    . DT  B 1 8  ? 4.648   -1.911  0.548   1.00 13.09 ? 20   DT  B C2    1 
ATOM   397 O  O2    . DT  B 1 8  ? 4.995   -0.923  1.139   1.00 12.79 ? 20   DT  B O2    1 
ATOM   398 N  N3    . DT  B 1 8  ? 3.627   -2.692  1.063   1.00 12.78 ? 20   DT  B N3    1 
ATOM   399 C  C4    . DT  B 1 8  ? 3.140   -3.855  0.522   1.00 13.56 ? 20   DT  B C4    1 
ATOM   400 O  O4    . DT  B 1 8  ? 2.215   -4.453  1.057   1.00 14.46 ? 20   DT  B O4    1 
ATOM   401 C  C5    . DT  B 1 8  ? 3.789   -4.306  -0.721  1.00 14.13 ? 20   DT  B C5    1 
ATOM   402 C  C7    . DT  B 1 8  ? 3.350   -5.620  -1.343  1.00 16.39 ? 20   DT  B C7    1 
ATOM   403 C  C6    . DT  B 1 8  ? 4.747   -3.531  -1.246  1.00 13.60 ? 20   DT  B C6    1 
ATOM   404 P  P     . DT  B 1 9  ? 10.201  -0.422  -2.251  1.00 21.52 ? 21   DT  B P     1 
ATOM   405 O  OP1   . DT  B 1 9  ? 10.885  0.803   -2.722  1.00 24.56 ? 21   DT  B OP1   1 
ATOM   406 O  OP2   . DT  B 1 9  ? 10.727  -1.806  -2.558  1.00 23.35 ? 21   DT  B OP2   1 
ATOM   407 O  "O5'" . DT  B 1 9  ? 10.128  -0.349  -0.633  1.00 19.15 ? 21   DT  B "O5'" 1 
ATOM   408 C  "C5'" . DT  B 1 9  ? 9.549   0.840   -0.042  1.00 15.69 ? 21   DT  B "C5'" 1 
ATOM   409 C  "C4'" . DT  B 1 9  ? 9.380   0.600   1.431   1.00 14.80 ? 21   DT  B "C4'" 1 
ATOM   410 O  "O4'" . DT  B 1 9  ? 8.354   -0.373  1.590   1.00 14.20 ? 21   DT  B "O4'" 1 
ATOM   411 C  "C3'" . DT  B 1 9  ? 10.647  0.112   2.126   1.00 13.81 ? 21   DT  B "C3'" 1 
ATOM   412 O  "O3'" . DT  B 1 9  ? 11.054  1.158   3.043   1.00 14.47 ? 21   DT  B "O3'" 1 
ATOM   413 C  "C2'" . DT  B 1 9  ? 10.112  -1.088  2.924   1.00 14.00 ? 21   DT  B "C2'" 1 
ATOM   414 C  "C1'" . DT  B 1 9  ? 8.635   -1.046  2.825   1.00 13.00 ? 21   DT  B "C1'" 1 
ATOM   415 N  N1    . DT  B 1 9  ? 7.841   -2.308  2.795   1.00 13.31 ? 21   DT  B N1    1 
ATOM   416 C  C2    . DT  B 1 9  ? 6.814   -2.522  3.715   1.00 13.15 ? 21   DT  B C2    1 
ATOM   417 O  O2    . DT  B 1 9  ? 6.571   -1.790  4.656   1.00 14.26 ? 21   DT  B O2    1 
ATOM   418 N  N3    . DT  B 1 9  ? 6.104   -3.647  3.486   1.00 13.97 ? 21   DT  B N3    1 
ATOM   419 C  C4    . DT  B 1 9  ? 6.270   -4.501  2.403   1.00 13.37 ? 21   DT  B C4    1 
ATOM   420 O  O4    . DT  B 1 9  ? 5.481   -5.453  2.289   1.00 15.30 ? 21   DT  B O4    1 
ATOM   421 C  C5    . DT  B 1 9  ? 7.381   -4.258  1.478   1.00 14.05 ? 21   DT  B C5    1 
ATOM   422 C  C7    . DT  B 1 9  ? 7.677   -5.214  0.381   1.00 15.52 ? 21   DT  B C7    1 
ATOM   423 C  C6    . DT  B 1 9  ? 8.098   -3.174  1.739   1.00 13.39 ? 21   DT  B C6    1 
ATOM   424 P  P     . DG  B 1 10 ? 12.417  1.079   3.870   1.00 14.83 ? 22   DG  B P     1 
ATOM   425 O  OP1   . DG  B 1 10 ? 12.741  2.478   4.255   1.00 18.03 ? 22   DG  B OP1   1 
ATOM   426 O  OP2   . DG  B 1 10 ? 13.405  0.214   3.166   1.00 15.69 ? 22   DG  B OP2   1 
ATOM   427 O  "O5'" . DG  B 1 10 ? 12.009  0.237   5.158   1.00 14.07 ? 22   DG  B "O5'" 1 
ATOM   428 C  "C5'" . DG  B 1 10 ? 11.081  0.835   6.074   1.00 14.92 ? 22   DG  B "C5'" 1 
ATOM   429 C  "C4'" . DG  B 1 10 ? 10.800  -0.230  7.140   1.00 13.70 ? 22   DG  B "C4'" 1 
ATOM   430 O  "O4'" . DG  B 1 10 ? 9.965   -1.284  6.588   1.00 13.41 ? 22   DG  B "O4'" 1 
ATOM   431 C  "C3'" . DG  B 1 10 ? 12.007  -0.922  7.681   1.00 14.83 ? 22   DG  B "C3'" 1 
ATOM   432 O  "O3'" . DG  B 1 10 ? 11.853  -1.162  9.072   1.00 16.89 ? 22   DG  B "O3'" 1 
ATOM   433 C  "C2'" . DG  B 1 10 ? 12.051  -2.264  6.990   1.00 13.87 ? 22   DG  B "C2'" 1 
ATOM   434 C  "C1'" . DG  B 1 10 ? 10.523  -2.546  6.981   1.00 12.67 ? 22   DG  B "C1'" 1 
ATOM   435 N  N9    . DG  B 1 10 ? 10.077  -3.555  6.095   1.00 12.20 ? 22   DG  B N9    1 
ATOM   436 C  C8    . DG  B 1 10 ? 10.563  -4.003  4.886   1.00 12.70 ? 22   DG  B C8    1 
ATOM   437 N  N7    . DG  B 1 10 ? 9.833   -4.950  4.361   1.00 12.71 ? 22   DG  B N7    1 
ATOM   438 C  C5    . DG  B 1 10 ? 8.803   -5.164  5.234   1.00 11.24 ? 22   DG  B C5    1 
ATOM   439 C  C6    . DG  B 1 10 ? 7.731   -6.072  5.208   1.00 10.93 ? 22   DG  B C6    1 
ATOM   440 O  O6    . DG  B 1 10 ? 7.456   -6.886  4.303   1.00 11.25 ? 22   DG  B O6    1 
ATOM   441 N  N1    . DG  B 1 10 ? 6.955   -6.000  6.324   1.00 10.62 ? 22   DG  B N1    1 
ATOM   442 C  C2    . DG  B 1 10 ? 7.130   -5.143  7.363   1.00 10.68 ? 22   DG  B C2    1 
ATOM   443 N  N2    . DG  B 1 10 ? 6.298   -5.209  8.386   1.00 12.15 ? 22   DG  B N2    1 
ATOM   444 N  N3    . DG  B 1 10 ? 8.127   -4.251  7.408   1.00 11.84 ? 22   DG  B N3    1 
ATOM   445 C  C4    . DG  B 1 10 ? 8.947   -4.341  6.301   1.00 11.16 ? 22   DG  B C4    1 
ATOM   446 P  P     . DC  B 1 11 ? 12.944  -0.911  10.196  1.00 22.02 ? 23   DC  B P     1 
ATOM   447 O  OP1   . DC  B 1 11 ? 13.283  0.459   10.281  1.00 25.97 ? 23   DC  B OP1   1 
ATOM   448 O  OP2   . DC  B 1 11 ? 14.192  -1.789  9.842   1.00 29.59 ? 23   DC  B OP2   1 
ATOM   449 O  "O5'" . DC  B 1 11 ? 12.197  -1.468  11.467  1.00 20.43 ? 23   DC  B "O5'" 1 
ATOM   450 C  "C5'" . DC  B 1 11 ? 10.961  -0.954  11.884  1.00 21.67 ? 23   DC  B "C5'" 1 
ATOM   451 C  "C4'" . DC  B 1 11 ? 10.188  -2.051  12.598  1.00 19.10 ? 23   DC  B "C4'" 1 
ATOM   452 O  "O4'" . DC  B 1 11 ? 9.687   -2.966  11.572  1.00 20.16 ? 23   DC  B "O4'" 1 
ATOM   453 C  "C3'" . DC  B 1 11 ? 11.055  -2.894  13.501  1.00 20.58 ? 23   DC  B "C3'" 1 
ATOM   454 O  "O3'" . DC  B 1 11 ? 10.660  -2.962  14.820  1.00 22.74 ? 23   DC  B "O3'" 1 
ATOM   455 C  "C2'" . DC  B 1 11 ? 11.189  -4.168  12.866  1.00 23.66 ? 23   DC  B "C2'" 1 
ATOM   456 C  "C1'" . DC  B 1 11 ? 9.953   -4.295  11.940  1.00 21.14 ? 23   DC  B "C1'" 1 
ATOM   457 N  N1    . DC  B 1 11 ? 10.201  -5.034  10.669  1.00 16.31 ? 23   DC  B N1    1 
ATOM   458 C  C2    . DC  B 1 11 ? 9.354   -6.045  10.318  1.00 13.87 ? 23   DC  B C2    1 
ATOM   459 O  O2    . DC  B 1 11 ? 8.402   -6.351  11.061  1.00 15.06 ? 23   DC  B O2    1 
ATOM   460 N  N3    . DC  B 1 11 ? 9.630   -6.756  9.198   1.00 11.69 ? 23   DC  B N3    1 
ATOM   461 C  C4    . DC  B 1 11 ? 10.694  -6.408  8.474   1.00 12.36 ? 23   DC  B C4    1 
ATOM   462 N  N4    . DC  B 1 11 ? 10.905  -7.102  7.340   1.00 12.01 ? 23   DC  B N4    1 
ATOM   463 C  C5    . DC  B 1 11 ? 11.567  -5.382  8.869   1.00 13.48 ? 23   DC  B C5    1 
ATOM   464 C  C6    . DC  B 1 11 ? 11.276  -4.668  9.932   1.00 14.72 ? 23   DC  B C6    1 
ATOM   465 P  P     . DG  B 1 12 ? 11.472  -3.676  15.998  1.00 24.71 ? 24   DG  B P     1 
ATOM   466 O  OP1   . DG  B 1 12 ? 11.181  -2.867  17.204  1.00 27.68 ? 24   DG  B OP1   1 
ATOM   467 O  OP2   . DG  B 1 12 ? 12.807  -3.905  15.480  1.00 27.79 ? 24   DG  B OP2   1 
ATOM   468 O  "O5'" . DG  B 1 12 ? 10.790  -5.057  16.138  1.00 20.85 ? 24   DG  B "O5'" 1 
ATOM   469 C  "C5'" . DG  B 1 12 ? 9.428   -5.129  16.555  1.00 19.09 ? 24   DG  B "C5'" 1 
ATOM   470 C  "C4'" . DG  B 1 12 ? 8.874   -6.536  16.306  1.00 16.38 ? 24   DG  B "C4'" 1 
ATOM   471 O  "O4'" . DG  B 1 12 ? 8.821   -6.630  14.858  1.00 16.86 ? 24   DG  B "O4'" 1 
ATOM   472 C  "C3'" . DG  B 1 12 ? 9.725   -7.691  16.753  1.00 16.73 ? 24   DG  B "C3'" 1 
ATOM   473 O  "O3'" . DG  B 1 12 ? 9.518   -7.897  18.113  1.00 18.99 ? 24   DG  B "O3'" 1 
ATOM   474 C  "C2'" . DG  B 1 12 ? 9.177   -8.761  15.846  1.00 18.83 ? 24   DG  B "C2'" 1 
ATOM   475 C  "C1'" . DG  B 1 12 ? 8.954   -8.005  14.532  1.00 16.23 ? 24   DG  B "C1'" 1 
ATOM   476 N  N9    . DG  B 1 12 ? 9.990   -8.164  13.529  1.00 15.30 ? 24   DG  B N9    1 
ATOM   477 C  C8    . DG  B 1 12 ? 11.134  -7.421  13.412  1.00 16.18 ? 24   DG  B C8    1 
ATOM   478 N  N7    . DG  B 1 12 ? 11.815  -7.747  12.367  1.00 15.69 ? 24   DG  B N7    1 
ATOM   479 C  C5    . DG  B 1 12 ? 11.069  -8.718  11.711  1.00 13.96 ? 24   DG  B C5    1 
ATOM   480 C  C6    . DG  B 1 12 ? 11.274  -9.429  10.488  1.00 14.52 ? 24   DG  B C6    1 
ATOM   481 O  O6    . DG  B 1 12 ? 12.213  -9.316  9.696   1.00 15.83 ? 24   DG  B O6    1 
ATOM   482 N  N1    . DG  B 1 12 ? 10.241  -10.366 10.279  1.00 13.64 ? 24   DG  B N1    1 
ATOM   483 C  C2    . DG  B 1 12 ? 9.206   -10.620 11.113  1.00 13.89 ? 24   DG  B C2    1 
ATOM   484 N  N2    . DG  B 1 12 ? 8.346   -11.597 10.745  1.00 14.96 ? 24   DG  B N2    1 
ATOM   485 N  N3    . DG  B 1 12 ? 9.009   -9.952  12.228  1.00 13.54 ? 24   DG  B N3    1 
ATOM   486 C  C4    . DG  B 1 12 ? 9.954   -9.035  12.467  1.00 13.93 ? 24   DG  B C4    1 
HETATM 487 MG MG    . MG  C 2 .  ? 9.309   -10.095 2.186   1.00 11.28 ? 3001 MG  A MG    1 
HETATM 488 MG MG    . MG  D 2 .  ? 7.644   1.114   14.493  0.50 21.19 ? 3002 MG  B MG    1 
HETATM 489 MG MG    . MG  E 2 .  ? -10.799 9.529   -17.440 0.25 15.29 ? 3003 MG  B MG    1 
HETATM 490 C  C1    . D98 F 3 .  ? 7.871   4.057   3.024   1.00 24.39 ? 1025 D98 B C1    1 
HETATM 491 C  C2    . D98 F 3 .  ? 7.381   3.827   1.735   1.00 18.02 ? 1025 D98 B C2    1 
HETATM 492 C  C3    . D98 F 3 .  ? 6.571   2.750   1.399   1.00 17.86 ? 1025 D98 B C3    1 
HETATM 493 C  C4    . D98 F 3 .  ? 6.216   1.848   2.388   1.00 16.08 ? 1025 D98 B C4    1 
HETATM 494 C  C5    . D98 F 3 .  ? 6.746   2.033   3.681   1.00 21.00 ? 1025 D98 B C5    1 
HETATM 495 C  C6    . D98 F 3 .  ? 7.591   3.125   4.050   1.00 24.80 ? 1025 D98 B C6    1 
HETATM 496 C  C7    . D98 F 3 .  ? 6.039   2.584   0.092   1.00 16.45 ? 1025 D98 B C7    1 
HETATM 497 C  C8    . D98 F 3 .  ? 4.822   1.998   -0.033  1.00 18.63 ? 1025 D98 B C8    1 
HETATM 498 C  C9    . D98 F 3 .  ? 4.258   1.723   -1.183  1.00 23.07 ? 1025 D98 B C9    1 
HETATM 499 C  C10   . D98 F 3 .  ? 4.803   2.070   -2.314  1.00 20.97 ? 1025 D98 B C10   1 
HETATM 500 C  C11   . D98 F 3 .  ? 6.054   2.673   -2.330  1.00 20.08 ? 1025 D98 B C11   1 
HETATM 501 C  C12   . D98 F 3 .  ? 6.739   2.939   -1.076  1.00 18.61 ? 1025 D98 B C12   1 
HETATM 502 C  C13   . D98 F 3 .  ? 4.100   1.791   -3.530  1.00 21.12 ? 1025 D98 B C13   1 
HETATM 503 N  N14   . D98 F 3 .  ? 4.596   1.826   -4.742  1.00 25.85 ? 1025 D98 B N14   1 
HETATM 504 C  C15   . D98 F 3 .  ? 3.630   1.456   -5.641  1.00 22.17 ? 1025 D98 B C15   1 
HETATM 505 C  C16   . D98 F 3 .  ? 2.464   1.146   -4.954  1.00 21.29 ? 1025 D98 B C16   1 
HETATM 506 N  N17   . D98 F 3 .  ? 2.833   1.355   -3.660  1.00 23.74 ? 1025 D98 B N17   1 
HETATM 507 C  C18   . D98 F 3 .  ? 1.341   0.715   -5.664  1.00 22.69 ? 1025 D98 B C18   1 
HETATM 508 C  C19   . D98 F 3 .  ? 3.742   1.376   -6.989  1.00 28.09 ? 1025 D98 B C19   1 
HETATM 509 C  C20   . D98 F 3 .  ? 2.649   0.990   -7.670  1.00 25.03 ? 1025 D98 B C20   1 
HETATM 510 C  C21   . D98 F 3 .  ? 1.421   0.658   -7.076  1.00 22.71 ? 1025 D98 B C21   1 
HETATM 511 C  C22   . D98 F 3 .  ? 0.328   0.287   -7.937  1.00 25.24 ? 1025 D98 B C22   1 
HETATM 512 N  N24   . D98 F 3 .  ? -0.913  0.619   -7.532  1.00 23.15 ? 1025 D98 B N24   1 
HETATM 513 N  N23   . D98 F 3 .  ? 0.544   -0.356  -9.124  1.00 28.78 ? 1025 D98 B N23   1 
HETATM 514 C  C25   . D98 F 3 .  ? 8.126   3.312   5.356   1.00 27.52 ? 1025 D98 B C25   1 
HETATM 515 N  N26   . D98 F 3 .  ? 7.630   2.706   6.460   1.00 27.69 ? 1025 D98 B N26   1 
HETATM 516 N  N27   . D98 F 3 .  ? 9.341   3.970   5.567   1.00 30.92 ? 1025 D98 B N27   1 
HETATM 517 O  OAE   . D98 F 3 .  ? 7.721   4.822   0.778   1.00 25.13 ? 1025 D98 B OAE   1 
HETATM 518 O  O     . HOH G 4 .  ? 12.313  -15.392 7.474   1.00 22.99 ? 2001 HOH A O     1 
HETATM 519 O  O     A HOH G 4 .  ? 12.739  -9.339  4.266   0.50 12.35 ? 2002 HOH A O     1 
HETATM 520 O  O     B HOH G 4 .  ? 12.730  -8.344  4.396   0.50 19.18 ? 2002 HOH A O     1 
HETATM 521 O  O     . HOH G 4 .  ? 15.539  -10.085 6.542   1.00 36.10 ? 2003 HOH A O     1 
HETATM 522 O  O     . HOH G 4 .  ? 10.012  -9.331  4.024   1.00 11.83 ? 2004 HOH A O     1 
HETATM 523 O  O     . HOH G 4 .  ? 14.119  -11.546 9.294   1.00 33.99 ? 2005 HOH A O     1 
HETATM 524 O  O     . HOH G 4 .  ? 7.790   -20.853 5.779   1.00 48.04 ? 2006 HOH A O     1 
HETATM 525 O  O     . HOH G 4 .  ? 13.987  -13.492 7.017   1.00 27.90 ? 2007 HOH A O     1 
HETATM 526 O  O     . HOH G 4 .  ? 13.304  -6.853  3.289   0.50 15.15 ? 2008 HOH A O     1 
HETATM 527 O  O     . HOH G 4 .  ? 13.528  -11.478 2.392   1.00 18.16 ? 2009 HOH A O     1 
HETATM 528 O  O     . HOH G 4 .  ? 15.363  -7.472  7.150   1.00 40.68 ? 2010 HOH A O     1 
HETATM 529 O  O     . HOH G 4 .  ? 18.053  -12.331 6.875   1.00 40.75 ? 2011 HOH A O     1 
HETATM 530 O  O     . HOH G 4 .  ? 2.559   -12.859 3.136   1.00 28.53 ? 2012 HOH A O     1 
HETATM 531 O  O     . HOH G 4 .  ? 6.069   -11.850 0.245   1.00 20.96 ? 2013 HOH A O     1 
HETATM 532 O  O     . HOH G 4 .  ? -3.621  -17.113 10.803  1.00 30.43 ? 2014 HOH A O     1 
HETATM 533 O  O     . HOH G 4 .  ? -1.157  -9.859  5.410   1.00 44.66 ? 2015 HOH A O     1 
HETATM 534 O  O     . HOH G 4 .  ? -6.745  -6.147  8.026   1.00 29.44 ? 2016 HOH A O     1 
HETATM 535 O  O     . HOH G 4 .  ? 5.206   1.152   9.438   1.00 25.06 ? 2017 HOH A O     1 
HETATM 536 O  O     . HOH G 4 .  ? 3.928   -0.526  12.376  1.00 27.79 ? 2018 HOH A O     1 
HETATM 537 O  O     . HOH G 4 .  ? 7.182   4.362   10.065  1.00 44.48 ? 2019 HOH A O     1 
HETATM 538 O  O     . HOH G 4 .  ? 1.954   4.176   13.849  1.00 36.26 ? 2020 HOH A O     1 
HETATM 539 O  O     . HOH G 4 .  ? 10.150  8.449   4.743   1.00 43.13 ? 2021 HOH A O     1 
HETATM 540 O  O     . HOH G 4 .  ? 7.526   6.094   8.079   1.00 41.05 ? 2022 HOH A O     1 
HETATM 541 O  O     . HOH G 4 .  ? -1.698  8.577   3.286   1.00 24.56 ? 2023 HOH A O     1 
HETATM 542 O  O     . HOH G 4 .  ? -4.768  5.410   4.749   1.00 37.88 ? 2024 HOH A O     1 
HETATM 543 O  O     . HOH G 4 .  ? 19.542  -10.110 7.039   1.00 46.71 ? 2025 HOH A O     1 
HETATM 544 O  O     . HOH G 4 .  ? 2.796   -10.059 -1.700  1.00 37.37 ? 2026 HOH A O     1 
HETATM 545 O  O     . HOH G 4 .  ? 4.711   -14.260 3.703   1.00 19.05 ? 2027 HOH A O     1 
HETATM 546 O  O     . HOH G 4 .  ? 8.044   -11.394 3.168   1.00 12.80 ? 2028 HOH A O     1 
HETATM 547 O  O     . HOH G 4 .  ? -1.118  10.175  -3.253  1.00 27.97 ? 2029 HOH A O     1 
HETATM 548 O  O     A HOH G 4 .  ? -6.313  0.552   10.592  0.50 25.22 ? 2030 HOH A O     1 
HETATM 549 O  O     B HOH G 4 .  ? -6.340  0.984   12.312  0.50 31.46 ? 2030 HOH A O     1 
HETATM 550 O  O     . HOH G 4 .  ? -0.102  9.510   0.410   1.00 29.05 ? 2031 HOH A O     1 
HETATM 551 O  O     . HOH G 4 .  ? -4.967  8.957   -1.352  1.00 28.20 ? 2032 HOH A O     1 
HETATM 552 O  O     . HOH G 4 .  ? -3.809  11.082  -5.603  1.00 38.86 ? 2033 HOH A O     1 
HETATM 553 O  O     . HOH G 4 .  ? 2.848   3.187   -15.821 1.00 33.91 ? 2034 HOH A O     1 
HETATM 554 O  O     . HOH G 4 .  ? -1.648  12.036  -10.433 1.00 36.36 ? 2035 HOH A O     1 
HETATM 555 O  O     . HOH G 4 .  ? -3.384  10.940  -9.505  1.00 30.45 ? 2036 HOH A O     1 
HETATM 556 O  O     . HOH G 4 .  ? -4.686  12.558  -9.997  1.00 38.39 ? 2037 HOH A O     1 
HETATM 557 O  O     . HOH G 4 .  ? -3.054  4.149   -17.370 1.00 47.91 ? 2038 HOH A O     1 
HETATM 558 O  O     . HOH G 4 .  ? -6.844  11.392  -12.579 1.00 40.49 ? 2039 HOH A O     1 
HETATM 559 O  O     . HOH G 4 .  ? -10.217 -4.364  -11.892 1.00 47.41 ? 2040 HOH A O     1 
HETATM 560 O  O     . HOH G 4 .  ? -3.012  -14.385 10.261  1.00 19.59 ? 2041 HOH A O     1 
HETATM 561 O  O     . HOH G 4 .  ? -0.330  -17.075 9.034   1.00 28.44 ? 2042 HOH A O     1 
HETATM 562 O  O     . HOH G 4 .  ? 0.529   -12.089 4.916   1.00 32.85 ? 2043 HOH A O     1 
HETATM 563 O  O     . HOH G 4 .  ? -2.258  -15.196 6.151   1.00 36.65 ? 2044 HOH A O     1 
HETATM 564 O  O     . HOH G 4 .  ? 8.005   -8.515  2.234   1.00 13.70 ? 2045 HOH A O     1 
HETATM 565 O  O     . HOH G 4 .  ? 5.664   -7.868  0.869   1.00 16.50 ? 2046 HOH A O     1 
HETATM 566 O  O     . HOH G 4 .  ? 3.812   -10.140 1.868   1.00 26.86 ? 2047 HOH A O     1 
HETATM 567 O  O     . HOH G 4 .  ? 1.035   -16.462 5.137   1.00 37.58 ? 2048 HOH A O     1 
HETATM 568 O  O     . HOH G 4 .  ? -5.440  -6.120  10.809  1.00 38.32 ? 2049 HOH A O     1 
HETATM 569 O  O     . HOH G 4 .  ? -5.372  -9.978  10.295  1.00 37.45 ? 2050 HOH A O     1 
HETATM 570 O  O     A HOH G 4 .  ? -3.383  -5.805  6.250   0.50 27.13 ? 2051 HOH A O     1 
HETATM 571 O  O     B HOH G 4 .  ? -3.457  -5.149  7.294   0.50 28.22 ? 2051 HOH A O     1 
HETATM 572 O  O     . HOH G 4 .  ? -3.002  -10.477 7.011   1.00 31.22 ? 2052 HOH A O     1 
HETATM 573 O  O     . HOH G 4 .  ? -2.110  -3.630  5.009   1.00 31.63 ? 2053 HOH A O     1 
HETATM 574 O  O     . HOH G 4 .  ? -0.337  -7.376  4.597   1.00 41.21 ? 2054 HOH A O     1 
HETATM 575 O  O     . HOH G 4 .  ? 1.531   -8.248  2.806   1.00 32.02 ? 2055 HOH A O     1 
HETATM 576 O  O     . HOH G 4 .  ? 4.233   -1.653  9.769   1.00 21.25 ? 2056 HOH A O     1 
HETATM 577 O  O     . HOH G 4 .  ? 1.292   -3.490  13.877  1.00 32.00 ? 2057 HOH A O     1 
HETATM 578 O  O     . HOH G 4 .  ? -1.494  2.809   12.758  1.00 31.35 ? 2058 HOH A O     1 
HETATM 579 O  O     . HOH G 4 .  ? -3.343  -0.953  8.059   1.00 48.84 ? 2059 HOH A O     1 
HETATM 580 O  O     . HOH G 4 .  ? 5.155   3.530   10.805  1.00 27.79 ? 2060 HOH A O     1 
HETATM 581 O  O     . HOH G 4 .  ? 4.035   2.297   12.602  1.00 26.36 ? 2061 HOH A O     1 
HETATM 582 O  O     . HOH G 4 .  ? 5.237   1.196   6.741   1.00 24.14 ? 2062 HOH A O     1 
HETATM 583 O  O     . HOH G 4 .  ? 0.725   8.022   9.230   1.00 13.48 ? 2063 HOH A O     1 
HETATM 584 O  O     . HOH G 4 .  ? 3.652   7.884   8.607   1.00 13.53 ? 2064 HOH A O     1 
HETATM 585 O  O     . HOH G 4 .  ? -0.024  5.036   12.231  1.00 27.34 ? 2065 HOH A O     1 
HETATM 586 O  O     . HOH G 4 .  ? -0.780  4.980   6.862   1.00 22.61 ? 2066 HOH A O     1 
HETATM 587 O  O     . HOH G 4 .  ? 7.547   6.755   5.235   1.00 25.52 ? 2067 HOH A O     1 
HETATM 588 O  O     . HOH G 4 .  ? -3.118  1.189   5.246   1.00 27.41 ? 2068 HOH A O     1 
HETATM 589 O  O     . HOH G 4 .  ? -3.725  -0.959  3.972   1.00 29.11 ? 2069 HOH A O     1 
HETATM 590 O  O     . HOH G 4 .  ? 4.852   7.073   12.300  1.00 22.48 ? 2070 HOH A O     1 
HETATM 591 O  O     . HOH G 4 .  ? 7.271   8.955   1.775   1.00 25.20 ? 2071 HOH A O     1 
HETATM 592 O  O     . HOH G 4 .  ? 5.740   9.869   5.993   1.00 14.83 ? 2072 HOH A O     1 
HETATM 593 O  O     . HOH G 4 .  ? 1.584   8.433   6.530   1.00 12.14 ? 2073 HOH A O     1 
HETATM 594 O  O     . HOH G 4 .  ? 0.717   7.925   2.303   1.00 18.71 ? 2074 HOH A O     1 
HETATM 595 O  O     . HOH G 4 .  ? 7.989   6.198   -2.274  1.00 45.23 ? 2075 HOH A O     1 
HETATM 596 O  O     . HOH G 4 .  ? -4.291  2.706   3.021   1.00 24.84 ? 2076 HOH A O     1 
HETATM 597 O  O     . HOH G 4 .  ? 1.245   8.817   -4.254  1.00 26.62 ? 2077 HOH A O     1 
HETATM 598 O  O     . HOH G 4 .  ? 1.079   9.783   -1.992  1.00 35.63 ? 2078 HOH A O     1 
HETATM 599 O  O     . HOH G 4 .  ? 6.403   8.258   -6.161  1.00 36.36 ? 2079 HOH A O     1 
HETATM 600 O  O     . HOH G 4 .  ? -4.351  6.280   0.115   1.00 24.34 ? 2080 HOH A O     1 
HETATM 601 O  O     . HOH G 4 .  ? 2.537   9.679   -10.990 1.00 39.42 ? 2081 HOH A O     1 
HETATM 602 O  O     . HOH G 4 .  ? -0.607  8.269   -10.557 1.00 45.98 ? 2082 HOH A O     1 
HETATM 603 O  O     . HOH G 4 .  ? 1.832   9.576   -6.692  1.00 40.61 ? 2083 HOH A O     1 
HETATM 604 O  O     . HOH G 4 .  ? -0.447  0.063   -13.467 1.00 40.77 ? 2084 HOH A O     1 
HETATM 605 O  O     A HOH G 4 .  ? -4.086  0.101   -7.757  0.50 18.75 ? 2085 HOH A O     1 
HETATM 606 O  O     B HOH G 4 .  ? -5.256  -0.617  -8.025  0.50 19.97 ? 2085 HOH A O     1 
HETATM 607 O  O     . HOH G 4 .  ? -3.644  9.010   -3.761  1.00 21.29 ? 2086 HOH A O     1 
HETATM 608 O  O     . HOH G 4 .  ? -2.252  6.789   -13.563 1.00 28.89 ? 2087 HOH A O     1 
HETATM 609 O  O     . HOH G 4 .  ? 2.010   5.435   -13.996 1.00 41.99 ? 2088 HOH A O     1 
HETATM 610 O  O     . HOH G 4 .  ? -7.370  1.881   -9.871  1.00 24.82 ? 2089 HOH A O     1 
HETATM 611 O  O     . HOH G 4 .  ? -8.530  5.088   -16.557 1.00 34.18 ? 2090 HOH A O     1 
HETATM 612 O  O     . HOH G 4 .  ? -2.756  9.189   -9.684  1.00 29.49 ? 2091 HOH A O     1 
HETATM 613 O  O     . HOH G 4 .  ? -4.845  10.499  -7.816  1.00 28.30 ? 2092 HOH A O     1 
HETATM 614 O  O     . HOH G 4 .  ? -3.712  1.173   -16.991 1.00 41.52 ? 2093 HOH A O     1 
HETATM 615 O  O     . HOH G 4 .  ? -7.280  9.055   -13.921 1.00 34.54 ? 2094 HOH A O     1 
HETATM 616 O  O     . HOH G 4 .  ? -14.823 -0.134  -15.335 1.00 34.00 ? 2095 HOH A O     1 
HETATM 617 O  O     . HOH G 4 .  ? -10.811 -3.236  -14.581 1.00 38.63 ? 2096 HOH A O     1 
HETATM 618 O  O     . HOH G 4 .  ? -11.521 5.269   -16.322 1.00 23.81 ? 2097 HOH A O     1 
HETATM 619 O  O     . HOH G 4 .  ? -10.024 8.608   -15.678 1.00 27.25 ? 2098 HOH A O     1 
HETATM 620 O  O     . HOH H 4 .  ? 3.155   1.141   -12.177 1.00 41.73 ? 2001 HOH B O     1 
HETATM 621 O  O     . HOH H 4 .  ? -7.277  16.574  -7.895  1.00 48.25 ? 2002 HOH B O     1 
HETATM 622 O  O     . HOH H 4 .  ? -4.563  14.615  -4.509  1.00 40.93 ? 2003 HOH B O     1 
HETATM 623 O  O     . HOH H 4 .  ? -11.983 -0.699  1.911   1.00 38.50 ? 2004 HOH B O     1 
HETATM 624 O  O     . HOH H 4 .  ? -8.779  -2.454  -9.982  1.00 35.26 ? 2005 HOH B O     1 
HETATM 625 O  O     . HOH H 4 .  ? -4.569  -6.268  0.386   1.00 45.12 ? 2006 HOH B O     1 
HETATM 626 O  O     . HOH H 4 .  ? 1.092   -6.702  -4.334  1.00 28.61 ? 2007 HOH B O     1 
HETATM 627 O  O     . HOH H 4 .  ? 4.623   -9.031  -3.315  1.00 28.78 ? 2008 HOH B O     1 
HETATM 628 O  O     . HOH H 4 .  ? 0.857   -8.261  -1.703  1.00 27.34 ? 2009 HOH B O     1 
HETATM 629 O  O     . HOH H 4 .  ? 7.834   0.004   10.364  1.00 37.80 ? 2010 HOH B O     1 
HETATM 630 O  O     . HOH H 4 .  ? 15.045  -3.527  5.321   1.00 29.98 ? 2011 HOH B O     1 
HETATM 631 O  O     . HOH H 4 .  ? 14.324  4.536   11.413  1.00 41.70 ? 2012 HOH B O     1 
HETATM 632 O  O     . HOH H 4 .  ? 9.385   2.058   10.266  1.00 45.37 ? 2013 HOH B O     1 
HETATM 633 O  O     . HOH H 4 .  ? 13.095  0.766   14.719  1.00 36.06 ? 2014 HOH B O     1 
HETATM 634 O  O     . HOH H 4 .  ? 8.463   0.559   18.745  1.00 46.25 ? 2015 HOH B O     1 
HETATM 635 O  O     . HOH H 4 .  ? 16.850  -5.071  3.652   1.00 31.11 ? 2016 HOH B O     1 
HETATM 636 O  O     . HOH H 4 .  ? -12.487 10.178  -16.285 0.50 18.30 ? 2017 HOH B O     1 
HETATM 637 O  O     . HOH H 4 .  ? -10.952 17.400  -11.527 1.00 37.04 ? 2018 HOH B O     1 
HETATM 638 O  O     . HOH H 4 .  ? -12.284 19.993  -10.059 1.00 36.68 ? 2019 HOH B O     1 
HETATM 639 O  O     . HOH H 4 .  ? -8.821  18.177  -10.893 1.00 46.37 ? 2020 HOH B O     1 
HETATM 640 O  O     . HOH H 4 .  ? -11.291 16.997  -1.132  1.00 39.23 ? 2021 HOH B O     1 
HETATM 641 O  O     . HOH H 4 .  ? -13.842 16.973  -4.125  1.00 34.01 ? 2022 HOH B O     1 
HETATM 642 O  O     . HOH H 4 .  ? -8.513  12.778  -2.110  1.00 36.94 ? 2023 HOH B O     1 
HETATM 643 O  O     . HOH H 4 .  ? -7.097  14.518  -5.671  0.50 22.66 ? 2024 HOH B O     1 
HETATM 644 O  O     . HOH H 4 .  ? -6.933  11.897  -6.731  1.00 25.29 ? 2025 HOH B O     1 
HETATM 645 O  O     . HOH H 4 .  ? -7.309  11.134  -10.014 1.00 33.71 ? 2026 HOH B O     1 
HETATM 646 O  O     . HOH H 4 .  ? -9.404  8.548   0.217   1.00 30.08 ? 2027 HOH B O     1 
HETATM 647 O  O     . HOH H 4 .  ? -15.539 5.379   1.886   1.00 44.64 ? 2028 HOH B O     1 
HETATM 648 O  O     . HOH H 4 .  ? -6.370  11.262  -3.329  1.00 36.74 ? 2029 HOH B O     1 
HETATM 649 O  O     . HOH H 4 .  ? -16.260 1.982   0.710   1.00 39.45 ? 2030 HOH B O     1 
HETATM 650 O  O     . HOH H 4 .  ? -9.260  2.601   2.127   1.00 36.37 ? 2031 HOH B O     1 
HETATM 651 O  O     . HOH H 4 .  ? -14.720 -1.990  -2.990  1.00 28.91 ? 2032 HOH B O     1 
HETATM 652 O  O     . HOH H 4 .  ? -7.182  4.924   0.363   1.00 35.52 ? 2033 HOH B O     1 
HETATM 653 O  O     . HOH H 4 .  ? -6.540  7.212   -0.890  1.00 38.24 ? 2034 HOH B O     1 
HETATM 654 O  O     . HOH H 4 .  ? -10.994 -6.488  -3.805  1.00 40.98 ? 2035 HOH B O     1 
HETATM 655 O  O     . HOH H 4 .  ? -13.776 -5.289  -3.939  1.00 34.31 ? 2036 HOH B O     1 
HETATM 656 O  O     . HOH H 4 .  ? -8.049  -3.999  -0.396  1.00 43.16 ? 2037 HOH B O     1 
HETATM 657 O  O     . HOH H 4 .  ? -9.327  -1.712  1.773   1.00 45.25 ? 2038 HOH B O     1 
HETATM 658 O  O     . HOH H 4 .  ? -8.071  -0.414  -8.649  1.00 26.16 ? 2039 HOH B O     1 
HETATM 659 O  O     . HOH H 4 .  ? -7.132  0.063   0.721   1.00 34.70 ? 2040 HOH B O     1 
HETATM 660 O  O     . HOH H 4 .  ? -6.470  2.386   1.368   1.00 34.40 ? 2041 HOH B O     1 
HETATM 661 O  O     . HOH H 4 .  ? -10.284 -7.005  -8.235  1.00 46.49 ? 2042 HOH B O     1 
HETATM 662 O  O     . HOH H 4 .  ? -4.605  -6.295  -3.876  1.00 29.39 ? 2043 HOH B O     1 
HETATM 663 O  O     . HOH H 4 .  ? -5.216  -3.498  -0.109  1.00 31.36 ? 2044 HOH B O     1 
HETATM 664 O  O     . HOH H 4 .  ? -4.852  -1.755  1.611   1.00 29.06 ? 2045 HOH B O     1 
HETATM 665 O  O     . HOH H 4 .  ? -2.334  -7.780  -5.127  1.00 37.46 ? 2046 HOH B O     1 
HETATM 666 O  O     . HOH H 4 .  ? 2.262   -7.709  -7.357  1.00 44.52 ? 2047 HOH B O     1 
HETATM 667 O  O     . HOH H 4 .  ? 6.106   -1.208  -8.722  1.00 49.95 ? 2048 HOH B O     1 
HETATM 668 O  O     . HOH H 4 .  ? -2.867  -4.771  1.388   1.00 35.68 ? 2049 HOH B O     1 
HETATM 669 O  O     . HOH H 4 .  ? 6.926   -5.497  -3.031  1.00 19.04 ? 2050 HOH B O     1 
HETATM 670 O  O     . HOH H 4 .  ? 3.722   -7.128  -5.140  1.00 26.11 ? 2051 HOH B O     1 
HETATM 671 O  O     . HOH H 4 .  ? 0.776   -6.827  0.747   1.00 25.04 ? 2052 HOH B O     1 
HETATM 672 O  O     . HOH H 4 .  ? 9.077   -2.478  -7.035  1.00 30.32 ? 2053 HOH B O     1 
HETATM 673 O  O     . HOH H 4 .  ? 11.045  -3.946  -0.099  1.00 27.11 ? 2054 HOH B O     1 
HETATM 674 O  O     . HOH H 4 .  ? 11.092  4.467   3.372   1.00 29.22 ? 2055 HOH B O     1 
HETATM 675 O  O     . HOH H 4 .  ? 7.165   -0.643  6.952   1.00 27.87 ? 2056 HOH B O     1 
HETATM 676 O  O     . HOH H 4 .  ? 9.625   3.349   -3.623  0.50 29.98 ? 2057 HOH B O     1 
HETATM 677 O  O     A HOH H 4 .  ? -4.088  -12.077 8.945   0.50 18.86 ? 2058 HOH B O     1 
HETATM 678 O  O     B HOH H 4 .  ? -4.544  -11.870 7.387   0.50 18.83 ? 2058 HOH B O     1 
HETATM 679 O  O     . HOH H 4 .  ? 14.096  -2.773  -2.741  1.00 32.14 ? 2060 HOH B O     1 
HETATM 680 O  O     . HOH H 4 .  ? 12.487  4.673   6.138   0.50 23.51 ? 2061 HOH B O     1 
HETATM 681 O  O     . HOH H 4 .  ? 13.372  -2.501  3.577   1.00 16.87 ? 2062 HOH B O     1 
HETATM 682 O  O     . HOH H 4 .  ? 8.221   -2.171  9.427   1.00 21.38 ? 2063 HOH B O     1 
HETATM 683 O  O     . HOH H 4 .  ? 10.889  -6.193  2.082   1.00 14.53 ? 2064 HOH B O     1 
HETATM 684 O  O     . HOH H 4 .  ? 12.467  2.941   8.704   1.00 34.45 ? 2065 HOH B O     1 
HETATM 685 O  O     . HOH H 4 .  ? 14.818  -4.407  9.952   1.00 32.04 ? 2066 HOH B O     1 
HETATM 686 O  O     . HOH H 4 .  ? 8.721   -0.653  15.251  1.00 29.60 ? 2067 HOH B O     1 
HETATM 687 O  O     . HOH H 4 .  ? 11.569  -0.175  16.730  1.00 44.91 ? 2068 HOH B O     1 
HETATM 688 O  O     . HOH H 4 .  ? 13.425  -6.110  5.915   1.00 19.66 ? 2069 HOH B O     1 
HETATM 689 O  O     . HOH H 4 .  ? 15.540  1.817   10.330  1.00 27.88 ? 2070 HOH B O     1 
HETATM 690 O  O     . HOH H 4 .  ? 8.338   -2.626  18.537  1.00 39.58 ? 2071 HOH B O     1 
HETATM 691 O  O     . HOH H 4 .  ? 14.029  -6.114  11.958  1.00 25.74 ? 2072 HOH B O     1 
HETATM 692 O  O     . HOH H 4 .  ? 14.518  -8.053  9.684   1.00 37.36 ? 2073 HOH B O     1 
HETATM 693 O  O     . HOH H 4 .  ? 7.453   2.507   -5.803  1.00 38.81 ? 2074 HOH B O     1 
HETATM 694 O  O     . HOH H 4 .  ? 2.505   -0.774  -9.857  1.00 37.74 ? 2075 HOH B O     1 
HETATM 695 O  O     . HOH H 4 .  ? 9.070   6.981   1.464   1.00 32.89 ? 2076 HOH B O     1 
HETATM 696 O  O     . HOH H 4 .  ? 9.155   1.524   13.348  1.00 39.37 ? 2077 HOH B O     1 
HETATM 697 O  O     . HOH H 4 .  ? 8.711   2.204   16.357  1.00 38.50 ? 2078 HOH B O     1 
HETATM 698 O  O     . HOH H 4 .  ? 6.219   0.650   15.825  1.00 30.48 ? 2079 HOH B O     1 
HETATM 699 O  O     . HOH H 4 .  ? 6.727   -0.196  13.069  1.00 29.16 ? 2080 HOH B O     1 
HETATM 700 O  O     . HOH H 4 .  ? 6.385   2.602   14.038  1.00 37.77 ? 2081 HOH B O     1 
HETATM 701 O  O     . HOH H 4 .  ? -11.832 7.585   -17.885 1.00 33.94 ? 2082 HOH B O     1 
HETATM 702 O  O     . HOH H 4 .  ? -8.475  9.318   -16.312 0.50 24.11 ? 2083 HOH B O     1 
# 
loop_
_atom_site_anisotrop.id 
_atom_site_anisotrop.type_symbol 
_atom_site_anisotrop.pdbx_label_atom_id 
_atom_site_anisotrop.pdbx_label_alt_id 
_atom_site_anisotrop.pdbx_label_comp_id 
_atom_site_anisotrop.pdbx_label_asym_id 
_atom_site_anisotrop.pdbx_label_seq_id 
_atom_site_anisotrop.pdbx_PDB_ins_code 
_atom_site_anisotrop.U[1][1] 
_atom_site_anisotrop.U[2][2] 
_atom_site_anisotrop.U[3][3] 
_atom_site_anisotrop.U[1][2] 
_atom_site_anisotrop.U[1][3] 
_atom_site_anisotrop.U[2][3] 
_atom_site_anisotrop.pdbx_auth_seq_id 
_atom_site_anisotrop.pdbx_auth_comp_id 
_atom_site_anisotrop.pdbx_auth_asym_id 
_atom_site_anisotrop.pdbx_auth_atom_id 
1   O "O5'" . DC A 1  ? 0.3225 0.3122 0.3471 0.0126  0.0578  -0.0123 1  DC A "O5'" 
2   C "C5'" . DC A 1  ? 0.2276 0.2655 0.2263 0.0449  0.0014  -0.0251 1  DC A "C5'" 
3   C "C4'" . DC A 1  ? 0.2660 0.2122 0.1866 -0.0108 -0.0053 0.0135  1  DC A "C4'" 
4   O "O4'" . DC A 1  ? 0.2967 0.2015 0.1953 0.0242  -0.0608 0.0006  1  DC A "O4'" 
5   C "C3'" . DC A 1  ? 0.2490 0.2370 0.1505 0.0050  0.0269  -0.0041 1  DC A "C3'" 
6   O "O3'" . DC A 1  ? 0.2658 0.2389 0.2092 -0.0070 0.0153  -0.0120 1  DC A "O3'" 
7   C "C2'" . DC A 1  ? 0.2379 0.1907 0.2132 0.0311  0.0194  -0.0181 1  DC A "C2'" 
8   C "C1'" . DC A 1  ? 0.2753 0.1735 0.1328 0.0208  0.0099  0.0276  1  DC A "C1'" 
9   N N1    . DC A 1  ? 0.2565 0.1769 0.1497 0.0156  0.0226  0.0120  1  DC A N1    
10  C C2    . DC A 1  ? 0.2721 0.1877 0.1643 0.0121  0.0449  -0.0205 1  DC A C2    
11  O O2    . DC A 1  ? 0.3557 0.2129 0.1765 -0.0067 0.0744  -0.0307 1  DC A O2    
12  N N3    . DC A 1  ? 0.2629 0.1701 0.1428 0.0309  0.0056  0.0224  1  DC A N3    
13  C C4    . DC A 1  ? 0.2024 0.2023 0.1524 0.0396  -0.0121 0.0094  1  DC A C4    
14  N N4    . DC A 1  ? 0.2159 0.2191 0.1891 0.0275  0.0027  0.0200  1  DC A N4    
15  C C5    . DC A 1  ? 0.2390 0.2066 0.1556 0.0252  -0.0121 0.0414  1  DC A C5    
16  C C6    . DC A 1  ? 0.2444 0.1669 0.1389 0.0280  0.0186  0.0200  1  DC A C6    
17  P P     . DG A 2  ? 0.3239 0.2365 0.2433 -0.0350 0.0152  0.0004  2  DG A P     
18  O OP1   . DG A 2  ? 0.3174 0.2813 0.3605 -0.0724 0.0288  0.0124  2  DG A OP1   
19  O OP2   . DG A 2  ? 0.2810 0.2939 0.2911 -0.0391 -0.0217 0.0354  2  DG A OP2   
20  O "O5'" . DG A 2  ? 0.2955 0.2718 0.2309 0.0212  0.0242  -0.0170 2  DG A "O5'" 
21  C "C5'" . DG A 2  ? 0.2501 0.2517 0.2196 0.0094  0.0458  0.0310  2  DG A "C5'" 
22  C "C4'" . DG A 2  ? 0.1808 0.2104 0.1850 -0.0624 0.0422  0.0554  2  DG A "C4'" 
23  O "O4'" . DG A 2  ? 0.1633 0.2183 0.1927 -0.0564 0.0024  0.0769  2  DG A "O4'" 
24  C "C3'" . DG A 2  ? 0.1815 0.1957 0.1666 -0.0716 0.0394  0.0151  2  DG A "C3'" 
25  O "O3'" . DG A 2  ? 0.1910 0.2386 0.1946 -0.0662 0.0401  0.0139  2  DG A "O3'" 
26  C "C2'" . DG A 2  ? 0.1684 0.1895 0.1599 -0.0483 0.0116  0.0162  2  DG A "C2'" 
27  C "C1'" . DG A 2  ? 0.1376 0.1818 0.1581 -0.0448 0.0100  0.0209  2  DG A "C1'" 
28  N N9    . DG A 2  ? 0.1488 0.1787 0.1242 -0.0250 0.0115  0.0039  2  DG A N9    
29  C C8    . DG A 2  ? 0.1475 0.1352 0.1544 -0.0117 0.0042  0.0084  2  DG A C8    
30  N N7    . DG A 2  ? 0.1266 0.1341 0.1331 -0.0090 0.0303  0.0191  2  DG A N7    
31  C C5    . DG A 2  ? 0.1044 0.1304 0.1266 -0.0160 0.0194  0.0059  2  DG A C5    
32  C C6    . DG A 2  ? 0.1294 0.1172 0.1520 -0.0205 0.0122  0.0246  2  DG A C6    
33  O O6    . DG A 2  ? 0.1289 0.1276 0.1608 -0.0286 0.0363  0.0041  2  DG A O6    
34  N N1    . DG A 2  ? 0.1285 0.1344 0.1329 -0.0185 0.0329  0.0238  2  DG A N1    
35  C C2    . DG A 2  ? 0.1335 0.1175 0.1493 -0.0196 0.0138  0.0231  2  DG A C2    
36  N N2    . DG A 2  ? 0.1529 0.1544 0.1312 -0.0146 0.0257  0.0022  2  DG A N2    
37  N N3    . DG A 2  ? 0.1358 0.1582 0.1340 -0.0206 0.0181  0.0228  2  DG A N3    
38  C C4    . DG A 2  ? 0.1322 0.1443 0.1268 -0.0064 0.0134  0.0277  2  DG A C4    
39  P P     . DC A 3  ? 0.1769 0.2569 0.2162 -0.0912 0.0149  0.0048  3  DC A P     
40  O OP1   . DC A 3  ? 0.1825 0.2311 0.2652 -0.0915 0.0655  0.0239  3  DC A OP1   
41  O OP2   . DC A 3  ? 0.1888 0.3265 0.2370 -0.0889 -0.0010 -0.0046 3  DC A OP2   
42  O "O5'" . DC A 3  ? 0.1573 0.2617 0.1820 -0.0545 -0.0120 0.0453  3  DC A "O5'" 
43  C "C5'" . DC A 3  ? 0.1632 0.2042 0.1718 -0.0345 0.0100  0.0216  3  DC A "C5'" 
44  C "C4'" . DC A 3  ? 0.1742 0.1938 0.1964 -0.0410 -0.0102 0.0397  3  DC A "C4'" 
45  O "O4'" . DC A 3  ? 0.1525 0.2123 0.2208 -0.0483 -0.0063 0.0767  3  DC A "O4'" 
46  C "C3'" . DC A 3  ? 0.1441 0.2255 0.2230 -0.0147 0.0092  0.0729  3  DC A "C3'" 
47  O "O3'" . DC A 3  ? 0.1575 0.2230 0.2981 -0.0435 0.0482  0.1033  3  DC A "O3'" 
48  C "C2'" . DC A 3  ? 0.1837 0.2055 0.2489 -0.0185 0.0667  0.0765  3  DC A "C2'" 
49  C "C1'" . DC A 3  ? 0.1707 0.1897 0.2315 -0.0458 0.0367  0.0616  3  DC A "C1'" 
50  N N1    . DC A 3  ? 0.1250 0.1671 0.2019 -0.0436 0.0101  0.0500  3  DC A N1    
51  C C2    . DC A 3  ? 0.1270 0.1609 0.1507 -0.0180 0.0025  0.0446  3  DC A C2    
52  O O2    . DC A 3  ? 0.1339 0.1625 0.1812 -0.0402 0.0308  0.0363  3  DC A O2    
53  N N3    . DC A 3  ? 0.1377 0.1459 0.1694 -0.0135 0.0061  0.0378  3  DC A N3    
54  C C4    . DC A 3  ? 0.1165 0.1711 0.1661 -0.0218 0.0054  0.0431  3  DC A C4    
55  N N4    . DC A 3  ? 0.1504 0.1392 0.1947 -0.0174 -0.0031 0.0324  3  DC A N4    
56  C C5    . DC A 3  ? 0.1523 0.1785 0.1947 -0.0150 -0.0187 0.0233  3  DC A C5    
57  C C6    . DC A 3  ? 0.1568 0.1804 0.1994 -0.0509 0.0007  0.0480  3  DC A C6    
58  P P     . DA A 4  ? 0.1579 0.2776 0.3729 -0.0260 0.0250  0.0804  4  DA A P     
59  O OP1   . DA A 4  ? 0.1952 0.3418 0.4112 -0.0845 0.1072  0.0957  4  DA A OP1   
60  O OP2   . DA A 4  ? 0.1793 0.3507 0.3961 0.0024  -0.0561 0.0155  4  DA A OP2   
61  O "O5'" . DA A 4  ? 0.1681 0.1952 0.2981 -0.0023 0.0237  0.0887  4  DA A "O5'" 
62  C "C5'" . DA A 4  ? 0.1799 0.2258 0.2883 -0.0291 0.0545  0.0630  4  DA A "C5'" 
63  C "C4'" . DA A 4  ? 0.2003 0.2302 0.3105 -0.0097 0.0067  0.0453  4  DA A "C4'" 
64  O "O4'" . DA A 4  ? 0.1813 0.2192 0.3367 -0.0142 0.0270  0.0992  4  DA A "O4'" 
65  C "C3'" . DA A 4  ? 0.2163 0.2186 0.3411 -0.0430 0.0360  0.0822  4  DA A "C3'" 
66  O "O3'" . DA A 4  ? 0.2434 0.2594 0.3655 -0.0214 0.0574  0.0606  4  DA A "O3'" 
67  C "C2'" . DA A 4  ? 0.1629 0.2562 0.2927 0.0226  0.0254  0.0805  4  DA A "C2'" 
68  C "C1'" . DA A 4  ? 0.1817 0.1996 0.2966 -0.0221 0.0078  0.0898  4  DA A "C1'" 
69  N N9    . DA A 4  ? 0.1961 0.2431 0.2566 0.0068  0.0141  0.0937  4  DA A N9    
70  C C8    . DA A 4  ? 0.2085 0.2496 0.2478 0.0138  -0.0059 0.0949  4  DA A C8    
71  N N7    . DA A 4  ? 0.1489 0.2671 0.2664 -0.0168 -0.0028 0.1449  4  DA A N7    
72  C C5    . DA A 4  ? 0.1396 0.1825 0.2581 -0.0294 0.0012  0.1212  4  DA A C5    
73  C C6    . DA A 4  ? 0.1666 0.2168 0.2392 0.0097  -0.0206 0.0986  4  DA A C6    
74  N N6    . DA A 4  ? 0.1367 0.1927 0.2387 -0.0122 -0.0367 0.0794  4  DA A N6    
75  N N1    . DA A 4  ? 0.1175 0.1897 0.2752 -0.0056 -0.0078 0.1008  4  DA A N1    
76  C C2    . DA A 4  ? 0.1792 0.1894 0.2873 0.0192  0.0127  0.0886  4  DA A C2    
77  N N3    . DA A 4  ? 0.1518 0.1986 0.3135 0.0170  0.0233  0.0846  4  DA A N3    
78  C C4    . DA A 4  ? 0.1688 0.1825 0.2718 0.0272  -0.0066 0.0959  4  DA A C4    
79  P P     . DA A 5  ? 0.2762 0.2536 0.6041 0.0302  0.0620  -0.0010 5  DA A P     
80  O OP1   . DA A 5  ? 0.3924 0.3664 0.5149 -0.0118 0.0642  0.0472  5  DA A OP1   
81  O OP2   . DA A 5  ? 0.3880 0.3189 0.5831 0.0512  -0.0223 0.0059  5  DA A OP2   
82  O "O5'" . DA A 5  ? 0.2490 0.2054 0.3370 -0.0291 0.0631  0.0272  5  DA A "O5'" 
83  C "C5'" . DA A 5  ? 0.2683 0.1922 0.2536 -0.0144 0.0724  0.0384  5  DA A "C5'" 
84  C "C4'" . DA A 5  ? 0.2793 0.1760 0.1991 0.0219  0.0633  0.0548  5  DA A "C4'" 
85  O "O4'" . DA A 5  ? 0.2998 0.1867 0.1968 0.0546  0.0467  0.0478  5  DA A "O4'" 
86  C "C3'" . DA A 5  ? 0.2339 0.2058 0.1950 -0.0333 0.0461  -0.0203 5  DA A "C3'" 
87  O "O3'" . DA A 5  ? 0.2909 0.1933 0.1992 0.0038  0.0180  0.0485  5  DA A "O3'" 
88  C "C2'" . DA A 5  ? 0.2486 0.2262 0.2001 0.0170  0.0407  0.0428  5  DA A "C2'" 
89  C "C1'" . DA A 5  ? 0.2270 0.2115 0.1755 0.0348  0.0248  0.0642  5  DA A "C1'" 
90  N N9    . DA A 5  ? 0.2095 0.1851 0.1852 0.0304  -0.0063 0.0500  5  DA A N9    
91  C C8    . DA A 5  ? 0.2104 0.1660 0.1892 0.0301  -0.0085 0.0578  5  DA A C8    
92  N N7    . DA A 5  ? 0.1910 0.2119 0.2192 0.0580  0.0094  0.0761  5  DA A N7    
93  C C5    . DA A 5  ? 0.1570 0.1592 0.2138 0.0373  0.0197  0.0842  5  DA A C5    
94  C C6    . DA A 5  ? 0.1595 0.1585 0.1851 0.0221  -0.0183 0.0397  5  DA A C6    
95  N N6    . DA A 5  ? 0.1489 0.1635 0.2374 0.0208  -0.0111 0.0560  5  DA A N6    
96  N N1    . DA A 5  ? 0.1510 0.1582 0.1842 0.0293  0.0068  0.0322  5  DA A N1    
97  C C2    . DA A 5  ? 0.1948 0.1490 0.1769 0.0308  0.0271  0.0322  5  DA A C2    
98  N N3    . DA A 5  ? 0.1939 0.1546 0.1799 0.0327  0.0031  0.0296  5  DA A N3    
99  C C4    . DA A 5  ? 0.1709 0.1586 0.1882 0.0244  0.0109  0.0560  5  DA A C4    
100 P P     . DA A 6  ? 0.2546 0.1778 0.2068 -0.0066 0.0205  0.0422  6  DA A P     
101 O OP1   . DA A 6  ? 0.3218 0.1841 0.1942 0.0128  0.0347  0.0524  6  DA A OP1   
102 O OP2   . DA A 6  ? 0.2298 0.2534 0.2556 0.0316  0.0982  0.1337  6  DA A OP2   
103 O "O5'" . DA A 6  ? 0.2013 0.2030 0.1916 0.0029  -0.0158 0.0415  6  DA A "O5'" 
104 C "C5'" . DA A 6  ? 0.2337 0.1509 0.2124 -0.0023 -0.0148 0.0009  6  DA A "C5'" 
105 C "C4'" . DA A 6  ? 0.2071 0.1394 0.1646 0.0197  -0.0357 0.0023  6  DA A "C4'" 
106 O "O4'" . DA A 6  ? 0.2070 0.1356 0.1555 0.0187  -0.0338 -0.0027 6  DA A "O4'" 
107 C "C3'" . DA A 6  ? 0.1998 0.1144 0.1482 -0.0224 0.0068  -0.0052 6  DA A "C3'" 
108 O "O3'" . DA A 6  ? 0.1745 0.1618 0.1504 -0.0030 -0.0123 0.0024  6  DA A "O3'" 
109 C "C2'" . DA A 6  ? 0.1780 0.1342 0.1501 0.0051  0.0115  0.0189  6  DA A "C2'" 
110 C "C1'" . DA A 6  ? 0.1476 0.1520 0.1401 -0.0029 -0.0156 0.0222  6  DA A "C1'" 
111 N N9    . DA A 6  ? 0.1522 0.1340 0.1464 0.0083  -0.0024 0.0082  6  DA A N9    
112 C C8    . DA A 6  ? 0.1628 0.1523 0.1555 0.0108  -0.0116 0.0150  6  DA A C8    
113 N N7    . DA A 6  ? 0.1713 0.1483 0.1612 0.0245  -0.0093 0.0307  6  DA A N7    
114 C C5    . DA A 6  ? 0.1595 0.1321 0.1758 0.0202  -0.0186 0.0062  6  DA A C5    
115 C C6    . DA A 6  ? 0.1560 0.1194 0.1807 0.0147  -0.0261 0.0246  6  DA A C6    
116 N N6    . DA A 6  ? 0.1642 0.1369 0.1983 -0.0009 -0.0459 0.0246  6  DA A N6    
117 N N1    . DA A 6  ? 0.1773 0.1288 0.1767 0.0239  -0.0234 0.0180  6  DA A N1    
118 C C2    . DA A 6  ? 0.1823 0.1451 0.1510 0.0220  0.0109  0.0061  6  DA A C2    
119 N N3    . DA A 6  ? 0.1640 0.1532 0.1528 0.0200  -0.0123 -0.0009 6  DA A N3    
120 C C4    . DA A 6  ? 0.1717 0.1387 0.1454 0.0257  0.0027  0.0089  6  DA A C4    
121 P P     . DT A 7  ? 0.1756 0.1444 0.1488 -0.0178 0.0033  0.0045  7  DT A P     
122 O OP1   . DT A 7  ? 0.1815 0.1690 0.1739 -0.0189 0.0029  -0.0105 7  DT A OP1   
123 O OP2   . DT A 7  ? 0.2053 0.1307 0.1515 -0.0018 0.0102  0.0080  7  DT A OP2   
124 O "O5'" . DT A 7  ? 0.1516 0.1508 0.1561 -0.0155 0.0171  -0.0096 7  DT A "O5'" 
125 C "C5'" . DT A 7  ? 0.1771 0.1802 0.1748 -0.0243 -0.0004 -0.0115 7  DT A "C5'" 
126 C "C4'" . DT A 7  ? 0.1635 0.1611 0.1822 -0.0081 0.0002  -0.0194 7  DT A "C4'" 
127 O "O4'" . DT A 7  ? 0.1949 0.1539 0.1549 -0.0129 -0.0225 -0.0037 7  DT A "O4'" 
128 C "C3'" . DT A 7  ? 0.2498 0.1927 0.1497 -0.0062 0.0098  -0.0024 7  DT A "C3'" 
129 O "O3'" . DT A 7  ? 0.2475 0.2178 0.1685 -0.0264 0.0114  -0.0100 7  DT A "O3'" 
130 C "C2'" . DT A 7  ? 0.2354 0.1820 0.1558 0.0060  0.0163  0.0209  7  DT A "C2'" 
131 C "C1'" . DT A 7  ? 0.2020 0.1606 0.1495 0.0004  -0.0153 -0.0184 7  DT A "C1'" 
132 N N1    . DT A 7  ? 0.1830 0.1406 0.1575 0.0204  -0.0224 -0.0109 7  DT A N1    
133 C C2    . DT A 7  ? 0.1841 0.1591 0.1781 0.0292  -0.0438 -0.0152 7  DT A C2    
134 O O2    . DT A 7  ? 0.1793 0.1731 0.1919 0.0105  -0.0322 -0.0404 7  DT A O2    
135 N N3    . DT A 7  ? 0.1701 0.1427 0.1656 0.0124  -0.0351 -0.0028 7  DT A N3    
136 C C4    . DT A 7  ? 0.1770 0.1172 0.1728 0.0174  -0.0267 0.0087  7  DT A C4    
137 O O4    . DT A 7  ? 0.1896 0.1479 0.1814 -0.0085 -0.0237 0.0165  7  DT A O4    
138 C C5    . DT A 7  ? 0.1967 0.1286 0.1442 0.0225  -0.0147 0.0220  7  DT A C5    
139 C C7    . DT A 7  ? 0.2134 0.1757 0.1899 0.0342  -0.0109 -0.0178 7  DT A C7    
140 C C6    . DT A 7  ? 0.2019 0.1317 0.1315 0.0137  -0.0157 -0.0029 7  DT A C6    
141 P P     . DT A 8  ? 0.2887 0.2198 0.1846 -0.0501 0.0093  0.0098  8  DT A P     
142 O OP1   . DT A 8  ? 0.2710 0.2703 0.2708 -0.0945 -0.0005 0.0063  8  DT A OP1   
143 O OP2   . DT A 8  ? 0.3610 0.1736 0.1870 -0.0246 0.0403  0.0207  8  DT A OP2   
144 O "O5'" . DT A 8  ? 0.2801 0.2092 0.1585 -0.0213 0.0116  0.0095  8  DT A "O5'" 
145 C "C5'" . DT A 8  ? 0.2452 0.2544 0.2135 -0.0349 0.0479  0.0013  8  DT A "C5'" 
146 C "C4'" . DT A 8  ? 0.2266 0.2274 0.2065 -0.0307 0.0097  -0.0052 8  DT A "C4'" 
147 O "O4'" . DT A 8  ? 0.2119 0.2331 0.1999 -0.0273 0.0038  0.0173  8  DT A "O4'" 
148 C "C3'" . DT A 8  ? 0.2918 0.2815 0.2216 -0.0365 -0.0098 -0.0029 8  DT A "C3'" 
149 O "O3'" . DT A 8  ? 0.2656 0.3795 0.2266 -0.0477 0.0130  0.0002  8  DT A "O3'" 
150 C "C2'" . DT A 8  ? 0.2857 0.2386 0.1641 -0.0089 -0.0186 0.0085  8  DT A "C2'" 
151 C "C1'" . DT A 8  ? 0.2105 0.2141 0.2227 -0.0009 -0.0157 -0.0218 8  DT A "C1'" 
152 N N1    . DT A 8  ? 0.1924 0.1848 0.2086 0.0174  -0.0325 0.0079  8  DT A N1    
153 C C2    . DT A 8  ? 0.1798 0.1824 0.2011 0.0392  -0.0375 -0.0008 8  DT A C2    
154 O O2    . DT A 8  ? 0.2148 0.2140 0.2109 0.0417  -0.0249 -0.0177 8  DT A O2    
155 N N3    . DT A 8  ? 0.1940 0.1877 0.2110 0.0352  -0.0263 0.0261  8  DT A N3    
156 C C4    . DT A 8  ? 0.1483 0.1725 0.2248 0.0324  -0.0298 0.0302  8  DT A C4    
157 O O4    . DT A 8  ? 0.1846 0.1864 0.2121 0.0344  -0.0320 0.0158  8  DT A O4    
158 C C5    . DT A 8  ? 0.2065 0.1676 0.1841 0.0323  -0.0288 0.0282  8  DT A C5    
159 C C7    . DT A 8  ? 0.2480 0.1702 0.1894 0.0241  -0.0030 -0.0008 8  DT A C7    
160 C C6    . DT A 8  ? 0.2114 0.1605 0.1865 0.0017  -0.0155 0.0296  8  DT A C6    
161 P P     . DT A 9  ? 0.3694 0.4057 0.2016 -0.0437 -0.0011 0.0038  9  DT A P     
162 O OP1   . DT A 9  ? 0.4352 0.4469 0.2357 -0.0357 0.0455  -0.0303 9  DT A OP1   
163 O OP2   . DT A 9  ? 0.4327 0.3471 0.1929 -0.0336 -0.0261 0.0422  9  DT A OP2   
164 O "O5'" . DT A 9  ? 0.3437 0.3315 0.2107 -0.0380 0.0045  -0.0077 9  DT A "O5'" 
165 C "C5'" . DT A 9  ? 0.2817 0.2647 0.2545 0.0288  0.0213  -0.0378 9  DT A "C5'" 
166 C "C4'" . DT A 9  ? 0.2764 0.2561 0.2485 0.0348  0.0131  -0.0315 9  DT A "C4'" 
167 O "O4'" . DT A 9  ? 0.2650 0.2513 0.2330 0.0419  -0.0088 -0.0376 9  DT A "O4'" 
168 C "C3'" . DT A 9  ? 0.2682 0.2865 0.2391 0.0364  -0.0040 -0.0354 9  DT A "C3'" 
169 O "O3'" . DT A 9  ? 0.3025 0.2821 0.2514 0.0758  -0.0266 -0.0212 9  DT A "O3'" 
170 C "C2'" . DT A 9  ? 0.2703 0.2829 0.2379 0.0342  0.0032  -0.0314 9  DT A "C2'" 
171 C "C1'" . DT A 9  ? 0.2323 0.2436 0.2625 0.0297  -0.0176 -0.0432 9  DT A "C1'" 
172 N N1    . DT A 9  ? 0.2258 0.2264 0.2023 0.0307  -0.0223 -0.0395 9  DT A N1    
173 C C2    . DT A 9  ? 0.2003 0.1908 0.2177 0.0409  -0.0257 -0.0050 9  DT A C2    
174 O O2    . DT A 9  ? 0.2287 0.2032 0.2479 0.0263  -0.0408 -0.0294 9  DT A O2    
175 N N3    . DT A 9  ? 0.2038 0.1930 0.1935 0.0447  -0.0243 0.0189  9  DT A N3    
176 C C4    . DT A 9  ? 0.1880 0.1966 0.1886 0.0297  -0.0036 0.0067  9  DT A C4    
177 O O4    . DT A 9  ? 0.2057 0.1922 0.1871 0.0192  -0.0115 0.0130  9  DT A O4    
178 C C5    . DT A 9  ? 0.2150 0.1862 0.1727 0.0279  0.0048  -0.0053 9  DT A C5    
179 C C7    . DT A 9  ? 0.2427 0.2442 0.2137 -0.0352 0.0269  0.0213  9  DT A C7    
180 C C6    . DT A 9  ? 0.2152 0.2192 0.1747 0.0246  -0.0193 -0.0165 9  DT A C6    
181 P P     . DG A 10 ? 0.3237 0.3443 0.2272 0.0646  -0.0177 -0.0551 10 DG A P     
182 O OP1   . DG A 10 ? 0.3481 0.3827 0.2789 0.0823  -0.0049 -0.0886 10 DG A OP1   
183 O OP2   . DG A 10 ? 0.4120 0.3179 0.2275 0.0210  -0.0495 -0.0292 10 DG A OP2   
184 O "O5'" . DG A 10 ? 0.2572 0.3238 0.2270 0.0146  0.0080  -0.0420 10 DG A "O5'" 
185 C "C5'" . DG A 10 ? 0.3226 0.2944 0.2376 0.0141  0.0377  -0.0578 10 DG A "C5'" 
186 C "C4'" . DG A 10 ? 0.2781 0.2924 0.2551 0.0138  0.0350  -0.0517 10 DG A "C4'" 
187 O "O4'" . DG A 10 ? 0.2790 0.2692 0.2478 0.0365  0.0088  -0.0583 10 DG A "O4'" 
188 C "C3'" . DG A 10 ? 0.2853 0.3058 0.3144 0.0104  0.0062  -0.0472 10 DG A "C3'" 
189 O "O3'" . DG A 10 ? 0.2990 0.3284 0.2805 -0.0201 -0.0140 -0.0833 10 DG A "O3'" 
190 C "C2'" . DG A 10 ? 0.2935 0.3103 0.2444 0.0016  -0.0029 -0.0697 10 DG A "C2'" 
191 C "C1'" . DG A 10 ? 0.2211 0.2662 0.2296 0.0209  -0.0212 -0.0301 10 DG A "C1'" 
192 N N9    . DG A 10 ? 0.2146 0.2384 0.2195 -0.0101 0.0175  -0.0143 10 DG A N9    
193 C C8    . DG A 10 ? 0.2630 0.2461 0.2396 -0.0059 0.0401  -0.0207 10 DG A C8    
194 N N7    . DG A 10 ? 0.2306 0.2374 0.1949 -0.0115 0.0198  -0.0043 10 DG A N7    
195 C C5    . DG A 10 ? 0.2103 0.2084 0.1802 0.0140  -0.0057 0.0156  10 DG A C5    
196 C C6    . DG A 10 ? 0.1819 0.1747 0.1878 0.0262  -0.0026 -0.0095 10 DG A C6    
197 O O6    . DG A 10 ? 0.2036 0.1993 0.1753 0.0060  -0.0072 -0.0134 10 DG A O6    
198 N N1    . DG A 10 ? 0.1779 0.1876 0.1955 0.0258  -0.0037 0.0059  10 DG A N1    
199 C C2    . DG A 10 ? 0.1778 0.1890 0.1937 0.0321  -0.0188 -0.0271 10 DG A C2    
200 N N2    . DG A 10 ? 0.1706 0.1911 0.2450 0.0138  -0.0083 0.0097  10 DG A N2    
201 N N3    . DG A 10 ? 0.1963 0.2336 0.1948 0.0086  -0.0085 -0.0285 10 DG A N3    
202 C C4    . DG A 10 ? 0.1989 0.2456 0.1946 0.0278  0.0223  -0.0345 10 DG A C4    
203 P P     . DC A 11 ? 0.3385 0.3559 0.3317 -0.0025 -0.0124 -0.0922 11 DC A P     
204 O OP1   . DC A 11 ? 0.3704 0.3530 0.4115 -0.0065 0.0093  -0.1156 11 DC A OP1   
205 O OP2   . DC A 11 ? 0.4127 0.3813 0.3725 -0.0113 -0.0449 -0.0284 11 DC A OP2   
206 O "O5'" . DC A 11 ? 0.4141 0.3106 0.3727 -0.0445 0.0022  -0.0603 11 DC A "O5'" 
207 C "C5'" . DC A 11 ? 0.3082 0.3059 0.3273 -0.0121 0.0041  -0.0350 11 DC A "C5'" 
208 C "C4'" . DC A 11 ? 0.3037 0.2849 0.3243 0.0088  -0.0008 -0.0663 11 DC A "C4'" 
209 O "O4'" . DC A 11 ? 0.2627 0.2574 0.3533 0.0244  -0.0394 -0.0772 11 DC A "O4'" 
210 C "C3'" . DC A 11 ? 0.2647 0.2507 0.3381 0.0311  -0.0081 -0.0621 11 DC A "C3'" 
211 O "O3'" . DC A 11 ? 0.2920 0.2331 0.3973 -0.0280 -0.0242 -0.0686 11 DC A "O3'" 
212 C "C2'" . DC A 11 ? 0.2317 0.2716 0.2805 0.0252  -0.0138 -0.0674 11 DC A "C2'" 
213 C "C1'" . DC A 11 ? 0.2317 0.2394 0.2651 0.0217  -0.0044 -0.0363 11 DC A "C1'" 
214 N N1    . DC A 11 ? 0.2261 0.2678 0.2548 0.0227  -0.0175 -0.0521 11 DC A N1    
215 C C2    . DC A 11 ? 0.1963 0.2090 0.2092 0.0336  -0.0182 -0.0512 11 DC A C2    
216 O O2    . DC A 11 ? 0.2124 0.2230 0.2469 0.0188  -0.0308 -0.0496 11 DC A O2    
217 N N3    . DC A 11 ? 0.1899 0.2349 0.2309 0.0156  -0.0212 -0.0422 11 DC A N3    
218 C C4    . DC A 11 ? 0.2174 0.1851 0.2482 0.0159  0.0024  -0.0164 11 DC A C4    
219 N N4    . DC A 11 ? 0.2461 0.2344 0.2321 0.0031  0.0260  -0.0301 11 DC A N4    
220 C C5    . DC A 11 ? 0.2412 0.2886 0.2561 -0.0241 0.0057  -0.0415 11 DC A C5    
221 C C6    . DC A 11 ? 0.2399 0.2606 0.2514 0.0222  0.0001  -0.0638 11 DC A C6    
222 P P     . DG A 12 ? 0.2988 0.2823 0.4174 0.0006  0.0019  -0.1187 12 DG A P     
223 O OP1   . DG A 12 ? 0.4711 0.2519 0.5217 0.0215  0.0092  -0.0708 12 DG A OP1   
224 O OP2   . DG A 12 ? 0.2183 0.4006 0.3705 -0.0071 -0.0093 -0.0888 12 DG A OP2   
225 O "O5'" . DG A 12 ? 0.2479 0.2461 0.2993 0.0081  0.0489  -0.0783 12 DG A "O5'" 
226 C "C5'" . DG A 12 ? 0.2456 0.2057 0.2991 -0.0466 0.0260  -0.0216 12 DG A "C5'" 
227 C "C4'" . DG A 12 ? 0.1980 0.1587 0.2126 -0.0231 0.0464  -0.0223 12 DG A "C4'" 
228 O "O4'" . DG A 12 ? 0.1721 0.1985 0.2586 -0.0566 0.0310  -0.0037 12 DG A "O4'" 
229 C "C3'" . DG A 12 ? 0.1973 0.1804 0.2383 -0.0439 0.0376  -0.0212 12 DG A "C3'" 
230 O "O3'" . DG A 12 ? 0.1696 0.2300 0.3339 -0.0347 0.0570  -0.0260 12 DG A "O3'" 
231 C "C2'" . DG A 12 ? 0.1961 0.2389 0.2005 -0.0408 0.0445  -0.0094 12 DG A "C2'" 
232 C "C1'" . DG A 12 ? 0.1483 0.1768 0.2154 -0.0389 0.0360  -0.0147 12 DG A "C1'" 
233 N N9    . DG A 12 ? 0.1595 0.1950 0.1734 -0.0289 0.0200  -0.0246 12 DG A N9    
234 C C8    . DG A 12 ? 0.1827 0.1844 0.1971 -0.0541 0.0106  -0.0226 12 DG A C8    
235 N N7    . DG A 12 ? 0.1770 0.2012 0.1785 -0.0416 0.0519  -0.0152 12 DG A N7    
236 C C5    . DG A 12 ? 0.1708 0.1725 0.1826 -0.0251 0.0189  0.0064  12 DG A C5    
237 C C6    . DG A 12 ? 0.1390 0.1721 0.1875 -0.0186 0.0268  0.0167  12 DG A C6    
238 O O6    . DG A 12 ? 0.1643 0.2257 0.1739 -0.0432 0.0495  0.0147  12 DG A O6    
239 N N1    . DG A 12 ? 0.1306 0.1534 0.1663 -0.0311 0.0102  0.0253  12 DG A N1    
240 C C2    . DG A 12 ? 0.1075 0.1526 0.1516 -0.0390 0.0244  0.0343  12 DG A C2    
241 N N2    . DG A 12 ? 0.1396 0.1622 0.1547 -0.0072 0.0082  0.0219  12 DG A N2    
242 N N3    . DG A 12 ? 0.1381 0.1535 0.1519 -0.0207 0.0141  0.0085  12 DG A N3    
243 C C4    . DG A 12 ? 0.1390 0.1771 0.1600 -0.0128 0.0133  0.0112  12 DG A C4    
244 O "O5'" . DC B 1  ? 0.4177 0.3070 0.3796 -0.0579 0.0100  0.0314  13 DC B "O5'" 
245 C "C5'" . DC B 1  ? 0.3211 0.2346 0.3313 -0.0265 0.0122  -0.0104 13 DC B "C5'" 
246 C "C4'" . DC B 1  ? 0.2754 0.2016 0.2433 -0.0239 0.0309  -0.0004 13 DC B "C4'" 
247 O "O4'" . DC B 1  ? 0.2095 0.1853 0.2444 -0.0188 0.0411  0.0152  13 DC B "O4'" 
248 C "C3'" . DC B 1  ? 0.2522 0.1896 0.2571 -0.0353 -0.0019 -0.0118 13 DC B "C3'" 
249 O "O3'" . DC B 1  ? 0.2768 0.2036 0.2401 -0.0333 0.0052  -0.0063 13 DC B "O3'" 
250 C "C2'" . DC B 1  ? 0.1945 0.1946 0.2436 -0.0256 0.0000  0.0070  13 DC B "C2'" 
251 C "C1'" . DC B 1  ? 0.1649 0.1893 0.1720 -0.0458 0.0071  0.0206  13 DC B "C1'" 
252 N N1    . DC B 1  ? 0.1485 0.1678 0.2129 -0.0434 -0.0037 0.0275  13 DC B N1    
253 C C2    . DC B 1  ? 0.1294 0.1857 0.1893 -0.0255 0.0192  0.0264  13 DC B C2    
254 O O2    . DC B 1  ? 0.1591 0.1686 0.1632 -0.0215 0.0200  0.0356  13 DC B O2    
255 N N3    . DC B 1  ? 0.1331 0.1769 0.1502 -0.0324 0.0193  0.0338  13 DC B N3    
256 C C4    . DC B 1  ? 0.1447 0.1759 0.1890 -0.0404 0.0287  0.0262  13 DC B C4    
257 N N4    . DC B 1  ? 0.1798 0.1854 0.1809 -0.0518 0.0367  0.0450  13 DC B N4    
259 C C6    . DC B 1  ? 0.1837 0.1726 0.2050 -0.0691 0.0312  0.0301  13 DC B C6    
260 P P     . DG B 2  ? 0.2832 0.2637 0.2532 -0.0207 0.0073  -0.0481 14 DG B P     
261 O OP1   . DG B 2  ? 0.3584 0.2788 0.3236 -0.0336 0.0081  -0.0597 14 DG B OP1   
262 O OP2   . DG B 2  ? 0.2707 0.3242 0.3855 -0.0503 -0.0122 -0.0079 14 DG B OP2   
263 O "O5'" . DG B 2  ? 0.2640 0.3048 0.1847 -0.0135 -0.0058 -0.0138 14 DG B "O5'" 
264 C "C5'" . DG B 2  ? 0.2618 0.2598 0.2232 -0.0024 -0.0108 -0.0383 14 DG B "C5'" 
265 C "C4'" . DG B 2  ? 0.2153 0.2675 0.1984 0.0144  -0.0256 -0.0211 14 DG B "C4'" 
266 O "O4'" . DG B 2  ? 0.2135 0.2360 0.2898 0.0188  -0.0100 -0.0696 14 DG B "O4'" 
267 C "C3'" . DG B 2  ? 0.2041 0.2979 0.3379 0.0350  -0.0222 0.0250  14 DG B "C3'" 
268 O "O3'" . DG B 2  ? 0.2102 0.2820 0.2145 0.0405  -0.0055 -0.0275 14 DG B "O3'" 
269 C "C2'" . DG B 2  ? 0.2908 0.2540 0.2921 -0.0015 -0.0083 -0.0395 14 DG B "C2'" 
270 C "C1'" . DG B 2  ? 0.3115 0.2708 0.2457 0.0561  -0.0117 -0.0519 14 DG B "C1'" 
271 N N9    . DG B 2  ? 0.2200 0.1857 0.3326 0.0144  0.0389  -0.0519 14 DG B N9    
272 C C8    . DG B 2  ? 0.2434 0.1943 0.2809 -0.0053 0.0254  -0.0471 14 DG B C8    
273 N N7    . DG B 2  ? 0.2112 0.1853 0.1934 0.0180  0.0169  0.0345  14 DG B N7    
274 C C5    . DG B 2  ? 0.1598 0.1788 0.1921 0.0343  -0.0108 0.0081  14 DG B C5    
275 C C6    . DG B 2  ? 0.1708 0.2024 0.1649 0.0415  -0.0142 0.0022  14 DG B C6    
276 O O6    . DG B 2  ? 0.1749 0.2311 0.2083 0.0095  0.0119  -0.0013 14 DG B O6    
277 N N1    . DG B 2  ? 0.1708 0.2045 0.1681 0.0221  -0.0143 0.0041  14 DG B N1    
278 C C2    . DG B 2  ? 0.1614 0.1676 0.1926 0.0206  -0.0232 0.0191  14 DG B C2    
279 N N2    . DG B 2  ? 0.1750 0.1605 0.2154 0.0212  -0.0268 0.0040  14 DG B N2    
280 N N3    . DG B 2  ? 0.1628 0.1902 0.2273 0.0361  0.0042  -0.0137 14 DG B N3    
281 C C4    . DG B 2  ? 0.1875 0.1880 0.1936 0.0228  0.0076  0.0027  14 DG B C4    
282 P P     . DC B 3  ? 0.2275 0.3392 0.2308 0.0362  -0.0480 -0.0255 15 DC B P     
283 O OP1   . DC B 3  ? 0.2604 0.3241 0.1950 0.0231  -0.0393 0.0243  15 DC B OP1   
284 O OP2   . DC B 3  ? 0.2569 0.4018 0.3724 0.0205  -0.1060 0.0267  15 DC B OP2   
285 O "O5'" . DC B 3  ? 0.2245 0.2638 0.2096 0.0708  -0.0497 -0.0216 15 DC B "O5'" 
286 C "C5'" . DC B 3  ? 0.1512 0.2662 0.1984 0.0303  -0.0267 0.0105  15 DC B "C5'" 
287 C "C4'" . DC B 3  ? 0.1703 0.2307 0.1864 0.0366  -0.0173 0.0067  15 DC B "C4'" 
288 O "O4'" . DC B 3  ? 0.2617 0.2540 0.1895 0.1059  -0.0072 0.0106  15 DC B "O4'" 
289 C "C3'" . DC B 3  ? 0.1898 0.2218 0.2219 0.0370  0.0048  0.0373  15 DC B "C3'" 
290 O "O3'" . DC B 3  ? 0.1969 0.2921 0.2742 0.0253  0.0041  0.0385  15 DC B "O3'" 
291 C "C2'" . DC B 3  ? 0.2402 0.2349 0.2342 0.0413  0.0233  0.0266  15 DC B "C2'" 
292 C "C1'" . DC B 3  ? 0.1987 0.2023 0.2011 0.0563  0.0040  -0.0047 15 DC B "C1'" 
293 N N1    . DC B 3  ? 0.1921 0.1957 0.1789 0.0350  -0.0083 0.0090  15 DC B N1    
294 C C2    . DC B 3  ? 0.1725 0.1820 0.1929 0.0511  -0.0277 0.0196  15 DC B C2    
295 O O2    . DC B 3  ? 0.1912 0.1741 0.1946 0.0235  -0.0098 0.0078  15 DC B O2    
296 N N3    . DC B 3  ? 0.1750 0.1902 0.1768 0.0340  -0.0147 -0.0109 15 DC B N3    
297 C C4    . DC B 3  ? 0.2098 0.1840 0.1816 0.0272  -0.0109 0.0060  15 DC B C4    
298 N N4    . DC B 3  ? 0.2321 0.1988 0.2131 0.0348  -0.0196 -0.0141 15 DC B N4    
299 C C5    . DC B 3  ? 0.2551 0.2373 0.1966 0.0430  -0.0149 -0.0312 15 DC B C5    
300 C C6    . DC B 3  ? 0.2420 0.2486 0.2051 0.0474  0.0056  -0.0313 15 DC B C6    
301 P P     . DA B 4  ? 0.2437 0.3412 0.2495 0.0364  0.0070  0.0811  16 DA B P     
302 O OP1   . DA B 4  ? 0.2960 0.3523 0.3397 0.0333  -0.0046 0.0463  16 DA B OP1   
303 O OP2   . DA B 4  ? 0.3275 0.3720 0.2094 0.0199  -0.0308 0.0285  16 DA B OP2   
304 O "O5'" . DA B 4  ? 0.2076 0.3231 0.2509 0.0498  -0.0023 0.0642  16 DA B "O5'" 
305 C "C5'" . DA B 4  ? 0.1811 0.2697 0.3218 0.0119  0.0055  0.0692  16 DA B "C5'" 
306 C "C4'" . DA B 4  ? 0.2332 0.2553 0.3169 0.0127  0.0085  0.0600  16 DA B "C4'" 
307 O "O4'" . DA B 4  ? 0.1911 0.2836 0.2946 0.0185  -0.0099 0.0562  16 DA B "O4'" 
308 C "C3'" . DA B 4  ? 0.2123 0.2684 0.3070 0.0224  -0.0065 0.0581  16 DA B "C3'" 
309 O "O3'" . DA B 4  ? 0.2695 0.2377 0.3871 -0.0124 -0.0186 0.0678  16 DA B "O3'" 
310 C "C2'" . DA B 4  ? 0.2071 0.2266 0.2891 0.0204  0.0056  0.0482  16 DA B "C2'" 
311 C "C1'" . DA B 4  ? 0.1797 0.2610 0.2889 0.0323  -0.0013 0.0702  16 DA B "C1'" 
312 N N9    . DA B 4  ? 0.1888 0.2305 0.2715 0.0321  -0.0156 0.0716  16 DA B N9    
313 C C8    . DA B 4  ? 0.1855 0.2536 0.2371 0.0256  0.0069  0.0761  16 DA B C8    
314 N N7    . DA B 4  ? 0.2051 0.2327 0.2298 0.0395  -0.0358 0.0319  16 DA B N7    
315 C C5    . DA B 4  ? 0.1458 0.2267 0.2139 0.0593  -0.0466 0.0111  16 DA B C5    
316 C C6    . DA B 4  ? 0.1370 0.2172 0.2398 0.0437  -0.0442 0.0271  16 DA B C6    
317 N N6    . DA B 4  ? 0.1485 0.2121 0.1866 0.0301  -0.0221 0.0373  16 DA B N6    
318 N N1    . DA B 4  ? 0.1881 0.2071 0.2158 0.0555  -0.0316 0.0248  16 DA B N1    
319 C C2    . DA B 4  ? 0.1652 0.1701 0.2450 0.0571  -0.0038 0.0391  16 DA B C2    
320 N N3    . DA B 4  ? 0.1700 0.1984 0.2184 0.0423  -0.0327 0.0189  16 DA B N3    
321 C C4    . DA B 4  ? 0.1797 0.2086 0.2384 0.0736  -0.0399 0.0441  16 DA B C4    
322 P P     . DA B 5  ? 0.2866 0.2529 0.4511 -0.0231 -0.0093 0.0968  17 DA B P     
323 O OP1   . DA B 5  ? 0.3315 0.3067 0.4503 -0.0675 0.0163  0.0810  17 DA B OP1   
324 O OP2   . DA B 5  ? 0.3627 0.2899 0.3942 -0.0215 0.0075  0.0997  17 DA B OP2   
325 O "O5'" . DA B 5  ? 0.2816 0.2496 0.3702 0.0200  -0.0311 0.0082  17 DA B "O5'" 
326 C "C5'" . DA B 5  ? 0.2381 0.2337 0.3511 -0.0141 -0.0108 -0.0090 17 DA B "C5'" 
327 C "C4'" . DA B 5  ? 0.1985 0.2174 0.3507 -0.0120 -0.0176 -0.0130 17 DA B "C4'" 
328 O "O4'" . DA B 5  ? 0.1936 0.2065 0.3574 -0.0011 -0.0631 0.0001  17 DA B "O4'" 
329 C "C3'" . DA B 5  ? 0.2103 0.2535 0.3534 0.0074  -0.0594 -0.0182 17 DA B "C3'" 
330 O "O3'" . DA B 5  ? 0.2589 0.2684 0.3942 -0.0087 -0.0574 -0.0683 17 DA B "O3'" 
331 C "C2'" . DA B 5  ? 0.2129 0.2372 0.3157 0.0054  -0.0380 -0.0005 17 DA B "C2'" 
332 C "C1'" . DA B 5  ? 0.1769 0.2126 0.3042 0.0142  -0.0314 -0.0029 17 DA B "C1'" 
333 N N9    . DA B 5  ? 0.2036 0.1827 0.2916 0.0293  -0.0293 -0.0046 17 DA B N9    
334 C C8    . DA B 5  ? 0.1765 0.2327 0.3153 0.0137  -0.0532 -0.0042 17 DA B C8    
335 N N7    . DA B 5  ? 0.1603 0.1983 0.2762 0.0386  -0.0330 0.0168  17 DA B N7    
336 C C5    . DA B 5  ? 0.1332 0.2207 0.2519 0.0586  -0.0281 0.0297  17 DA B C5    
337 C C6    . DA B 5  ? 0.1676 0.1818 0.2277 0.0483  -0.0394 0.0046  17 DA B C6    
338 N N6    . DA B 5  ? 0.1727 0.1797 0.2190 0.0486  -0.0474 0.0199  17 DA B N6    
339 N N1    . DA B 5  ? 0.1801 0.1769 0.2116 0.0541  -0.0342 0.0049  17 DA B N1    
340 C C2    . DA B 5  ? 0.1826 0.1927 0.2513 0.0370  -0.0285 -0.0025 17 DA B C2    
341 N N3    . DA B 5  ? 0.1547 0.1989 0.2944 0.0394  -0.0394 -0.0026 17 DA B N3    
342 C C4    . DA B 5  ? 0.1843 0.1728 0.2526 0.0441  -0.0297 0.0075  17 DA B C4    
343 P P     . DA B 6  ? 0.3219 0.3027 0.4280 0.0210  -0.0331 -0.0780 18 DA B P     
344 O OP1   . DA B 6  ? 0.3147 0.3554 0.4204 0.0385  -0.0520 -0.0514 18 DA B OP1   
345 O OP2   . DA B 6  ? 0.3217 0.2611 0.4908 0.0345  0.0129  -0.0468 18 DA B OP2   
346 O "O5'" . DA B 6  ? 0.2246 0.3053 0.3975 0.0500  -0.0388 -0.0273 18 DA B "O5'" 
347 C "C5'" . DA B 6  ? 0.2354 0.3126 0.2837 0.0329  -0.0290 -0.0637 18 DA B "C5'" 
348 C "C4'" . DA B 6  ? 0.2291 0.2738 0.2765 0.0435  -0.0544 -0.0671 18 DA B "C4'" 
349 O "O4'" . DA B 6  ? 0.2379 0.2529 0.2535 0.0681  -0.0776 -0.0878 18 DA B "O4'" 
350 C "C3'" . DA B 6  ? 0.2234 0.2711 0.2680 0.0014  -0.0750 -0.0570 18 DA B "C3'" 
351 O "O3'" . DA B 6  ? 0.2737 0.3008 0.2684 0.0446  -0.0464 -0.0933 18 DA B "O3'" 
352 C "C2'" . DA B 6  ? 0.2676 0.2089 0.2625 0.0442  -0.0510 -0.0582 18 DA B "C2'" 
353 C "C1'" . DA B 6  ? 0.1948 0.2353 0.2605 0.0419  -0.0799 -0.0608 18 DA B "C1'" 
354 N N9    . DA B 6  ? 0.1836 0.1833 0.2638 0.0286  -0.0739 -0.0345 18 DA B N9    
355 C C8    . DA B 6  ? 0.2162 0.1556 0.2412 0.0242  -0.0695 -0.0054 18 DA B C8    
356 N N7    . DA B 6  ? 0.2077 0.1796 0.2563 0.0402  -0.0609 -0.0045 18 DA B N7    
357 C C5    . DA B 6  ? 0.1638 0.1606 0.2345 0.0402  -0.0589 0.0125  18 DA B C5    
358 C C6    . DA B 6  ? 0.1792 0.1589 0.1902 0.0512  -0.0462 0.0014  18 DA B C6    
359 N N6    . DA B 6  ? 0.1776 0.1627 0.2250 0.0311  -0.0515 0.0233  18 DA B N6    
360 N N1    . DA B 6  ? 0.1869 0.1468 0.1992 0.0385  -0.0451 -0.0039 18 DA B N1    
361 C C2    . DA B 6  ? 0.1736 0.1820 0.1955 0.0363  -0.0301 -0.0167 18 DA B C2    
362 N N3    . DA B 6  ? 0.1829 0.1824 0.2150 0.0258  -0.0356 -0.0404 18 DA B N3    
363 C C4    . DA B 6  ? 0.1642 0.1758 0.2300 0.0352  -0.0618 -0.0265 18 DA B C4    
364 P P     . DT B 7  ? 0.2843 0.3387 0.2863 0.0197  -0.0338 -0.0844 19 DT B P     
365 O OP1   . DT B 7  ? 0.3262 0.4389 0.3027 0.0210  -0.0222 -0.1290 19 DT B OP1   
366 O OP2   . DT B 7  ? 0.2105 0.3002 0.3583 -0.0254 -0.0273 -0.0266 19 DT B OP2   
367 O "O5'" . DT B 7  ? 0.2311 0.2849 0.2542 0.0488  -0.0435 -0.0817 19 DT B "O5'" 
368 C "C5'" . DT B 7  ? 0.2158 0.2681 0.2160 0.0347  -0.0158 -0.0209 19 DT B "C5'" 
369 C "C4'" . DT B 7  ? 0.2465 0.2572 0.1946 0.0531  -0.0266 -0.0510 19 DT B "C4'" 
370 O "O4'" . DT B 7  ? 0.2124 0.2319 0.2013 0.0683  -0.0386 -0.0572 19 DT B "O4'" 
371 C "C3'" . DT B 7  ? 0.2070 0.2357 0.2118 0.0603  -0.0241 -0.0231 19 DT B "C3'" 
372 O "O3'" . DT B 7  ? 0.2431 0.2759 0.1921 0.0559  -0.0184 -0.0614 19 DT B "O3'" 
373 C "C2'" . DT B 7  ? 0.2182 0.2264 0.2025 0.0376  -0.0049 -0.0415 19 DT B "C2'" 
374 C "C1'" . DT B 7  ? 0.1916 0.1988 0.1915 0.0040  -0.0268 -0.0199 19 DT B "C1'" 
375 N N1    . DT B 7  ? 0.1825 0.1713 0.2045 0.0373  -0.0181 -0.0031 19 DT B N1    
376 C C2    . DT B 7  ? 0.1697 0.1442 0.1900 0.0217  0.0000  -0.0050 19 DT B C2    
377 O O2    . DT B 7  ? 0.2033 0.1642 0.1938 0.0056  -0.0209 0.0056  19 DT B O2    
378 N N3    . DT B 7  ? 0.1345 0.1410 0.2123 0.0154  -0.0371 -0.0056 19 DT B N3    
379 C C4    . DT B 7  ? 0.1313 0.1561 0.2305 0.0149  -0.0175 0.0026  19 DT B C4    
380 O O4    . DT B 7  ? 0.1603 0.1727 0.2405 0.0273  -0.0199 0.0106  19 DT B O4    
381 C C5    . DT B 7  ? 0.1588 0.1560 0.2632 0.0243  -0.0313 -0.0103 19 DT B C5    
382 C C7    . DT B 7  ? 0.2001 0.1901 0.2791 0.0037  -0.0133 -0.0223 19 DT B C7    
383 C C6    . DT B 7  ? 0.2075 0.1451 0.2260 0.0462  -0.0470 -0.0045 19 DT B C6    
384 P P     . DT B 8  ? 0.2399 0.2904 0.2007 0.0542  -0.0032 -0.0478 20 DT B P     
385 O OP1   . DT B 8  ? 0.2528 0.4145 0.2113 0.0236  -0.0175 -0.0497 20 DT B OP1   
386 O OP2   . DT B 8  ? 0.2398 0.2294 0.2318 0.0591  -0.0170 -0.0435 20 DT B OP2   
387 O "O5'" . DT B 8  ? 0.2246 0.2443 0.1836 0.0494  -0.0121 -0.0247 20 DT B "O5'" 
388 C "C5'" . DT B 8  ? 0.2429 0.2700 0.1844 0.0190  0.0183  -0.0058 20 DT B "C5'" 
389 C "C4'" . DT B 8  ? 0.1901 0.2451 0.1673 0.0103  0.0031  -0.0085 20 DT B "C4'" 
390 O "O4'" . DT B 8  ? 0.1863 0.2019 0.1891 0.0322  0.0116  -0.0067 20 DT B "O4'" 
391 C "C3'" . DT B 8  ? 0.1975 0.2571 0.1896 0.0047  0.0061  -0.0085 20 DT B "C3'" 
392 O "O3'" . DT B 8  ? 0.2095 0.2989 0.2091 -0.0449 0.0171  -0.0049 20 DT B "O3'" 
393 C "C2'" . DT B 8  ? 0.1785 0.2030 0.2287 0.0332  -0.0082 0.0088  20 DT B "C2'" 
394 C "C1'" . DT B 8  ? 0.1702 0.2039 0.1537 0.0003  -0.0006 0.0008  20 DT B "C1'" 
395 N N1    . DT B 8  ? 0.1330 0.1711 0.1807 0.0311  0.0017  -0.0131 20 DT B N1    
396 C C2    . DT B 8  ? 0.1515 0.1503 0.1952 0.0321  -0.0248 -0.0004 20 DT B C2    
397 O O2    . DT B 8  ? 0.1523 0.1621 0.1713 0.0226  0.0025  0.0007  20 DT B O2    
398 N N3    . DT B 8  ? 0.1454 0.1579 0.1821 0.0270  -0.0213 -0.0031 20 DT B N3    
399 C C4    . DT B 8  ? 0.1531 0.1762 0.1855 0.0301  -0.0235 0.0107  20 DT B C4    
400 O O4    . DT B 8  ? 0.1519 0.1522 0.2452 0.0229  -0.0239 0.0005  20 DT B O4    
401 C C5    . DT B 8  ? 0.1895 0.1475 0.1997 0.0353  -0.0217 0.0137  20 DT B C5    
402 C C7    . DT B 8  ? 0.2152 0.1655 0.2420 0.0355  -0.0116 -0.0004 20 DT B C7    
403 C C6    . DT B 8  ? 0.1826 0.1530 0.1811 0.0383  -0.0155 -0.0020 20 DT B C6    
404 P P     . DT B 9  ? 0.2203 0.3624 0.2349 -0.0555 0.0335  -0.0054 21 DT B P     
405 O OP1   . DT B 9  ? 0.2677 0.4052 0.2603 -0.0634 0.0088  0.0311  21 DT B OP1   
406 O OP2   . DT B 9  ? 0.2372 0.3660 0.2839 0.0214  -0.0144 -0.0525 21 DT B OP2   
407 O "O5'" . DT B 9  ? 0.2108 0.3073 0.2091 -0.0229 0.0045  0.0128  21 DT B "O5'" 
408 C "C5'" . DT B 9  ? 0.1738 0.2068 0.2153 -0.0421 0.0207  0.0462  21 DT B "C5'" 
409 C "C4'" . DT B 9  ? 0.1435 0.2061 0.2126 -0.0296 0.0288  0.0435  21 DT B "C4'" 
410 O "O4'" . DT B 9  ? 0.1368 0.1861 0.2166 -0.0259 0.0199  0.0362  21 DT B "O4'" 
411 C "C3'" . DT B 9  ? 0.1697 0.1738 0.1810 -0.0210 0.0299  0.0257  21 DT B "C3'" 
412 O "O3'" . DT B 9  ? 0.1579 0.1775 0.2143 -0.0163 0.0239  0.0259  21 DT B "O3'" 
413 C "C2'" . DT B 9  ? 0.1664 0.1903 0.1753 -0.0147 0.0068  -0.0167 21 DT B "C2'" 
414 C "C1'" . DT B 9  ? 0.1575 0.1694 0.1668 -0.0172 0.0245  0.0263  21 DT B "C1'" 
415 N N1    . DT B 9  ? 0.1398 0.1681 0.1976 -0.0135 0.0139  0.0291  21 DT B N1    
416 C C2    . DT B 9  ? 0.1581 0.1429 0.1983 -0.0020 0.0110  0.0252  21 DT B C2    
417 O O2    . DT B 9  ? 0.1573 0.1711 0.2133 -0.0080 0.0230  0.0338  21 DT B O2    
418 N N3    . DT B 9  ? 0.1522 0.1620 0.2165 0.0090  -0.0099 0.0450  21 DT B N3    
419 C C4    . DT B 9  ? 0.1583 0.1184 0.2312 -0.0190 -0.0218 0.0397  21 DT B C4    
420 O O4    . DT B 9  ? 0.1653 0.1524 0.2635 -0.0115 -0.0481 0.0496  21 DT B O4    
421 C C5    . DT B 9  ? 0.1652 0.1513 0.2171 -0.0049 -0.0169 0.0419  21 DT B C5    
422 C C7    . DT B 9  ? 0.1727 0.1769 0.2399 -0.0060 -0.0241 0.0200  21 DT B C7    
423 C C6    . DT B 9  ? 0.1357 0.1718 0.2011 0.0066  -0.0064 0.0288  21 DT B C6    
424 P P     . DG B 10 ? 0.1505 0.1920 0.2210 -0.0502 0.0158  0.0356  22 DG B P     
425 O OP1   . DG B 10 ? 0.2130 0.2189 0.2530 -0.0942 0.0013  0.0577  22 DG B OP1   
426 O OP2   . DG B 10 ? 0.1572 0.2180 0.2206 -0.0393 0.0365  0.0590  22 DG B OP2   
427 O "O5'" . DG B 10 ? 0.1459 0.1805 0.2082 -0.0489 0.0279  0.0339  22 DG B "O5'" 
428 C "C5'" . DG B 10 ? 0.1876 0.1777 0.2016 -0.0415 0.0331  0.0147  22 DG B "C5'" 
429 C "C4'" . DG B 10 ? 0.1898 0.1514 0.1793 -0.0383 0.0412  -0.0073 22 DG B "C4'" 
430 O "O4'" . DG B 10 ? 0.1667 0.1534 0.1893 -0.0304 0.0303  0.0025  22 DG B "O4'" 
431 C "C3'" . DG B 10 ? 0.1770 0.2194 0.1667 -0.0634 0.0229  0.0310  22 DG B "C3'" 
432 O "O3'" . DG B 10 ? 0.2192 0.2494 0.1730 -0.0868 0.0027  -0.0010 22 DG B "O3'" 
433 C "C2'" . DG B 10 ? 0.1556 0.2000 0.1714 -0.0434 0.0157  0.0254  22 DG B "C2'" 
434 C "C1'" . DG B 10 ? 0.1673 0.1600 0.1539 -0.0446 0.0391  0.0106  22 DG B "C1'" 
435 N N9    . DG B 10 ? 0.1380 0.1626 0.1626 -0.0225 0.0168  0.0044  22 DG B N9    
436 C C8    . DG B 10 ? 0.1310 0.1548 0.1963 -0.0136 0.0058  0.0178  22 DG B C8    
437 N N7    . DG B 10 ? 0.1537 0.1519 0.1770 -0.0097 0.0221  0.0185  22 DG B N7    
438 C C5    . DG B 10 ? 0.1153 0.1441 0.1674 -0.0265 0.0399  0.0168  22 DG B C5    
439 C C6    . DG B 10 ? 0.1367 0.1189 0.1594 0.0027  0.0017  0.0222  22 DG B C6    
440 O O6    . DG B 10 ? 0.1313 0.1337 0.1622 -0.0182 0.0221  0.0179  22 DG B O6    
441 N N1    . DG B 10 ? 0.1184 0.1229 0.1619 -0.0055 0.0221  0.0198  22 DG B N1    
442 C C2    . DG B 10 ? 0.1249 0.1240 0.1568 -0.0118 0.0320  0.0362  22 DG B C2    
443 N N2    . DG B 10 ? 0.1379 0.1513 0.1723 -0.0014 0.0266  0.0348  22 DG B N2    
444 N N3    . DG B 10 ? 0.1511 0.1236 0.1752 -0.0235 0.0199  0.0188  22 DG B N3    
445 C C4    . DG B 10 ? 0.1350 0.1248 0.1641 -0.0218 0.0239  0.0366  22 DG B C4    
446 P P     . DC B 11 ? 0.2915 0.3059 0.2390 -0.1303 -0.0053 0.0350  23 DC B P     
447 O OP1   . DC B 11 ? 0.3797 0.2993 0.3079 -0.1190 0.0204  0.0184  23 DC B OP1   
448 O OP2   . DC B 11 ? 0.3207 0.4075 0.3958 -0.1081 0.0609  0.0461  23 DC B OP2   
449 O "O5'" . DC B 11 ? 0.3292 0.2317 0.2151 -0.0747 -0.0234 0.0513  23 DC B "O5'" 
450 C "C5'" . DC B 11 ? 0.3630 0.2048 0.2555 -0.0171 -0.0007 -0.0255 23 DC B "C5'" 
451 C "C4'" . DC B 11 ? 0.3069 0.2048 0.2138 -0.0163 0.0040  -0.0200 23 DC B "C4'" 
452 O "O4'" . DC B 11 ? 0.2603 0.2573 0.2483 0.0356  -0.0217 -0.0513 23 DC B "O4'" 
453 C "C3'" . DC B 11 ? 0.3137 0.2435 0.2247 -0.0246 0.0506  0.0502  23 DC B "C3'" 
454 O "O3'" . DC B 11 ? 0.3771 0.2321 0.2548 -0.0228 0.0158  0.0267  23 DC B "O3'" 
455 C "C2'" . DC B 11 ? 0.3489 0.2879 0.2618 -0.0271 0.0165  0.0075  23 DC B "C2'" 
456 C "C1'" . DC B 11 ? 0.2996 0.1961 0.3072 -0.0856 0.0236  -0.0539 23 DC B "C1'" 
457 N N1    . DC B 11 ? 0.2337 0.1773 0.2087 -0.0604 0.0372  -0.0267 23 DC B N1    
458 C C2    . DC B 11 ? 0.1825 0.1539 0.1904 -0.0516 0.0145  0.0048  23 DC B C2    
459 O O2    . DC B 11 ? 0.2108 0.1853 0.1758 -0.0501 0.0455  -0.0129 23 DC B O2    
460 N N3    . DC B 11 ? 0.1351 0.1332 0.1755 -0.0278 0.0137  0.0189  23 DC B N3    
461 C C4    . DC B 11 ? 0.1448 0.1357 0.1889 -0.0027 0.0044  0.0378  23 DC B C4    
462 N N4    . DC B 11 ? 0.1414 0.1485 0.1662 0.0018  0.0204  0.0120  23 DC B N4    
463 C C5    . DC B 11 ? 0.1602 0.1618 0.1901 -0.0613 0.0133  0.0046  23 DC B C5    
464 C C6    . DC B 11 ? 0.1860 0.1768 0.1963 -0.0665 0.0107  0.0003  23 DC B C6    
465 P P     . DG B 12 ? 0.4123 0.2682 0.2582 -0.0946 -0.0488 0.0460  24 DG B P     
466 O OP1   . DG B 12 ? 0.4855 0.2562 0.3099 -0.0687 -0.0492 -0.0209 24 DG B OP1   
467 O OP2   . DG B 12 ? 0.3612 0.3124 0.3821 -0.1186 0.0137  0.1052  24 DG B OP2   
468 O "O5'" . DG B 12 ? 0.3414 0.2167 0.2338 -0.0628 -0.0241 0.0093  24 DG B "O5'" 
469 C "C5'" . DG B 12 ? 0.3202 0.2473 0.1577 0.0048  -0.0027 -0.0120 24 DG B "C5'" 
470 C "C4'" . DG B 12 ? 0.2666 0.2072 0.1483 0.0077  -0.0007 -0.0208 24 DG B "C4'" 
471 O "O4'" . DG B 12 ? 0.2757 0.2101 0.1546 -0.0004 -0.0174 -0.0014 24 DG B "O4'" 
472 C "C3'" . DG B 12 ? 0.2582 0.2214 0.1561 0.0026  0.0130  -0.0080 24 DG B "C3'" 
473 O "O3'" . DG B 12 ? 0.3195 0.2536 0.1484 0.0277  -0.0003 0.0051  24 DG B "O3'" 
474 C "C2'" . DG B 12 ? 0.3179 0.2452 0.1523 -0.0241 -0.0035 0.0233  24 DG B "C2'" 
475 C "C1'" . DG B 12 ? 0.2835 0.1688 0.1643 -0.0277 -0.0064 0.0067  24 DG B "C1'" 
476 N N9    . DG B 12 ? 0.2665 0.1945 0.1203 -0.0327 -0.0045 -0.0030 24 DG B N9    
477 C C8    . DG B 12 ? 0.2756 0.1783 0.1607 -0.0164 -0.0007 -0.0067 24 DG B C8    
478 N N7    . DG B 12 ? 0.2256 0.2065 0.1638 -0.0403 -0.0015 0.0216  24 DG B N7    
479 C C5    . DG B 12 ? 0.2275 0.1707 0.1321 -0.0071 -0.0142 0.0155  24 DG B C5    
480 C C6    . DG B 12 ? 0.2266 0.1781 0.1469 -0.0095 0.0033  0.0284  24 DG B C6    
481 O O6    . DG B 12 ? 0.2457 0.1931 0.1627 -0.0157 -0.0006 0.0194  24 DG B O6    
482 N N1    . DG B 12 ? 0.2209 0.1650 0.1321 0.0129  -0.0228 0.0144  24 DG B N1    
483 C C2    . DG B 12 ? 0.2277 0.1744 0.1254 0.0160  -0.0047 0.0271  24 DG B C2    
484 N N2    . DG B 12 ? 0.2316 0.1951 0.1414 -0.0093 -0.0036 -0.0180 24 DG B N2    
485 N N3    . DG B 12 ? 0.2255 0.1673 0.1214 0.0089  -0.0142 -0.0001 24 DG B N3    
486 C C4    . DG B 12 ? 0.2192 0.1706 0.1392 0.0091  -0.0139 -0.0043 24 DG B C4    
# 
loop_
_pdbx_poly_seq_scheme.asym_id 
_pdbx_poly_seq_scheme.entity_id 
_pdbx_poly_seq_scheme.seq_id 
_pdbx_poly_seq_scheme.mon_id 
_pdbx_poly_seq_scheme.ndb_seq_num 
_pdbx_poly_seq_scheme.pdb_seq_num 
_pdbx_poly_seq_scheme.auth_seq_num 
_pdbx_poly_seq_scheme.pdb_mon_id 
_pdbx_poly_seq_scheme.auth_mon_id 
_pdbx_poly_seq_scheme.pdb_strand_id 
_pdbx_poly_seq_scheme.pdb_ins_code 
_pdbx_poly_seq_scheme.hetero 
A 1 1  DC 1  1  1  DC DC A . n 
A 1 2  DG 2  2  2  DG DG A . n 
A 1 3  DC 3  3  3  DC DC A . n 
A 1 4  DA 4  4  4  DA DA A . n 
A 1 5  DA 5  5  5  DA DA A . n 
A 1 6  DA 6  6  6  DA DA A . n 
A 1 7  DT 7  7  7  DT DT A . n 
A 1 8  DT 8  8  8  DT DT A . n 
A 1 9  DT 9  9  9  DT DT A . n 
A 1 10 DG 10 10 10 DG DG A . n 
A 1 11 DC 11 11 11 DC DC A . n 
A 1 12 DG 12 12 12 DG DG A . n 
B 1 1  DC 1  13 13 DC DC B . n 
B 1 2  DG 2  14 14 DG DG B . n 
B 1 3  DC 3  15 15 DC DC B . n 
B 1 4  DA 4  16 16 DA DA B . n 
B 1 5  DA 5  17 17 DA DA B . n 
B 1 6  DA 6  18 18 DA DA B . n 
B 1 7  DT 7  19 19 DT DT B . n 
B 1 8  DT 8  20 20 DT DT B . n 
B 1 9  DT 9  21 21 DT DT B . n 
B 1 10 DG 10 22 22 DG DG B . n 
B 1 11 DC 11 23 23 DC DC B . n 
B 1 12 DG 12 24 24 DG DG B . n 
# 
loop_
_pdbx_nonpoly_scheme.asym_id 
_pdbx_nonpoly_scheme.entity_id 
_pdbx_nonpoly_scheme.mon_id 
_pdbx_nonpoly_scheme.ndb_seq_num 
_pdbx_nonpoly_scheme.pdb_seq_num 
_pdbx_nonpoly_scheme.auth_seq_num 
_pdbx_nonpoly_scheme.pdb_mon_id 
_pdbx_nonpoly_scheme.auth_mon_id 
_pdbx_nonpoly_scheme.pdb_strand_id 
_pdbx_nonpoly_scheme.pdb_ins_code 
C 2 MG  1  3001 3001 MG  MG  A . 
D 2 MG  1  3002 3002 MG  MG  B . 
E 2 MG  1  3003 3003 MG  MG  B . 
F 3 D98 1  1025 1025 D98 D98 B . 
G 4 HOH 1  2001 2001 HOH HOH A . 
G 4 HOH 2  2002 2002 HOH HOH A . 
G 4 HOH 3  2003 2003 HOH HOH A . 
G 4 HOH 4  2004 2004 HOH HOH A . 
G 4 HOH 5  2005 2005 HOH HOH A . 
G 4 HOH 6  2006 2006 HOH HOH A . 
G 4 HOH 7  2007 2007 HOH HOH A . 
G 4 HOH 8  2008 2008 HOH HOH A . 
G 4 HOH 9  2009 2009 HOH HOH A . 
G 4 HOH 10 2010 2010 HOH HOH A . 
G 4 HOH 11 2011 2011 HOH HOH A . 
G 4 HOH 12 2012 2012 HOH HOH A . 
G 4 HOH 13 2013 2013 HOH HOH A . 
G 4 HOH 14 2014 2014 HOH HOH A . 
G 4 HOH 15 2015 2015 HOH HOH A . 
G 4 HOH 16 2016 2016 HOH HOH A . 
G 4 HOH 17 2017 2017 HOH HOH A . 
G 4 HOH 18 2018 2018 HOH HOH A . 
G 4 HOH 19 2019 2019 HOH HOH A . 
G 4 HOH 20 2020 2020 HOH HOH A . 
G 4 HOH 21 2021 2021 HOH HOH A . 
G 4 HOH 22 2022 2022 HOH HOH A . 
G 4 HOH 23 2023 2023 HOH HOH A . 
G 4 HOH 24 2024 2024 HOH HOH A . 
G 4 HOH 25 2025 2025 HOH HOH A . 
G 4 HOH 26 2026 2026 HOH HOH A . 
G 4 HOH 27 2027 2027 HOH HOH A . 
G 4 HOH 28 2028 2028 HOH HOH A . 
G 4 HOH 29 2029 2029 HOH HOH A . 
G 4 HOH 30 2030 2030 HOH HOH A . 
G 4 HOH 31 2031 2031 HOH HOH A . 
G 4 HOH 32 2032 2032 HOH HOH A . 
G 4 HOH 33 2033 2033 HOH HOH A . 
G 4 HOH 34 2034 2034 HOH HOH A . 
G 4 HOH 35 2035 2035 HOH HOH A . 
G 4 HOH 36 2036 2036 HOH HOH A . 
G 4 HOH 37 2037 2037 HOH HOH A . 
G 4 HOH 38 2038 2038 HOH HOH A . 
G 4 HOH 39 2039 2039 HOH HOH A . 
G 4 HOH 40 2040 2040 HOH HOH A . 
G 4 HOH 41 2041 2041 HOH HOH A . 
G 4 HOH 42 2042 2042 HOH HOH A . 
G 4 HOH 43 2043 2043 HOH HOH A . 
G 4 HOH 44 2044 2044 HOH HOH A . 
G 4 HOH 45 2045 2045 HOH HOH A . 
G 4 HOH 46 2046 2046 HOH HOH A . 
G 4 HOH 47 2047 2047 HOH HOH A . 
G 4 HOH 48 2048 2048 HOH HOH A . 
G 4 HOH 49 2049 2049 HOH HOH A . 
G 4 HOH 50 2050 2050 HOH HOH A . 
G 4 HOH 51 2051 2051 HOH HOH A . 
G 4 HOH 52 2052 2052 HOH HOH A . 
G 4 HOH 53 2053 2053 HOH HOH A . 
G 4 HOH 54 2054 2054 HOH HOH A . 
G 4 HOH 55 2055 2055 HOH HOH A . 
G 4 HOH 56 2056 2056 HOH HOH A . 
G 4 HOH 57 2057 2057 HOH HOH A . 
G 4 HOH 58 2058 2058 HOH HOH A . 
G 4 HOH 59 2059 2059 HOH HOH A . 
G 4 HOH 60 2060 2060 HOH HOH A . 
G 4 HOH 61 2061 2061 HOH HOH A . 
G 4 HOH 62 2062 2062 HOH HOH A . 
G 4 HOH 63 2063 2063 HOH HOH A . 
G 4 HOH 64 2064 2064 HOH HOH A . 
G 4 HOH 65 2065 2065 HOH HOH A . 
G 4 HOH 66 2066 2066 HOH HOH A . 
G 4 HOH 67 2067 2067 HOH HOH A . 
G 4 HOH 68 2068 2068 HOH HOH A . 
G 4 HOH 69 2069 2069 HOH HOH A . 
G 4 HOH 70 2070 2070 HOH HOH A . 
G 4 HOH 71 2071 2071 HOH HOH A . 
G 4 HOH 72 2072 2072 HOH HOH A . 
G 4 HOH 73 2073 2073 HOH HOH A . 
G 4 HOH 74 2074 2074 HOH HOH A . 
G 4 HOH 75 2075 2075 HOH HOH A . 
G 4 HOH 76 2076 2076 HOH HOH A . 
G 4 HOH 77 2077 2077 HOH HOH A . 
G 4 HOH 78 2078 2078 HOH HOH A . 
G 4 HOH 79 2079 2079 HOH HOH A . 
G 4 HOH 80 2080 2080 HOH HOH A . 
G 4 HOH 81 2081 2081 HOH HOH A . 
G 4 HOH 82 2082 2082 HOH HOH A . 
G 4 HOH 83 2083 2083 HOH HOH A . 
G 4 HOH 84 2084 2084 HOH HOH A . 
G 4 HOH 85 2085 2085 HOH HOH A . 
G 4 HOH 86 2086 2086 HOH HOH A . 
G 4 HOH 87 2087 2087 HOH HOH A . 
G 4 HOH 88 2088 2088 HOH HOH A . 
G 4 HOH 89 2089 2089 HOH HOH A . 
G 4 HOH 90 2090 2090 HOH HOH A . 
G 4 HOH 91 2091 2091 HOH HOH A . 
G 4 HOH 92 2092 2092 HOH HOH A . 
G 4 HOH 93 2093 2093 HOH HOH A . 
G 4 HOH 94 2094 2094 HOH HOH A . 
G 4 HOH 95 2095 2095 HOH HOH A . 
G 4 HOH 96 2096 2096 HOH HOH A . 
G 4 HOH 97 2097 2097 HOH HOH A . 
G 4 HOH 98 2098 2098 HOH HOH A . 
H 4 HOH 1  2001 2001 HOH HOH B . 
H 4 HOH 2  2002 2002 HOH HOH B . 
H 4 HOH 3  2003 2003 HOH HOH B . 
H 4 HOH 4  2004 2004 HOH HOH B . 
H 4 HOH 5  2005 2005 HOH HOH B . 
H 4 HOH 6  2006 2006 HOH HOH B . 
H 4 HOH 7  2007 2007 HOH HOH B . 
H 4 HOH 8  2008 2008 HOH HOH B . 
H 4 HOH 9  2009 2009 HOH HOH B . 
H 4 HOH 10 2010 2010 HOH HOH B . 
H 4 HOH 11 2011 2011 HOH HOH B . 
H 4 HOH 12 2012 2012 HOH HOH B . 
H 4 HOH 13 2013 2013 HOH HOH B . 
H 4 HOH 14 2014 2014 HOH HOH B . 
H 4 HOH 15 2015 2015 HOH HOH B . 
H 4 HOH 16 2016 2016 HOH HOH B . 
H 4 HOH 17 2017 2017 HOH HOH B . 
H 4 HOH 18 2018 2018 HOH HOH B . 
H 4 HOH 19 2019 2019 HOH HOH B . 
H 4 HOH 20 2020 2020 HOH HOH B . 
H 4 HOH 21 2021 2021 HOH HOH B . 
H 4 HOH 22 2022 2022 HOH HOH B . 
H 4 HOH 23 2023 2023 HOH HOH B . 
H 4 HOH 24 2024 2024 HOH HOH B . 
H 4 HOH 25 2025 2025 HOH HOH B . 
H 4 HOH 26 2026 2026 HOH HOH B . 
H 4 HOH 27 2027 2027 HOH HOH B . 
H 4 HOH 28 2028 2028 HOH HOH B . 
H 4 HOH 29 2029 2029 HOH HOH B . 
H 4 HOH 30 2030 2030 HOH HOH B . 
H 4 HOH 31 2031 2031 HOH HOH B . 
H 4 HOH 32 2032 2032 HOH HOH B . 
H 4 HOH 33 2033 2033 HOH HOH B . 
H 4 HOH 34 2034 2034 HOH HOH B . 
H 4 HOH 35 2035 2035 HOH HOH B . 
H 4 HOH 36 2036 2036 HOH HOH B . 
H 4 HOH 37 2037 2037 HOH HOH B . 
H 4 HOH 38 2038 2038 HOH HOH B . 
H 4 HOH 39 2039 2039 HOH HOH B . 
H 4 HOH 40 2040 2040 HOH HOH B . 
H 4 HOH 41 2041 2041 HOH HOH B . 
H 4 HOH 42 2042 2042 HOH HOH B . 
H 4 HOH 43 2043 2043 HOH HOH B . 
H 4 HOH 44 2044 2044 HOH HOH B . 
H 4 HOH 45 2045 2045 HOH HOH B . 
H 4 HOH 46 2046 2046 HOH HOH B . 
H 4 HOH 47 2047 2047 HOH HOH B . 
H 4 HOH 48 2048 2048 HOH HOH B . 
H 4 HOH 49 2049 2049 HOH HOH B . 
H 4 HOH 50 2050 2050 HOH HOH B . 
H 4 HOH 51 2051 2051 HOH HOH B . 
H 4 HOH 52 2052 2052 HOH HOH B . 
H 4 HOH 53 2053 2053 HOH HOH B . 
H 4 HOH 54 2054 2054 HOH HOH B . 
H 4 HOH 55 2055 2055 HOH HOH B . 
H 4 HOH 56 2056 2056 HOH HOH B . 
H 4 HOH 57 2057 2057 HOH HOH B . 
H 4 HOH 58 2058 2058 HOH HOH B . 
H 4 HOH 59 2060 2060 HOH HOH B . 
H 4 HOH 60 2061 2061 HOH HOH B . 
H 4 HOH 61 2062 2062 HOH HOH B . 
H 4 HOH 62 2063 2063 HOH HOH B . 
H 4 HOH 63 2064 2064 HOH HOH B . 
H 4 HOH 64 2065 2065 HOH HOH B . 
H 4 HOH 65 2066 2066 HOH HOH B . 
H 4 HOH 66 2067 2067 HOH HOH B . 
H 4 HOH 67 2068 2068 HOH HOH B . 
H 4 HOH 68 2069 2069 HOH HOH B . 
H 4 HOH 69 2070 2070 HOH HOH B . 
H 4 HOH 70 2071 2071 HOH HOH B . 
H 4 HOH 71 2072 2072 HOH HOH B . 
H 4 HOH 72 2073 2073 HOH HOH B . 
H 4 HOH 73 2074 2074 HOH HOH B . 
H 4 HOH 74 2075 2075 HOH HOH B . 
H 4 HOH 75 2076 2076 HOH HOH B . 
H 4 HOH 76 2077 2077 HOH HOH B . 
H 4 HOH 77 2078 2078 HOH HOH B . 
H 4 HOH 78 2079 2079 HOH HOH B . 
H 4 HOH 79 2080 2080 HOH HOH B . 
H 4 HOH 80 2081 2081 HOH HOH B . 
H 4 HOH 81 2082 2082 HOH HOH B . 
H 4 HOH 82 2083 2083 HOH HOH B . 
# 
_pdbx_struct_assembly.id                   1 
_pdbx_struct_assembly.details              author_and_software_defined_assembly 
_pdbx_struct_assembly.method_details       PISA 
_pdbx_struct_assembly.oligomeric_details   dimeric 
_pdbx_struct_assembly.oligomeric_count     2 
# 
_pdbx_struct_assembly_gen.assembly_id       1 
_pdbx_struct_assembly_gen.oper_expression   1 
_pdbx_struct_assembly_gen.asym_id_list      A,B,C,D,E,F,G,H 
# 
loop_
_pdbx_struct_assembly_prop.biol_id 
_pdbx_struct_assembly_prop.type 
_pdbx_struct_assembly_prop.value 
_pdbx_struct_assembly_prop.details 
1 'ABSA (A^2)' 1560  ? 
1 MORE         -13.1 ? 
1 'SSA (A^2)'  4560  ? 
# 
_pdbx_struct_oper_list.id                   1 
_pdbx_struct_oper_list.type                 'identity operation' 
_pdbx_struct_oper_list.name                 1_555 
_pdbx_struct_oper_list.symmetry_operation   x,y,z 
_pdbx_struct_oper_list.matrix[1][1]         1.0000000000 
_pdbx_struct_oper_list.matrix[1][2]         0.0000000000 
_pdbx_struct_oper_list.matrix[1][3]         0.0000000000 
_pdbx_struct_oper_list.vector[1]            0.0000000000 
_pdbx_struct_oper_list.matrix[2][1]         0.0000000000 
_pdbx_struct_oper_list.matrix[2][2]         1.0000000000 
_pdbx_struct_oper_list.matrix[2][3]         0.0000000000 
_pdbx_struct_oper_list.vector[2]            0.0000000000 
_pdbx_struct_oper_list.matrix[3][1]         0.0000000000 
_pdbx_struct_oper_list.matrix[3][2]         0.0000000000 
_pdbx_struct_oper_list.matrix[3][3]         1.0000000000 
_pdbx_struct_oper_list.vector[3]            0.0000000000 
# 
loop_
_pdbx_struct_conn_angle.id 
_pdbx_struct_conn_angle.ptnr1_label_atom_id 
_pdbx_struct_conn_angle.ptnr1_label_alt_id 
_pdbx_struct_conn_angle.ptnr1_label_asym_id 
_pdbx_struct_conn_angle.ptnr1_label_comp_id 
_pdbx_struct_conn_angle.ptnr1_label_seq_id 
_pdbx_struct_conn_angle.ptnr1_auth_atom_id 
_pdbx_struct_conn_angle.ptnr1_auth_asym_id 
_pdbx_struct_conn_angle.ptnr1_auth_comp_id 
_pdbx_struct_conn_angle.ptnr1_auth_seq_id 
_pdbx_struct_conn_angle.ptnr1_PDB_ins_code 
_pdbx_struct_conn_angle.ptnr1_symmetry 
_pdbx_struct_conn_angle.ptnr2_label_atom_id 
_pdbx_struct_conn_angle.ptnr2_label_alt_id 
_pdbx_struct_conn_angle.ptnr2_label_asym_id 
_pdbx_struct_conn_angle.ptnr2_label_comp_id 
_pdbx_struct_conn_angle.ptnr2_label_seq_id 
_pdbx_struct_conn_angle.ptnr2_auth_atom_id 
_pdbx_struct_conn_angle.ptnr2_auth_asym_id 
_pdbx_struct_conn_angle.ptnr2_auth_comp_id 
_pdbx_struct_conn_angle.ptnr2_auth_seq_id 
_pdbx_struct_conn_angle.ptnr2_PDB_ins_code 
_pdbx_struct_conn_angle.ptnr2_symmetry 
_pdbx_struct_conn_angle.ptnr3_label_atom_id 
_pdbx_struct_conn_angle.ptnr3_label_alt_id 
_pdbx_struct_conn_angle.ptnr3_label_asym_id 
_pdbx_struct_conn_angle.ptnr3_label_comp_id 
_pdbx_struct_conn_angle.ptnr3_label_seq_id 
_pdbx_struct_conn_angle.ptnr3_auth_atom_id 
_pdbx_struct_conn_angle.ptnr3_auth_asym_id 
_pdbx_struct_conn_angle.ptnr3_auth_comp_id 
_pdbx_struct_conn_angle.ptnr3_auth_seq_id 
_pdbx_struct_conn_angle.ptnr3_PDB_ins_code 
_pdbx_struct_conn_angle.ptnr3_symmetry 
_pdbx_struct_conn_angle.value 
_pdbx_struct_conn_angle.value_esd 
1  O   ? G HOH .  ? A HOH 2004 ? 1_555 MG ? C MG . ? A MG 3001 ? 1_555 O   ? G HOH .  ? A HOH 2028 ? 1_555 91.0  ? 
2  O   ? G HOH .  ? A HOH 2004 ? 1_555 MG ? C MG . ? A MG 3001 ? 1_555 O   ? G HOH .  ? A HOH 2045 ? 1_555 85.0  ? 
3  O   ? G HOH .  ? A HOH 2028 ? 1_555 MG ? C MG . ? A MG 3001 ? 1_555 O   ? G HOH .  ? A HOH 2045 ? 1_555 94.8  ? 
4  O   ? G HOH .  ? A HOH 2004 ? 1_555 MG ? C MG . ? A MG 3001 ? 1_555 O   ? G HOH .  ? A HOH 2063 ? 3_555 86.2  ? 
5  O   ? G HOH .  ? A HOH 2028 ? 1_555 MG ? C MG . ? A MG 3001 ? 1_555 O   ? G HOH .  ? A HOH 2063 ? 3_555 175.7 ? 
6  O   ? G HOH .  ? A HOH 2045 ? 1_555 MG ? C MG . ? A MG 3001 ? 1_555 O   ? G HOH .  ? A HOH 2063 ? 3_555 88.2  ? 
7  O   ? G HOH .  ? A HOH 2004 ? 1_555 MG ? C MG . ? A MG 3001 ? 1_555 O   ? G HOH .  ? A HOH 2064 ? 3_555 173.1 ? 
8  O   ? G HOH .  ? A HOH 2028 ? 1_555 MG ? C MG . ? A MG 3001 ? 1_555 O   ? G HOH .  ? A HOH 2064 ? 3_555 91.1  ? 
9  O   ? G HOH .  ? A HOH 2045 ? 1_555 MG ? C MG . ? A MG 3001 ? 1_555 O   ? G HOH .  ? A HOH 2064 ? 3_555 88.3  ? 
10 O   ? G HOH .  ? A HOH 2063 ? 3_555 MG ? C MG . ? A MG 3001 ? 1_555 O   ? G HOH .  ? A HOH 2064 ? 3_555 92.0  ? 
11 O   ? G HOH .  ? A HOH 2004 ? 1_555 MG ? C MG . ? A MG 3001 ? 1_555 O   ? G HOH .  ? A HOH 2073 ? 3_555 94.6  ? 
12 O   ? G HOH .  ? A HOH 2028 ? 1_555 MG ? C MG . ? A MG 3001 ? 1_555 O   ? G HOH .  ? A HOH 2073 ? 3_555 89.2  ? 
13 O   ? G HOH .  ? A HOH 2045 ? 1_555 MG ? C MG . ? A MG 3001 ? 1_555 O   ? G HOH .  ? A HOH 2073 ? 3_555 176.0 ? 
14 O   ? G HOH .  ? A HOH 2063 ? 3_555 MG ? C MG . ? A MG 3001 ? 1_555 O   ? G HOH .  ? A HOH 2073 ? 3_555 87.8  ? 
15 O   ? G HOH .  ? A HOH 2064 ? 3_555 MG ? C MG . ? A MG 3001 ? 1_555 O   ? G HOH .  ? A HOH 2073 ? 3_555 92.0  ? 
16 O   ? G HOH .  ? A HOH 2098 ? 1_555 MG ? E MG . ? B MG 3003 ? 1_555 OP1 ? B DG  10 ? B DG  22   ? 2_454 94.6  ? 
17 O   ? G HOH .  ? A HOH 2098 ? 1_555 MG ? E MG . ? B MG 3003 ? 1_555 O   ? H HOH .  ? B HOH 2017 ? 1_555 88.4  ? 
18 OP1 ? B DG  10 ? B DG  22   ? 2_454 MG ? E MG . ? B MG 3003 ? 1_555 O   ? H HOH .  ? B HOH 2017 ? 1_555 88.1  ? 
19 O   ? G HOH .  ? A HOH 2098 ? 1_555 MG ? E MG . ? B MG 3003 ? 1_555 O   ? H HOH .  ? B HOH 2055 ? 2_454 173.9 ? 
20 OP1 ? B DG  10 ? B DG  22   ? 2_454 MG ? E MG . ? B MG 3003 ? 1_555 O   ? H HOH .  ? B HOH 2055 ? 2_454 80.6  ? 
21 O   ? H HOH .  ? B HOH 2017 ? 1_555 MG ? E MG . ? B MG 3003 ? 1_555 O   ? H HOH .  ? B HOH 2055 ? 2_454 95.3  ? 
22 O   ? G HOH .  ? A HOH 2098 ? 1_555 MG ? E MG . ? B MG 3003 ? 1_555 O   ? H HOH .  ? B HOH 2061 ? 2_454 85.6  ? 
23 OP1 ? B DG  10 ? B DG  22   ? 2_454 MG ? E MG . ? B MG 3003 ? 1_555 O   ? H HOH .  ? B HOH 2061 ? 2_454 94.9  ? 
24 O   ? H HOH .  ? B HOH 2017 ? 1_555 MG ? E MG . ? B MG 3003 ? 1_555 O   ? H HOH .  ? B HOH 2061 ? 2_454 173.5 ? 
25 O   ? H HOH .  ? B HOH 2055 ? 2_454 MG ? E MG . ? B MG 3003 ? 1_555 O   ? H HOH .  ? B HOH 2061 ? 2_454 90.9  ? 
26 O   ? G HOH .  ? A HOH 2098 ? 1_555 MG ? E MG . ? B MG 3003 ? 1_555 O   ? H HOH .  ? B HOH 2082 ? 1_555 87.5  ? 
27 OP1 ? B DG  10 ? B DG  22   ? 2_454 MG ? E MG . ? B MG 3003 ? 1_555 O   ? H HOH .  ? B HOH 2082 ? 1_555 177.3 ? 
28 O   ? H HOH .  ? B HOH 2017 ? 1_555 MG ? E MG . ? B MG 3003 ? 1_555 O   ? H HOH .  ? B HOH 2082 ? 1_555 90.4  ? 
29 O   ? H HOH .  ? B HOH 2055 ? 2_454 MG ? E MG . ? B MG 3003 ? 1_555 O   ? H HOH .  ? B HOH 2082 ? 1_555 97.4  ? 
30 O   ? H HOH .  ? B HOH 2061 ? 2_454 MG ? E MG . ? B MG 3003 ? 1_555 O   ? H HOH .  ? B HOH 2082 ? 1_555 86.8  ? 
31 O   ? G HOH .  ? A HOH 2098 ? 1_555 MG ? E MG . ? B MG 3003 ? 1_555 O   ? H HOH .  ? B HOH 2083 ? 1_555 43.9  ? 
32 OP1 ? B DG  10 ? B DG  22   ? 2_454 MG ? E MG . ? B MG 3003 ? 1_555 O   ? H HOH .  ? B HOH 2083 ? 1_555 67.3  ? 
33 O   ? H HOH .  ? B HOH 2017 ? 1_555 MG ? E MG . ? B MG 3003 ? 1_555 O   ? H HOH .  ? B HOH 2083 ? 1_555 119.7 ? 
34 O   ? H HOH .  ? B HOH 2055 ? 2_454 MG ? E MG . ? B MG 3003 ? 1_555 O   ? H HOH .  ? B HOH 2083 ? 1_555 130.0 ? 
35 O   ? H HOH .  ? B HOH 2061 ? 2_454 MG ? E MG . ? B MG 3003 ? 1_555 O   ? H HOH .  ? B HOH 2083 ? 1_555 56.7  ? 
36 O   ? H HOH .  ? B HOH 2082 ? 1_555 MG ? E MG . ? B MG 3003 ? 1_555 O   ? H HOH .  ? B HOH 2083 ? 1_555 115.4 ? 
37 O   ? H HOH .  ? B HOH 2067 ? 1_555 MG ? D MG . ? B MG 3002 ? 1_555 O   ? H HOH .  ? B HOH 2077 ? 1_555 89.5  ? 
38 O   ? H HOH .  ? B HOH 2067 ? 1_555 MG ? D MG . ? B MG 3002 ? 1_555 O   ? H HOH .  ? B HOH 2078 ? 1_555 83.1  ? 
39 O   ? H HOH .  ? B HOH 2077 ? 1_555 MG ? D MG . ? B MG 3002 ? 1_555 O   ? H HOH .  ? B HOH 2078 ? 1_555 90.9  ? 
40 O   ? H HOH .  ? B HOH 2067 ? 1_555 MG ? D MG . ? B MG 3002 ? 1_555 O   ? H HOH .  ? B HOH 2079 ? 1_555 86.2  ? 
41 O   ? H HOH .  ? B HOH 2077 ? 1_555 MG ? D MG . ? B MG 3002 ? 1_555 O   ? H HOH .  ? B HOH 2079 ? 1_555 174.1 ? 
42 O   ? H HOH .  ? B HOH 2078 ? 1_555 MG ? D MG . ? B MG 3002 ? 1_555 O   ? H HOH .  ? B HOH 2079 ? 1_555 84.6  ? 
43 O   ? H HOH .  ? B HOH 2067 ? 1_555 MG ? D MG . ? B MG 3002 ? 1_555 O   ? H HOH .  ? B HOH 2080 ? 1_555 87.0  ? 
44 O   ? H HOH .  ? B HOH 2077 ? 1_555 MG ? D MG . ? B MG 3002 ? 1_555 O   ? H HOH .  ? B HOH 2080 ? 1_555 94.0  ? 
45 O   ? H HOH .  ? B HOH 2078 ? 1_555 MG ? D MG . ? B MG 3002 ? 1_555 O   ? H HOH .  ? B HOH 2080 ? 1_555 168.9 ? 
46 O   ? H HOH .  ? B HOH 2079 ? 1_555 MG ? D MG . ? B MG 3002 ? 1_555 O   ? H HOH .  ? B HOH 2080 ? 1_555 89.8  ? 
47 O   ? H HOH .  ? B HOH 2067 ? 1_555 MG ? D MG . ? B MG 3002 ? 1_555 O   ? H HOH .  ? B HOH 2081 ? 1_555 169.0 ? 
48 O   ? H HOH .  ? B HOH 2077 ? 1_555 MG ? D MG . ? B MG 3002 ? 1_555 O   ? H HOH .  ? B HOH 2081 ? 1_555 101.5 ? 
49 O   ? H HOH .  ? B HOH 2078 ? 1_555 MG ? D MG . ? B MG 3002 ? 1_555 O   ? H HOH .  ? B HOH 2081 ? 1_555 96.8  ? 
50 O   ? H HOH .  ? B HOH 2079 ? 1_555 MG ? D MG . ? B MG 3002 ? 1_555 O   ? H HOH .  ? B HOH 2081 ? 1_555 82.9  ? 
51 O   ? H HOH .  ? B HOH 2080 ? 1_555 MG ? D MG . ? B MG 3002 ? 1_555 O   ? H HOH .  ? B HOH 2081 ? 1_555 91.9  ? 
# 
loop_
_pdbx_audit_revision_history.ordinal 
_pdbx_audit_revision_history.data_content_type 
_pdbx_audit_revision_history.major_revision 
_pdbx_audit_revision_history.minor_revision 
_pdbx_audit_revision_history.revision_date 
1 'Structure model' 1 0 2013-01-16 
2 'Structure model' 1 1 2019-01-30 
3 'Structure model' 1 2 2023-12-20 
# 
_pdbx_audit_revision_details.ordinal             1 
_pdbx_audit_revision_details.revision_ordinal    1 
_pdbx_audit_revision_details.data_content_type   'Structure model' 
_pdbx_audit_revision_details.provider            repository 
_pdbx_audit_revision_details.type                'Initial release' 
_pdbx_audit_revision_details.description         ? 
_pdbx_audit_revision_details.details             ? 
# 
loop_
_pdbx_audit_revision_group.ordinal 
_pdbx_audit_revision_group.revision_ordinal 
_pdbx_audit_revision_group.data_content_type 
_pdbx_audit_revision_group.group 
1 2 'Structure model' 'Data collection'          
2 2 'Structure model' 'Experimental preparation' 
3 2 'Structure model' Other                      
4 3 'Structure model' 'Data collection'          
5 3 'Structure model' 'Database references'      
6 3 'Structure model' 'Derived calculations'     
7 3 'Structure model' Other                      
8 3 'Structure model' 'Refinement description'   
# 
loop_
_pdbx_audit_revision_category.ordinal 
_pdbx_audit_revision_category.revision_ordinal 
_pdbx_audit_revision_category.data_content_type 
_pdbx_audit_revision_category.category 
1  2 'Structure model' database_PDB_rev              
2  2 'Structure model' database_PDB_rev_record       
3  2 'Structure model' exptl_crystal_grow            
4  2 'Structure model' pdbx_database_proc            
5  2 'Structure model' pdbx_database_status          
6  2 'Structure model' pdbx_seq_map_depositor_info   
7  2 'Structure model' struct_biol                   
8  3 'Structure model' chem_comp_atom                
9  3 'Structure model' chem_comp_bond                
10 3 'Structure model' database_2                    
11 3 'Structure model' pdbx_database_status          
12 3 'Structure model' pdbx_initial_refinement_model 
13 3 'Structure model' pdbx_struct_conn_angle        
14 3 'Structure model' struct_conn                   
15 3 'Structure model' struct_site                   
# 
loop_
_pdbx_audit_revision_item.ordinal 
_pdbx_audit_revision_item.revision_ordinal 
_pdbx_audit_revision_item.data_content_type 
_pdbx_audit_revision_item.item 
1  2 'Structure model' '_exptl_crystal_grow.method'                       
2  2 'Structure model' '_exptl_crystal_grow.temp'                         
3  2 'Structure model' '_pdbx_database_status.recvd_author_approval'      
4  2 'Structure model' '_pdbx_seq_map_depositor_info.one_letter_code_mod' 
5  3 'Structure model' '_database_2.pdbx_DOI'                             
6  3 'Structure model' '_database_2.pdbx_database_accession'              
7  3 'Structure model' '_pdbx_database_status.status_code_sf'             
8  3 'Structure model' '_pdbx_struct_conn_angle.ptnr1_auth_asym_id'       
9  3 'Structure model' '_pdbx_struct_conn_angle.ptnr1_auth_comp_id'       
10 3 'Structure model' '_pdbx_struct_conn_angle.ptnr1_auth_seq_id'        
11 3 'Structure model' '_pdbx_struct_conn_angle.ptnr1_label_asym_id'      
12 3 'Structure model' '_pdbx_struct_conn_angle.ptnr1_label_atom_id'      
13 3 'Structure model' '_pdbx_struct_conn_angle.ptnr1_label_comp_id'      
14 3 'Structure model' '_pdbx_struct_conn_angle.ptnr1_label_seq_id'       
15 3 'Structure model' '_pdbx_struct_conn_angle.ptnr1_symmetry'           
16 3 'Structure model' '_pdbx_struct_conn_angle.ptnr2_auth_seq_id'        
17 3 'Structure model' '_pdbx_struct_conn_angle.ptnr2_label_asym_id'      
18 3 'Structure model' '_pdbx_struct_conn_angle.ptnr3_auth_asym_id'       
19 3 'Structure model' '_pdbx_struct_conn_angle.ptnr3_auth_comp_id'       
20 3 'Structure model' '_pdbx_struct_conn_angle.ptnr3_auth_seq_id'        
21 3 'Structure model' '_pdbx_struct_conn_angle.ptnr3_label_asym_id'      
22 3 'Structure model' '_pdbx_struct_conn_angle.ptnr3_label_atom_id'      
23 3 'Structure model' '_pdbx_struct_conn_angle.ptnr3_label_comp_id'      
24 3 'Structure model' '_pdbx_struct_conn_angle.ptnr3_label_seq_id'       
25 3 'Structure model' '_pdbx_struct_conn_angle.ptnr3_symmetry'           
26 3 'Structure model' '_pdbx_struct_conn_angle.value'                    
27 3 'Structure model' '_struct_conn.pdbx_dist_value'                     
28 3 'Structure model' '_struct_conn.ptnr1_auth_asym_id'                  
29 3 'Structure model' '_struct_conn.ptnr1_auth_comp_id'                  
30 3 'Structure model' '_struct_conn.ptnr1_auth_seq_id'                   
31 3 'Structure model' '_struct_conn.ptnr1_label_asym_id'                 
32 3 'Structure model' '_struct_conn.ptnr1_label_atom_id'                 
33 3 'Structure model' '_struct_conn.ptnr1_label_comp_id'                 
34 3 'Structure model' '_struct_conn.ptnr1_label_seq_id'                  
35 3 'Structure model' '_struct_conn.ptnr1_symmetry'                      
36 3 'Structure model' '_struct_conn.ptnr2_auth_asym_id'                  
37 3 'Structure model' '_struct_conn.ptnr2_auth_comp_id'                  
38 3 'Structure model' '_struct_conn.ptnr2_auth_seq_id'                   
39 3 'Structure model' '_struct_conn.ptnr2_label_asym_id'                 
40 3 'Structure model' '_struct_conn.ptnr2_label_atom_id'                 
41 3 'Structure model' '_struct_conn.ptnr2_label_comp_id'                 
42 3 'Structure model' '_struct_conn.ptnr2_label_seq_id'                  
43 3 'Structure model' '_struct_conn.ptnr2_symmetry'                      
44 3 'Structure model' '_struct_site.pdbx_auth_asym_id'                   
45 3 'Structure model' '_struct_site.pdbx_auth_comp_id'                   
46 3 'Structure model' '_struct_site.pdbx_auth_seq_id'                    
# 
loop_
_software.name 
_software.classification 
_software.version 
_software.citation_id 
_software.pdbx_ordinal 
_software.date 
_software.type 
_software.location 
_software.language 
REFMAC refinement       5.5.0110 ? 1 ? ? ? ? 
MOSFLM 'data reduction' .        ? 2 ? ? ? ? 
SCALA  'data scaling'   .        ? 3 ? ? ? ? 
PHASER phasing          .        ? 4 ? ? ? ? 
# 
loop_
_pdbx_validate_close_contact.id 
_pdbx_validate_close_contact.PDB_model_num 
_pdbx_validate_close_contact.auth_atom_id_1 
_pdbx_validate_close_contact.auth_asym_id_1 
_pdbx_validate_close_contact.auth_comp_id_1 
_pdbx_validate_close_contact.auth_seq_id_1 
_pdbx_validate_close_contact.PDB_ins_code_1 
_pdbx_validate_close_contact.label_alt_id_1 
_pdbx_validate_close_contact.auth_atom_id_2 
_pdbx_validate_close_contact.auth_asym_id_2 
_pdbx_validate_close_contact.auth_comp_id_2 
_pdbx_validate_close_contact.auth_seq_id_2 
_pdbx_validate_close_contact.PDB_ins_code_2 
_pdbx_validate_close_contact.label_alt_id_2 
_pdbx_validate_close_contact.dist 
1 1 O   A HOH 2036 ? ? O A HOH 2091 ? ? 1.87 
2 1 O   A HOH 2036 ? ? O A HOH 2037 ? ? 2.13 
3 1 N23 B D98 1025 ? ? O B HOH 2075 ? ? 2.14 
# 
loop_
_pdbx_validate_rmsd_bond.id 
_pdbx_validate_rmsd_bond.PDB_model_num 
_pdbx_validate_rmsd_bond.auth_atom_id_1 
_pdbx_validate_rmsd_bond.auth_asym_id_1 
_pdbx_validate_rmsd_bond.auth_comp_id_1 
_pdbx_validate_rmsd_bond.auth_seq_id_1 
_pdbx_validate_rmsd_bond.PDB_ins_code_1 
_pdbx_validate_rmsd_bond.label_alt_id_1 
_pdbx_validate_rmsd_bond.auth_atom_id_2 
_pdbx_validate_rmsd_bond.auth_asym_id_2 
_pdbx_validate_rmsd_bond.auth_comp_id_2 
_pdbx_validate_rmsd_bond.auth_seq_id_2 
_pdbx_validate_rmsd_bond.PDB_ins_code_2 
_pdbx_validate_rmsd_bond.label_alt_id_2 
_pdbx_validate_rmsd_bond.bond_value 
_pdbx_validate_rmsd_bond.bond_target_value 
_pdbx_validate_rmsd_bond.bond_deviation 
_pdbx_validate_rmsd_bond.bond_standard_deviation 
_pdbx_validate_rmsd_bond.linker_flag 
1 1 "C4'" A DA 5  ? ? "C3'" A DA 5  ? ? 1.607 1.529 0.078  0.010 N 
2 1 "O3'" B DC 13 ? ? "C3'" B DC 13 ? ? 1.380 1.419 -0.039 0.006 N 
3 1 "O4'" B DG 14 ? ? "C1'" B DG 14 ? ? 1.507 1.420 0.087  0.011 N 
4 1 "O3'" B DG 14 ? ? "C3'" B DG 14 ? ? 1.357 1.419 -0.062 0.006 N 
5 1 N9    B DA 17 ? ? C4    B DA 17 ? ? 1.415 1.374 0.041  0.006 N 
6 1 "C3'" B DC 23 ? ? "C2'" B DC 23 ? ? 1.430 1.516 -0.086 0.008 N 
7 1 "O3'" B DC 23 ? ? "C3'" B DC 23 ? ? 1.379 1.419 -0.040 0.006 N 
# 
loop_
_pdbx_validate_rmsd_angle.id 
_pdbx_validate_rmsd_angle.PDB_model_num 
_pdbx_validate_rmsd_angle.auth_atom_id_1 
_pdbx_validate_rmsd_angle.auth_asym_id_1 
_pdbx_validate_rmsd_angle.auth_comp_id_1 
_pdbx_validate_rmsd_angle.auth_seq_id_1 
_pdbx_validate_rmsd_angle.PDB_ins_code_1 
_pdbx_validate_rmsd_angle.label_alt_id_1 
_pdbx_validate_rmsd_angle.auth_atom_id_2 
_pdbx_validate_rmsd_angle.auth_asym_id_2 
_pdbx_validate_rmsd_angle.auth_comp_id_2 
_pdbx_validate_rmsd_angle.auth_seq_id_2 
_pdbx_validate_rmsd_angle.PDB_ins_code_2 
_pdbx_validate_rmsd_angle.label_alt_id_2 
_pdbx_validate_rmsd_angle.auth_atom_id_3 
_pdbx_validate_rmsd_angle.auth_asym_id_3 
_pdbx_validate_rmsd_angle.auth_comp_id_3 
_pdbx_validate_rmsd_angle.auth_seq_id_3 
_pdbx_validate_rmsd_angle.PDB_ins_code_3 
_pdbx_validate_rmsd_angle.label_alt_id_3 
_pdbx_validate_rmsd_angle.angle_value 
_pdbx_validate_rmsd_angle.angle_target_value 
_pdbx_validate_rmsd_angle.angle_deviation 
_pdbx_validate_rmsd_angle.angle_standard_deviation 
_pdbx_validate_rmsd_angle.linker_flag 
1  1 "O4'" A DC 1  ? ? "C1'" A DC 1  ? ? N1    A DC 1  ? ? 103.26 108.00 -4.74 0.70 N 
2  1 C5    A DC 3  ? ? C6    A DC 3  ? ? N1    A DC 3  ? ? 124.22 121.00 3.22  0.50 N 
3  1 N7    A DA 4  ? ? C8    A DA 4  ? ? N9    A DA 4  ? ? 119.94 113.80 6.14  0.50 N 
4  1 C8    A DA 4  ? ? N9    A DA 4  ? ? C4    A DA 4  ? ? 102.13 105.80 -3.67 0.40 N 
5  1 "O4'" A DA 5  ? ? "C1'" A DA 5  ? ? N9    A DA 5  ? ? 101.82 108.00 -6.18 0.70 N 
6  1 C5    A DA 5  ? ? N7    A DA 5  ? ? C8    A DA 5  ? ? 100.25 103.90 -3.65 0.50 N 
7  1 N7    A DA 5  ? ? C8    A DA 5  ? ? N9    A DA 5  ? ? 118.89 113.80 5.09  0.50 N 
8  1 C8    A DA 5  ? ? N9    A DA 5  ? ? C4    A DA 5  ? ? 102.47 105.80 -3.33 0.40 N 
9  1 C4    A DA 6  ? ? C5    A DA 6  ? ? N7    A DA 6  ? ? 106.65 110.70 -4.05 0.50 N 
10 1 C5    A DA 6  ? ? N7    A DA 6  ? ? C8    A DA 6  ? ? 107.19 103.90 3.29  0.50 N 
11 1 "C1'" A DT 7  ? ? "O4'" A DT 7  ? ? "C4'" A DT 7  ? ? 103.95 110.10 -6.15 1.00 N 
12 1 "O4'" A DT 8  ? ? "C1'" A DT 8  ? ? N1    A DT 8  ? ? 102.91 108.00 -5.09 0.70 N 
13 1 OP1   A DT 9  ? ? P     A DT 9  ? ? OP2   A DT 9  ? ? 133.46 119.60 13.86 1.50 N 
14 1 "O5'" A DT 9  ? ? P     A DT 9  ? ? OP2   A DT 9  ? ? 95.84  105.70 -9.86 0.90 N 
15 1 C4    A DT 9  ? ? C5    A DT 9  ? ? C6    A DT 9  ? ? 113.77 118.00 -4.23 0.60 N 
16 1 C5    A DT 9  ? ? C6    A DT 9  ? ? N1    A DT 9  ? ? 127.40 123.70 3.70  0.60 N 
17 1 C5    A DG 10 ? ? N7    A DG 10 ? ? C8    A DG 10 ? ? 100.79 104.30 -3.51 0.50 N 
18 1 N3    A DC 11 ? ? C4    A DC 11 ? ? N4    A DC 11 ? ? 122.49 118.00 4.49  0.70 N 
19 1 N3    B DC 13 ? ? C4    B DC 13 ? ? C5    B DC 13 ? ? 125.39 121.90 3.49  0.40 N 
20 1 "O4'" B DG 14 ? ? "C4'" B DG 14 ? ? "C3'" B DG 14 ? ? 112.75 106.00 6.75  0.60 N 
21 1 "C1'" B DG 14 ? ? "O4'" B DG 14 ? ? "C4'" B DG 14 ? ? 102.18 110.10 -7.92 1.00 N 
22 1 "C3'" B DA 16 ? ? "O3'" B DA 16 ? ? P     B DA 17 ? ? 127.37 119.70 7.67  1.20 Y 
23 1 N9    B DA 17 ? ? C4    B DA 17 ? ? C5    B DA 17 ? ? 103.36 105.80 -2.44 0.40 N 
24 1 N3    B DT 19 ? ? C2    B DT 19 ? ? O2    B DT 19 ? ? 126.26 122.30 3.96  0.60 N 
25 1 C8    B DG 22 ? ? N9    B DG 22 ? ? C4    B DG 22 ? ? 103.48 106.40 -2.92 0.40 N 
26 1 N9    B DG 22 ? ? C4    B DG 22 ? ? C5    B DG 22 ? ? 108.18 105.40 2.78  0.40 N 
27 1 C6    B DC 23 ? ? N1    B DC 23 ? ? C2    B DC 23 ? ? 123.60 120.30 3.30  0.40 N 
28 1 C5    B DC 23 ? ? C6    B DC 23 ? ? N1    B DC 23 ? ? 117.99 121.00 -3.01 0.50 N 
# 
loop_
_pdbx_validate_planes.id 
_pdbx_validate_planes.PDB_model_num 
_pdbx_validate_planes.auth_comp_id 
_pdbx_validate_planes.auth_asym_id 
_pdbx_validate_planes.auth_seq_id 
_pdbx_validate_planes.PDB_ins_code 
_pdbx_validate_planes.label_alt_id 
_pdbx_validate_planes.rmsd 
_pdbx_validate_planes.type 
1 1 DC A 11 ? ? 0.064 'SIDE CHAIN' 
2 1 DC B 15 ? ? 0.073 'SIDE CHAIN' 
# 
loop_
_pdbx_distant_solvent_atoms.id 
_pdbx_distant_solvent_atoms.PDB_model_num 
_pdbx_distant_solvent_atoms.auth_atom_id 
_pdbx_distant_solvent_atoms.label_alt_id 
_pdbx_distant_solvent_atoms.auth_asym_id 
_pdbx_distant_solvent_atoms.auth_comp_id 
_pdbx_distant_solvent_atoms.auth_seq_id 
_pdbx_distant_solvent_atoms.PDB_ins_code 
_pdbx_distant_solvent_atoms.neighbor_macromolecule_distance 
_pdbx_distant_solvent_atoms.neighbor_ligand_distance 
1 1 O ? A HOH 2011 ? 6.38 . 
2 1 O ? A HOH 2025 ? 7.57 . 
3 1 O ? A HOH 2026 ? 6.27 . 
4 1 O ? B HOH 2016 ? 6.33 . 
5 1 O ? B HOH 2079 ? 5.81 . 
6 1 O ? B HOH 2081 ? 5.82 . 
# 
loop_
_chem_comp_atom.comp_id 
_chem_comp_atom.atom_id 
_chem_comp_atom.type_symbol 
_chem_comp_atom.pdbx_aromatic_flag 
_chem_comp_atom.pdbx_stereo_config 
_chem_comp_atom.pdbx_ordinal 
D98 C1     C  Y N 1   
D98 C2     C  Y N 2   
D98 C3     C  Y N 3   
D98 C4     C  Y N 4   
D98 C5     C  Y N 5   
D98 C6     C  Y N 6   
D98 C7     C  Y N 7   
D98 C8     C  Y N 8   
D98 C9     C  Y N 9   
D98 C10    C  Y N 10  
D98 C11    C  Y N 11  
D98 C12    C  Y N 12  
D98 C13    C  Y N 13  
D98 N14    N  Y N 14  
D98 C15    C  Y N 15  
D98 C16    C  Y N 16  
D98 N17    N  Y N 17  
D98 C18    C  Y N 18  
D98 C19    C  Y N 19  
D98 C20    C  Y N 20  
D98 C21    C  Y N 21  
D98 C22    C  N N 22  
D98 N24    N  N N 23  
D98 N23    N  N N 24  
D98 C25    C  N N 25  
D98 N26    N  N N 26  
D98 N27    N  N N 27  
D98 OAE    O  N N 28  
D98 H1     H  N N 29  
D98 HAE    H  N N 30  
D98 H4     H  N N 31  
D98 H5     H  N N 32  
D98 H8     H  N N 33  
D98 H12    H  N N 34  
D98 H9     H  N N 35  
D98 H11    H  N N 36  
D98 H14    H  N N 37  
D98 H19    H  N N 38  
D98 H18    H  N N 39  
D98 H20    H  N N 40  
D98 H23    H  N N 41  
D98 H241   H  N N 42  
D98 H242   H  N N 43  
D98 H26    H  N N 44  
D98 H271   H  N N 45  
D98 H272   H  N N 46  
DA  OP3    O  N N 47  
DA  P      P  N N 48  
DA  OP1    O  N N 49  
DA  OP2    O  N N 50  
DA  "O5'"  O  N N 51  
DA  "C5'"  C  N N 52  
DA  "C4'"  C  N R 53  
DA  "O4'"  O  N N 54  
DA  "C3'"  C  N S 55  
DA  "O3'"  O  N N 56  
DA  "C2'"  C  N N 57  
DA  "C1'"  C  N R 58  
DA  N9     N  Y N 59  
DA  C8     C  Y N 60  
DA  N7     N  Y N 61  
DA  C5     C  Y N 62  
DA  C6     C  Y N 63  
DA  N6     N  N N 64  
DA  N1     N  Y N 65  
DA  C2     C  Y N 66  
DA  N3     N  Y N 67  
DA  C4     C  Y N 68  
DA  HOP3   H  N N 69  
DA  HOP2   H  N N 70  
DA  "H5'"  H  N N 71  
DA  "H5''" H  N N 72  
DA  "H4'"  H  N N 73  
DA  "H3'"  H  N N 74  
DA  "HO3'" H  N N 75  
DA  "H2'"  H  N N 76  
DA  "H2''" H  N N 77  
DA  "H1'"  H  N N 78  
DA  H8     H  N N 79  
DA  H61    H  N N 80  
DA  H62    H  N N 81  
DA  H2     H  N N 82  
DC  OP3    O  N N 83  
DC  P      P  N N 84  
DC  OP1    O  N N 85  
DC  OP2    O  N N 86  
DC  "O5'"  O  N N 87  
DC  "C5'"  C  N N 88  
DC  "C4'"  C  N R 89  
DC  "O4'"  O  N N 90  
DC  "C3'"  C  N S 91  
DC  "O3'"  O  N N 92  
DC  "C2'"  C  N N 93  
DC  "C1'"  C  N R 94  
DC  N1     N  N N 95  
DC  C2     C  N N 96  
DC  O2     O  N N 97  
DC  N3     N  N N 98  
DC  C4     C  N N 99  
DC  N4     N  N N 100 
DC  C5     C  N N 101 
DC  C6     C  N N 102 
DC  HOP3   H  N N 103 
DC  HOP2   H  N N 104 
DC  "H5'"  H  N N 105 
DC  "H5''" H  N N 106 
DC  "H4'"  H  N N 107 
DC  "H3'"  H  N N 108 
DC  "HO3'" H  N N 109 
DC  "H2'"  H  N N 110 
DC  "H2''" H  N N 111 
DC  "H1'"  H  N N 112 
DC  H41    H  N N 113 
DC  H42    H  N N 114 
DC  H5     H  N N 115 
DC  H6     H  N N 116 
DG  OP3    O  N N 117 
DG  P      P  N N 118 
DG  OP1    O  N N 119 
DG  OP2    O  N N 120 
DG  "O5'"  O  N N 121 
DG  "C5'"  C  N N 122 
DG  "C4'"  C  N R 123 
DG  "O4'"  O  N N 124 
DG  "C3'"  C  N S 125 
DG  "O3'"  O  N N 126 
DG  "C2'"  C  N N 127 
DG  "C1'"  C  N R 128 
DG  N9     N  Y N 129 
DG  C8     C  Y N 130 
DG  N7     N  Y N 131 
DG  C5     C  Y N 132 
DG  C6     C  N N 133 
DG  O6     O  N N 134 
DG  N1     N  N N 135 
DG  C2     C  N N 136 
DG  N2     N  N N 137 
DG  N3     N  N N 138 
DG  C4     C  Y N 139 
DG  HOP3   H  N N 140 
DG  HOP2   H  N N 141 
DG  "H5'"  H  N N 142 
DG  "H5''" H  N N 143 
DG  "H4'"  H  N N 144 
DG  "H3'"  H  N N 145 
DG  "HO3'" H  N N 146 
DG  "H2'"  H  N N 147 
DG  "H2''" H  N N 148 
DG  "H1'"  H  N N 149 
DG  H8     H  N N 150 
DG  H1     H  N N 151 
DG  H21    H  N N 152 
DG  H22    H  N N 153 
DT  OP3    O  N N 154 
DT  P      P  N N 155 
DT  OP1    O  N N 156 
DT  OP2    O  N N 157 
DT  "O5'"  O  N N 158 
DT  "C5'"  C  N N 159 
DT  "C4'"  C  N R 160 
DT  "O4'"  O  N N 161 
DT  "C3'"  C  N S 162 
DT  "O3'"  O  N N 163 
DT  "C2'"  C  N N 164 
DT  "C1'"  C  N R 165 
DT  N1     N  N N 166 
DT  C2     C  N N 167 
DT  O2     O  N N 168 
DT  N3     N  N N 169 
DT  C4     C  N N 170 
DT  O4     O  N N 171 
DT  C5     C  N N 172 
DT  C7     C  N N 173 
DT  C6     C  N N 174 
DT  HOP3   H  N N 175 
DT  HOP2   H  N N 176 
DT  "H5'"  H  N N 177 
DT  "H5''" H  N N 178 
DT  "H4'"  H  N N 179 
DT  "H3'"  H  N N 180 
DT  "HO3'" H  N N 181 
DT  "H2'"  H  N N 182 
DT  "H2''" H  N N 183 
DT  "H1'"  H  N N 184 
DT  H3     H  N N 185 
DT  H71    H  N N 186 
DT  H72    H  N N 187 
DT  H73    H  N N 188 
DT  H6     H  N N 189 
HOH O      O  N N 190 
HOH H1     H  N N 191 
HOH H2     H  N N 192 
MG  MG     MG N N 193 
# 
loop_
_chem_comp_bond.comp_id 
_chem_comp_bond.atom_id_1 
_chem_comp_bond.atom_id_2 
_chem_comp_bond.value_order 
_chem_comp_bond.pdbx_aromatic_flag 
_chem_comp_bond.pdbx_stereo_config 
_chem_comp_bond.pdbx_ordinal 
D98 C1    C2     sing Y N 1   
D98 C1    C6     doub Y N 2   
D98 C2    C3     doub Y N 3   
D98 C2    OAE    sing N N 4   
D98 C3    C4     sing Y N 5   
D98 C3    C7     sing N N 6   
D98 C4    C5     doub Y N 7   
D98 C5    C6     sing Y N 8   
D98 C6    C25    sing N N 9   
D98 C7    C8     sing Y N 10  
D98 C7    C12    doub Y N 11  
D98 C8    C9     doub Y N 12  
D98 C9    C10    sing Y N 13  
D98 C10   C11    doub Y N 14  
D98 C10   C13    sing N N 15  
D98 C11   C12    sing Y N 16  
D98 C13   N14    sing Y N 17  
D98 C13   N17    doub Y N 18  
D98 N14   C15    sing Y N 19  
D98 C15   C16    sing Y N 20  
D98 C15   C19    doub Y N 21  
D98 C16   N17    sing Y N 22  
D98 C16   C18    doub Y N 23  
D98 C18   C21    sing Y N 24  
D98 C19   C20    sing Y N 25  
D98 C20   C21    doub Y N 26  
D98 C21   C22    sing N N 27  
D98 C22   N23    doub N N 28  
D98 C22   N24    sing N N 29  
D98 C25   N26    doub N N 30  
D98 C25   N27    sing N N 31  
D98 C1    H1     sing N N 32  
D98 OAE   HAE    sing N N 33  
D98 C4    H4     sing N N 34  
D98 C5    H5     sing N N 35  
D98 C8    H8     sing N N 36  
D98 C12   H12    sing N N 37  
D98 C9    H9     sing N N 38  
D98 C11   H11    sing N N 39  
D98 N14   H14    sing N N 40  
D98 C19   H19    sing N N 41  
D98 C18   H18    sing N N 42  
D98 C20   H20    sing N N 43  
D98 N23   H23    sing N N 44  
D98 N24   H241   sing N N 45  
D98 N24   H242   sing N N 46  
D98 N26   H26    sing N N 47  
D98 N27   H271   sing N N 48  
D98 N27   H272   sing N N 49  
DA  OP3   P      sing N N 50  
DA  OP3   HOP3   sing N N 51  
DA  P     OP1    doub N N 52  
DA  P     OP2    sing N N 53  
DA  P     "O5'"  sing N N 54  
DA  OP2   HOP2   sing N N 55  
DA  "O5'" "C5'"  sing N N 56  
DA  "C5'" "C4'"  sing N N 57  
DA  "C5'" "H5'"  sing N N 58  
DA  "C5'" "H5''" sing N N 59  
DA  "C4'" "O4'"  sing N N 60  
DA  "C4'" "C3'"  sing N N 61  
DA  "C4'" "H4'"  sing N N 62  
DA  "O4'" "C1'"  sing N N 63  
DA  "C3'" "O3'"  sing N N 64  
DA  "C3'" "C2'"  sing N N 65  
DA  "C3'" "H3'"  sing N N 66  
DA  "O3'" "HO3'" sing N N 67  
DA  "C2'" "C1'"  sing N N 68  
DA  "C2'" "H2'"  sing N N 69  
DA  "C2'" "H2''" sing N N 70  
DA  "C1'" N9     sing N N 71  
DA  "C1'" "H1'"  sing N N 72  
DA  N9    C8     sing Y N 73  
DA  N9    C4     sing Y N 74  
DA  C8    N7     doub Y N 75  
DA  C8    H8     sing N N 76  
DA  N7    C5     sing Y N 77  
DA  C5    C6     sing Y N 78  
DA  C5    C4     doub Y N 79  
DA  C6    N6     sing N N 80  
DA  C6    N1     doub Y N 81  
DA  N6    H61    sing N N 82  
DA  N6    H62    sing N N 83  
DA  N1    C2     sing Y N 84  
DA  C2    N3     doub Y N 85  
DA  C2    H2     sing N N 86  
DA  N3    C4     sing Y N 87  
DC  OP3   P      sing N N 88  
DC  OP3   HOP3   sing N N 89  
DC  P     OP1    doub N N 90  
DC  P     OP2    sing N N 91  
DC  P     "O5'"  sing N N 92  
DC  OP2   HOP2   sing N N 93  
DC  "O5'" "C5'"  sing N N 94  
DC  "C5'" "C4'"  sing N N 95  
DC  "C5'" "H5'"  sing N N 96  
DC  "C5'" "H5''" sing N N 97  
DC  "C4'" "O4'"  sing N N 98  
DC  "C4'" "C3'"  sing N N 99  
DC  "C4'" "H4'"  sing N N 100 
DC  "O4'" "C1'"  sing N N 101 
DC  "C3'" "O3'"  sing N N 102 
DC  "C3'" "C2'"  sing N N 103 
DC  "C3'" "H3'"  sing N N 104 
DC  "O3'" "HO3'" sing N N 105 
DC  "C2'" "C1'"  sing N N 106 
DC  "C2'" "H2'"  sing N N 107 
DC  "C2'" "H2''" sing N N 108 
DC  "C1'" N1     sing N N 109 
DC  "C1'" "H1'"  sing N N 110 
DC  N1    C2     sing N N 111 
DC  N1    C6     sing N N 112 
DC  C2    O2     doub N N 113 
DC  C2    N3     sing N N 114 
DC  N3    C4     doub N N 115 
DC  C4    N4     sing N N 116 
DC  C4    C5     sing N N 117 
DC  N4    H41    sing N N 118 
DC  N4    H42    sing N N 119 
DC  C5    C6     doub N N 120 
DC  C5    H5     sing N N 121 
DC  C6    H6     sing N N 122 
DG  OP3   P      sing N N 123 
DG  OP3   HOP3   sing N N 124 
DG  P     OP1    doub N N 125 
DG  P     OP2    sing N N 126 
DG  P     "O5'"  sing N N 127 
DG  OP2   HOP2   sing N N 128 
DG  "O5'" "C5'"  sing N N 129 
DG  "C5'" "C4'"  sing N N 130 
DG  "C5'" "H5'"  sing N N 131 
DG  "C5'" "H5''" sing N N 132 
DG  "C4'" "O4'"  sing N N 133 
DG  "C4'" "C3'"  sing N N 134 
DG  "C4'" "H4'"  sing N N 135 
DG  "O4'" "C1'"  sing N N 136 
DG  "C3'" "O3'"  sing N N 137 
DG  "C3'" "C2'"  sing N N 138 
DG  "C3'" "H3'"  sing N N 139 
DG  "O3'" "HO3'" sing N N 140 
DG  "C2'" "C1'"  sing N N 141 
DG  "C2'" "H2'"  sing N N 142 
DG  "C2'" "H2''" sing N N 143 
DG  "C1'" N9     sing N N 144 
DG  "C1'" "H1'"  sing N N 145 
DG  N9    C8     sing Y N 146 
DG  N9    C4     sing Y N 147 
DG  C8    N7     doub Y N 148 
DG  C8    H8     sing N N 149 
DG  N7    C5     sing Y N 150 
DG  C5    C6     sing N N 151 
DG  C5    C4     doub Y N 152 
DG  C6    O6     doub N N 153 
DG  C6    N1     sing N N 154 
DG  N1    C2     sing N N 155 
DG  N1    H1     sing N N 156 
DG  C2    N2     sing N N 157 
DG  C2    N3     doub N N 158 
DG  N2    H21    sing N N 159 
DG  N2    H22    sing N N 160 
DG  N3    C4     sing N N 161 
DT  OP3   P      sing N N 162 
DT  OP3   HOP3   sing N N 163 
DT  P     OP1    doub N N 164 
DT  P     OP2    sing N N 165 
DT  P     "O5'"  sing N N 166 
DT  OP2   HOP2   sing N N 167 
DT  "O5'" "C5'"  sing N N 168 
DT  "C5'" "C4'"  sing N N 169 
DT  "C5'" "H5'"  sing N N 170 
DT  "C5'" "H5''" sing N N 171 
DT  "C4'" "O4'"  sing N N 172 
DT  "C4'" "C3'"  sing N N 173 
DT  "C4'" "H4'"  sing N N 174 
DT  "O4'" "C1'"  sing N N 175 
DT  "C3'" "O3'"  sing N N 176 
DT  "C3'" "C2'"  sing N N 177 
DT  "C3'" "H3'"  sing N N 178 
DT  "O3'" "HO3'" sing N N 179 
DT  "C2'" "C1'"  sing N N 180 
DT  "C2'" "H2'"  sing N N 181 
DT  "C2'" "H2''" sing N N 182 
DT  "C1'" N1     sing N N 183 
DT  "C1'" "H1'"  sing N N 184 
DT  N1    C2     sing N N 185 
DT  N1    C6     sing N N 186 
DT  C2    O2     doub N N 187 
DT  C2    N3     sing N N 188 
DT  N3    C4     sing N N 189 
DT  N3    H3     sing N N 190 
DT  C4    O4     doub N N 191 
DT  C4    C5     sing N N 192 
DT  C5    C7     sing N N 193 
DT  C5    C6     doub N N 194 
DT  C7    H71    sing N N 195 
DT  C7    H72    sing N N 196 
DT  C7    H73    sing N N 197 
DT  C6    H6     sing N N 198 
HOH O     H1     sing N N 199 
HOH O     H2     sing N N 200 
# 
_ndb_struct_conf_na.entry_id   4AH0 
_ndb_struct_conf_na.feature    'b-form double helix' 
# 
loop_
_ndb_struct_na_base_pair.model_number 
_ndb_struct_na_base_pair.i_label_asym_id 
_ndb_struct_na_base_pair.i_label_comp_id 
_ndb_struct_na_base_pair.i_label_seq_id 
_ndb_struct_na_base_pair.i_symmetry 
_ndb_struct_na_base_pair.j_label_asym_id 
_ndb_struct_na_base_pair.j_label_comp_id 
_ndb_struct_na_base_pair.j_label_seq_id 
_ndb_struct_na_base_pair.j_symmetry 
_ndb_struct_na_base_pair.shear 
_ndb_struct_na_base_pair.stretch 
_ndb_struct_na_base_pair.stagger 
_ndb_struct_na_base_pair.buckle 
_ndb_struct_na_base_pair.propeller 
_ndb_struct_na_base_pair.opening 
_ndb_struct_na_base_pair.pair_number 
_ndb_struct_na_base_pair.pair_name 
_ndb_struct_na_base_pair.i_auth_asym_id 
_ndb_struct_na_base_pair.i_auth_seq_id 
_ndb_struct_na_base_pair.i_PDB_ins_code 
_ndb_struct_na_base_pair.j_auth_asym_id 
_ndb_struct_na_base_pair.j_auth_seq_id 
_ndb_struct_na_base_pair.j_PDB_ins_code 
_ndb_struct_na_base_pair.hbond_type_28 
_ndb_struct_na_base_pair.hbond_type_12 
1 A DC 1  1_555 B DG 12 1_555 0.243  -0.144 0.051  3.667  -18.468 1.136  1  A_DC1:DG24_B  A 1  ? B 24 ? 19 1 
1 A DG 2  1_555 B DC 11 1_555 -0.188 -0.145 0.247  1.820  -6.543  -1.935 2  A_DG2:DC23_B  A 2  ? B 23 ? 19 1 
1 A DC 3  1_555 B DG 10 1_555 0.201  -0.109 0.026  -1.174 -5.249  0.125  3  A_DC3:DG22_B  A 3  ? B 22 ? 19 1 
1 A DA 4  1_555 B DT 9  1_555 -0.120 -0.011 -0.226 11.020 -13.354 2.268  4  A_DA4:DT21_B  A 4  ? B 21 ? 20 1 
1 A DA 5  1_555 B DT 8  1_555 0.047  -0.049 -0.068 7.442  -18.306 3.446  5  A_DA5:DT20_B  A 5  ? B 20 ? 20 1 
1 A DA 6  1_555 B DT 7  1_555 0.078  -0.080 0.085  2.734  -20.028 7.926  6  A_DA6:DT19_B  A 6  ? B 19 ? 20 1 
1 A DT 7  1_555 B DA 6  1_555 -0.019 -0.102 0.041  -1.192 -21.969 6.482  7  A_DT7:DA18_B  A 7  ? B 18 ? 20 1 
1 A DT 8  1_555 B DA 5  1_555 -0.031 -0.130 0.018  -7.508 -17.145 4.286  8  A_DT8:DA17_B  A 8  ? B 17 ? 20 1 
1 A DT 9  1_555 B DA 4  1_555 -0.045 -0.064 -0.176 -9.873 -12.377 -2.273 9  A_DT9:DA16_B  A 9  ? B 16 ? 20 1 
1 A DG 10 1_555 B DC 3  1_555 -0.163 -0.119 0.083  10.311 -4.466  1.561  10 A_DG10:DC15_B A 10 ? B 15 ? 19 1 
1 A DC 11 1_555 B DG 2  1_555 0.040  -0.208 0.196  10.105 -25.038 -2.836 11 A_DC11:DG14_B A 11 ? B 14 ? 19 1 
1 A DG 12 1_555 B DC 1  1_555 -0.316 -0.105 -0.142 9.655  18.082  -2.016 12 A_DG12:DC13_B A 12 ? B 13 ? 19 1 
# 
loop_
_ndb_struct_na_base_pair_step.model_number 
_ndb_struct_na_base_pair_step.i_label_asym_id_1 
_ndb_struct_na_base_pair_step.i_label_comp_id_1 
_ndb_struct_na_base_pair_step.i_label_seq_id_1 
_ndb_struct_na_base_pair_step.i_symmetry_1 
_ndb_struct_na_base_pair_step.j_label_asym_id_1 
_ndb_struct_na_base_pair_step.j_label_comp_id_1 
_ndb_struct_na_base_pair_step.j_label_seq_id_1 
_ndb_struct_na_base_pair_step.j_symmetry_1 
_ndb_struct_na_base_pair_step.i_label_asym_id_2 
_ndb_struct_na_base_pair_step.i_label_comp_id_2 
_ndb_struct_na_base_pair_step.i_label_seq_id_2 
_ndb_struct_na_base_pair_step.i_symmetry_2 
_ndb_struct_na_base_pair_step.j_label_asym_id_2 
_ndb_struct_na_base_pair_step.j_label_comp_id_2 
_ndb_struct_na_base_pair_step.j_label_seq_id_2 
_ndb_struct_na_base_pair_step.j_symmetry_2 
_ndb_struct_na_base_pair_step.shift 
_ndb_struct_na_base_pair_step.slide 
_ndb_struct_na_base_pair_step.rise 
_ndb_struct_na_base_pair_step.tilt 
_ndb_struct_na_base_pair_step.roll 
_ndb_struct_na_base_pair_step.twist 
_ndb_struct_na_base_pair_step.x_displacement 
_ndb_struct_na_base_pair_step.y_displacement 
_ndb_struct_na_base_pair_step.helical_rise 
_ndb_struct_na_base_pair_step.inclination 
_ndb_struct_na_base_pair_step.tip 
_ndb_struct_na_base_pair_step.helical_twist 
_ndb_struct_na_base_pair_step.step_number 
_ndb_struct_na_base_pair_step.step_name 
_ndb_struct_na_base_pair_step.i_auth_asym_id_1 
_ndb_struct_na_base_pair_step.i_auth_seq_id_1 
_ndb_struct_na_base_pair_step.i_PDB_ins_code_1 
_ndb_struct_na_base_pair_step.j_auth_asym_id_1 
_ndb_struct_na_base_pair_step.j_auth_seq_id_1 
_ndb_struct_na_base_pair_step.j_PDB_ins_code_1 
_ndb_struct_na_base_pair_step.i_auth_asym_id_2 
_ndb_struct_na_base_pair_step.i_auth_seq_id_2 
_ndb_struct_na_base_pair_step.i_PDB_ins_code_2 
_ndb_struct_na_base_pair_step.j_auth_asym_id_2 
_ndb_struct_na_base_pair_step.j_auth_seq_id_2 
_ndb_struct_na_base_pair_step.j_PDB_ins_code_2 
1 A DC 1  1_555 B DG 12 1_555 A DG 2  1_555 B DC 11 1_555 -0.276 0.211  3.353 -0.874 5.919   35.368 -0.533 0.319  3.349 9.657   
1.426  35.854 1  AA_DC1DG2:DC23DG24_BB   A 1  ? B 24 ? A 2  ? B 23 ? 
1 A DG 2  1_555 B DC 11 1_555 A DC 3  1_555 B DG 10 1_555 0.801  0.513  3.420 2.538  -3.747  40.610 1.165  -0.856 3.403 -5.378  
-3.644 40.851 2  AA_DG2DC3:DG22DC23_BB   A 2  ? B 23 ? A 3  ? B 22 ? 
1 A DC 3  1_555 B DG 10 1_555 A DA 4  1_555 B DT 9  1_555 -0.409 0.672  3.158 4.543  7.346   28.269 -0.215 1.752  3.128 14.615  
-9.038 29.533 3  AA_DC3DA4:DT21DG22_BB   A 3  ? B 22 ? A 4  ? B 21 ? 
1 A DA 4  1_555 B DT 9  1_555 A DA 5  1_555 B DT 8  1_555 0.010  0.209  3.326 -1.146 2.113   37.775 0.045  -0.166 3.331 3.259   
1.769  37.848 4  AA_DA4DA5:DT20DT21_BB   A 4  ? B 21 ? A 5  ? B 20 ? 
1 A DA 5  1_555 B DT 8  1_555 A DA 6  1_555 B DT 7  1_555 0.475  -0.197 3.318 -1.801 4.007   36.221 -0.874 -1.010 3.252 6.416   
2.883  36.477 5  AA_DA5DA6:DT19DT20_BB   A 5  ? B 20 ? A 6  ? B 19 ? 
1 A DA 6  1_555 B DT 7  1_555 A DT 7  1_555 B DA 6  1_555 -0.218 -0.596 3.306 0.063  0.779   30.720 -1.278 0.423  3.290 1.470   
-0.119 30.729 6  AA_DA6DT7:DA18DT19_BB   A 6  ? B 19 ? A 7  ? B 18 ? 
1 A DT 7  1_555 B DA 6  1_555 A DT 8  1_555 B DA 5  1_555 -0.440 -0.195 3.339 0.763  2.884   35.776 -0.736 0.826  3.304 4.685   
-1.240 35.896 7  AA_DT7DT8:DA17DA18_BB   A 7  ? B 18 ? A 8  ? B 17 ? 
1 A DT 8  1_555 B DA 5  1_555 A DT 9  1_555 B DA 4  1_555 -0.177 0.219  3.297 2.338  -1.395  39.869 0.481  0.529  3.273 -2.043  
-3.424 39.958 8  AA_DT8DT9:DA16DA17_BB   A 8  ? B 17 ? A 9  ? B 16 ? 
1 A DT 9  1_555 B DA 4  1_555 A DG 10 1_555 B DC 3  1_555 0.670  1.173  2.972 -3.544 3.734   27.416 1.614  -2.167 2.993 7.792   
7.395  27.886 9  AA_DT9DG10:DC15DA16_BB  A 9  ? B 16 ? A 10 ? B 15 ? 
1 A DG 10 1_555 B DC 3  1_555 A DC 11 1_555 B DG 2  1_555 -1.104 0.647  3.360 -2.559 -10.915 43.810 1.835  1.206  3.176 -14.350 
3.365  45.153 10 AA_DG10DC11:DG14DC15_BB A 10 ? B 15 ? A 11 ? B 14 ? 
1 A DC 11 1_555 B DG 2  1_555 A DG 12 1_555 B DC 1  1_555 1.262  0.809  3.590 2.891  -9.436  36.234 2.595  -1.553 3.369 -14.836 
-4.546 37.510 11 AA_DC11DG12:DC13DG14_BB A 11 ? B 14 ? A 12 ? B 13 ? 
# 
loop_
_pdbx_entity_nonpoly.entity_id 
_pdbx_entity_nonpoly.name 
_pdbx_entity_nonpoly.comp_id 
2 'MAGNESIUM ION'                                                                   MG  
3 "2-(4'-CARBAMIMIDOYL-2'-HYDROXYBIPHENYL-4-YL)-1H-BENZIMIDAZOLE-5-CARBOXIMIDAMIDE" D98 
4 water                                                                             HOH 
# 
_pdbx_initial_refinement_model.id               1 
_pdbx_initial_refinement_model.entity_id_list   ? 
_pdbx_initial_refinement_model.type             'experimental model' 
_pdbx_initial_refinement_model.source_name      PDB 
_pdbx_initial_refinement_model.accession_code   1S2R 
_pdbx_initial_refinement_model.details          'PDB ENTRY 1S2R' 
# 
